data_6PXG
#
_entry.id   6PXG
#
_cell.length_a   40.640
_cell.length_b   207.140
_cell.length_c   103.360
_cell.angle_alpha   90.000
_cell.angle_beta   97.700
_cell.angle_gamma   90.000
#
_symmetry.space_group_name_H-M   'P 1 21 1'
#
loop_
_entity.id
_entity.type
_entity.pdbx_description
1 polymer 'G2 Fab Heavy Chain'
2 polymer 'G2 Fab Light chain'
3 water water
#
loop_
_entity_poly.entity_id
_entity_poly.type
_entity_poly.pdbx_seq_one_letter_code
_entity_poly.pdbx_strand_id
1 'polypeptide(L)'
;QVQLQQSGGELVKPGASVKLSCKTSGFTFSSSYISWLKQKPGQSLEWIAWIYAGTGGTEYNQKFTGKAQVTVDTSSSTAY
MQFSSLTTEDSAIYYCARGGSSFAMDYWGQGTSVTVSSASTTPPSVYPLAPGSAAQTNSMVTLGCLVKGYFPEPVTVTWN
SGSLSSGVHTFPAVLQSDLYTLSSSVTVPSSTWPSETVTCNVAHPASSTKVDKKIVPRDCGKGLEVLFQ
;
A,C,E,H
2 'polypeptide(L)'
;QLVLTQSPASLAVSLGQRATISCRASESVDNYGISFMNWFQQKPGQPPKLLIHTASNQGSGVPARFSGSGSGTDFSLNIH
PVEDDDTAMYFCQQSEEVPLTFGAGTKLEIKRTDAAPTVSIFPPSSEQLTSGGASVVCFLNNFYPKDINVKWKIDGSERQ
NGVLNSWTDQDSKDSTYSMSSTLTLTKDEYERHNSYTCEATHKTSTSPIVKSFNRNEC
;
B,D,F,L
#
# COMPACT_ATOMS: atom_id res chain seq x y z
N VAL A 2 42.54 -25.94 8.33
CA VAL A 2 43.00 -26.38 7.02
C VAL A 2 42.20 -25.68 5.95
N GLN A 3 42.88 -25.08 4.98
CA GLN A 3 42.16 -24.34 3.96
C GLN A 3 42.86 -24.49 2.62
N LEU A 4 42.07 -24.54 1.56
CA LEU A 4 42.58 -24.50 0.20
C LEU A 4 41.79 -23.44 -0.56
N GLN A 5 42.44 -22.35 -0.89
CA GLN A 5 41.78 -21.21 -1.53
C GLN A 5 42.12 -21.24 -3.01
N GLN A 6 41.10 -21.49 -3.83
CA GLN A 6 41.25 -21.61 -5.28
C GLN A 6 41.01 -20.26 -5.95
N SER A 7 41.57 -20.11 -7.15
CA SER A 7 41.50 -18.84 -7.85
C SER A 7 40.12 -18.65 -8.47
N GLY A 8 39.84 -17.43 -8.91
CA GLY A 8 38.51 -17.11 -9.38
C GLY A 8 38.18 -17.74 -10.71
N GLY A 9 36.87 -17.77 -11.02
CA GLY A 9 36.41 -18.39 -12.25
C GLY A 9 36.95 -17.71 -13.49
N GLU A 10 36.91 -18.43 -14.60
CA GLU A 10 37.48 -17.92 -15.83
C GLU A 10 36.58 -18.23 -17.01
N LEU A 11 36.43 -17.26 -17.92
CA LEU A 11 35.81 -17.43 -19.23
C LEU A 11 36.91 -17.24 -20.27
N VAL A 12 37.28 -18.31 -20.98
CA VAL A 12 38.31 -18.27 -22.01
C VAL A 12 37.73 -18.86 -23.30
N LYS A 13 38.37 -18.53 -24.38
CA LYS A 13 38.01 -18.97 -25.72
C LYS A 13 38.68 -20.30 -26.04
N PRO A 14 38.13 -21.07 -26.98
CA PRO A 14 38.75 -22.34 -27.34
C PRO A 14 40.17 -22.14 -27.82
N GLY A 15 41.02 -23.14 -27.56
CA GLY A 15 42.42 -23.07 -27.91
C GLY A 15 43.28 -22.32 -26.92
N ALA A 16 42.72 -21.85 -25.80
CA ALA A 16 43.46 -21.10 -24.82
C ALA A 16 43.98 -22.02 -23.71
N SER A 17 44.62 -21.40 -22.71
CA SER A 17 45.25 -22.06 -21.58
C SER A 17 44.94 -21.26 -20.33
N VAL A 18 44.57 -21.95 -19.24
CA VAL A 18 44.34 -21.31 -17.95
C VAL A 18 45.39 -21.82 -16.96
N LYS A 19 45.76 -20.94 -16.02
CA LYS A 19 46.59 -21.33 -14.88
C LYS A 19 45.73 -21.24 -13.62
N LEU A 20 45.32 -22.39 -13.09
CA LEU A 20 44.54 -22.45 -11.85
C LEU A 20 45.48 -22.55 -10.67
N SER A 21 45.14 -21.88 -9.57
CA SER A 21 45.99 -21.89 -8.39
C SER A 21 45.20 -22.28 -7.15
N CYS A 22 45.95 -22.75 -6.16
CA CYS A 22 45.38 -23.35 -4.97
C CYS A 22 46.30 -23.00 -3.81
N LYS A 23 45.95 -21.96 -3.07
CA LYS A 23 46.76 -21.51 -1.95
C LYS A 23 46.28 -22.23 -0.70
N THR A 24 47.19 -22.90 -0.01
CA THR A 24 46.83 -23.74 1.12
C THR A 24 47.46 -23.19 2.40
N SER A 25 46.86 -23.60 3.52
CA SER A 25 47.42 -23.30 4.83
C SER A 25 46.83 -24.29 5.82
N GLY A 26 47.46 -24.36 7.00
CA GLY A 26 46.94 -25.17 8.07
C GLY A 26 47.44 -26.59 8.11
N PHE A 27 48.41 -26.95 7.29
CA PHE A 27 49.00 -28.28 7.33
C PHE A 27 50.40 -28.19 6.74
N THR A 28 51.23 -29.17 7.06
CA THR A 28 52.57 -29.16 6.48
C THR A 28 52.47 -29.48 5.00
N PHE A 29 52.79 -28.49 4.18
CA PHE A 29 52.63 -28.61 2.73
C PHE A 29 53.65 -29.59 2.14
N SER A 30 54.91 -29.46 2.57
CA SER A 30 55.96 -30.38 2.20
C SER A 30 55.56 -31.82 2.25
N SER A 31 54.63 -32.18 3.12
CA SER A 31 54.42 -33.57 3.49
C SER A 31 53.21 -34.20 2.82
N SER A 32 52.43 -33.44 2.05
CA SER A 32 51.15 -33.88 1.56
C SER A 32 51.12 -33.96 0.03
N TYR A 33 50.12 -34.67 -0.47
CA TYR A 33 49.76 -34.74 -1.87
C TYR A 33 48.68 -33.71 -2.18
N ILE A 34 48.71 -33.15 -3.39
CA ILE A 34 47.68 -32.22 -3.85
C ILE A 34 47.14 -32.77 -5.18
N SER A 35 45.84 -33.02 -5.23
CA SER A 35 45.19 -33.53 -6.43
C SER A 35 44.38 -32.43 -7.10
N TRP A 36 44.25 -32.55 -8.42
CA TRP A 36 43.38 -31.70 -9.23
C TRP A 36 42.31 -32.58 -9.84
N LEU A 37 41.05 -32.11 -9.81
CA LEU A 37 39.92 -32.87 -10.31
C LEU A 37 39.01 -32.02 -11.17
N LYS A 38 38.26 -32.69 -12.05
CA LYS A 38 37.29 -32.07 -12.94
C LYS A 38 35.89 -32.63 -12.67
N GLN A 39 34.88 -31.75 -12.65
CA GLN A 39 33.49 -32.18 -12.48
C GLN A 39 32.58 -31.32 -13.32
N LYS A 40 31.93 -31.92 -14.27
CA LYS A 40 30.95 -31.26 -15.09
C LYS A 40 29.61 -31.21 -14.36
N PRO A 41 28.79 -30.19 -14.61
CA PRO A 41 27.50 -30.08 -13.93
C PRO A 41 26.71 -31.38 -14.03
N GLY A 42 26.23 -31.85 -12.88
CA GLY A 42 25.40 -33.04 -12.85
C GLY A 42 26.09 -34.36 -13.11
N GLN A 43 27.42 -34.37 -13.16
CA GLN A 43 28.20 -35.57 -13.42
C GLN A 43 29.06 -35.91 -12.19
N SER A 44 29.87 -36.96 -12.32
CA SER A 44 30.76 -37.35 -11.25
C SER A 44 32.12 -36.66 -11.43
N LEU A 45 33.08 -37.02 -10.59
CA LEU A 45 34.40 -36.41 -10.61
C LEU A 45 35.36 -37.26 -11.41
N GLU A 46 36.26 -36.61 -12.15
CA GLU A 46 37.38 -37.27 -12.82
C GLU A 46 38.67 -36.74 -12.19
N TRP A 47 39.51 -37.64 -11.70
CA TRP A 47 40.79 -37.24 -11.17
C TRP A 47 41.75 -36.97 -12.33
N ILE A 48 42.38 -35.79 -12.30
CA ILE A 48 43.25 -35.32 -13.38
C ILE A 48 44.70 -35.70 -13.07
N ALA A 49 45.18 -35.30 -11.90
CA ALA A 49 46.59 -35.44 -11.56
C ALA A 49 46.78 -35.15 -10.08
N TRP A 50 47.90 -35.62 -9.54
CA TRP A 50 48.33 -35.22 -8.21
C TRP A 50 49.81 -34.85 -8.28
N ILE A 51 50.26 -34.06 -7.31
CA ILE A 51 51.67 -33.76 -7.11
C ILE A 51 52.00 -33.99 -5.65
N TYR A 52 53.14 -34.62 -5.37
CA TYR A 52 53.63 -34.73 -4.00
C TYR A 52 54.53 -33.52 -3.71
N ALA A 53 54.08 -32.69 -2.76
CA ALA A 53 54.66 -31.37 -2.62
C ALA A 53 56.10 -31.41 -2.14
N GLY A 54 56.49 -32.45 -1.41
CA GLY A 54 57.86 -32.50 -0.90
C GLY A 54 58.91 -32.76 -1.96
N THR A 55 58.54 -33.47 -3.04
CA THR A 55 59.47 -33.74 -4.13
C THR A 55 59.09 -33.07 -5.44
N GLY A 56 57.85 -32.60 -5.57
CA GLY A 56 57.39 -32.07 -6.83
C GLY A 56 57.10 -33.11 -7.90
N GLY A 57 57.12 -34.40 -7.54
CA GLY A 57 56.79 -35.42 -8.52
C GLY A 57 55.29 -35.50 -8.76
N THR A 58 54.92 -35.85 -9.98
CA THR A 58 53.55 -35.84 -10.45
C THR A 58 53.16 -37.21 -11.00
N GLU A 59 51.86 -37.48 -10.93
CA GLU A 59 51.23 -38.62 -11.58
C GLU A 59 49.99 -38.12 -12.30
N TYR A 60 49.82 -38.50 -13.56
CA TYR A 60 48.78 -37.95 -14.40
C TYR A 60 47.82 -39.04 -14.85
N ASN A 61 46.56 -38.69 -14.92
CA ASN A 61 45.56 -39.51 -15.59
C ASN A 61 45.79 -39.42 -17.09
N GLN A 62 46.03 -40.59 -17.72
CA GLN A 62 46.30 -40.66 -19.15
C GLN A 62 45.23 -39.98 -19.99
N LYS A 63 43.99 -39.94 -19.51
CA LYS A 63 42.88 -39.34 -20.25
C LYS A 63 43.09 -37.84 -20.50
N PHE A 64 43.98 -37.19 -19.74
CA PHE A 64 44.26 -35.77 -19.91
C PHE A 64 45.72 -35.45 -20.18
N THR A 65 46.61 -36.45 -20.23
CA THR A 65 48.03 -36.15 -20.30
C THR A 65 48.34 -35.33 -21.56
N GLY A 66 49.22 -34.35 -21.38
CA GLY A 66 49.45 -33.32 -22.38
C GLY A 66 48.80 -32.02 -21.96
N LYS A 67 47.49 -32.09 -21.66
CA LYS A 67 46.75 -30.89 -21.35
C LYS A 67 47.11 -30.32 -19.99
N ALA A 68 47.49 -31.16 -19.03
CA ALA A 68 47.67 -30.70 -17.66
C ALA A 68 49.15 -30.66 -17.30
N GLN A 69 49.54 -29.63 -16.57
CA GLN A 69 50.86 -29.56 -15.97
C GLN A 69 50.70 -29.04 -14.55
N VAL A 70 51.16 -29.82 -13.57
CA VAL A 70 50.94 -29.50 -12.17
C VAL A 70 52.27 -29.18 -11.52
N THR A 71 52.32 -28.08 -10.78
CA THR A 71 53.51 -27.71 -10.04
C THR A 71 53.10 -27.16 -8.68
N VAL A 72 54.11 -27.03 -7.81
CA VAL A 72 53.94 -26.37 -6.52
C VAL A 72 55.04 -25.33 -6.38
N ASP A 73 54.73 -24.27 -5.66
CA ASP A 73 55.71 -23.31 -5.17
C ASP A 73 55.77 -23.49 -3.67
N THR A 74 56.85 -24.15 -3.23
CA THR A 74 56.94 -24.57 -1.84
C THR A 74 57.03 -23.39 -0.89
N SER A 75 57.56 -22.26 -1.35
CA SER A 75 57.72 -21.12 -0.45
C SER A 75 56.36 -20.58 0.01
N SER A 76 55.31 -20.70 -0.82
CA SER A 76 54.03 -20.06 -0.52
C SER A 76 52.89 -21.06 -0.33
N SER A 77 53.18 -22.36 -0.19
CA SER A 77 52.16 -23.38 0.08
C SER A 77 51.07 -23.38 -0.99
N THR A 78 51.47 -23.17 -2.24
CA THR A 78 50.54 -23.03 -3.35
C THR A 78 50.79 -24.10 -4.40
N ALA A 79 49.72 -24.74 -4.86
CA ALA A 79 49.75 -25.65 -5.99
C ALA A 79 49.13 -24.99 -7.21
N TYR A 80 49.63 -25.36 -8.40
CA TYR A 80 49.16 -24.80 -9.65
C TYR A 80 48.75 -25.91 -10.61
N MET A 81 47.79 -25.61 -11.48
CA MET A 81 47.56 -26.44 -12.65
C MET A 81 47.44 -25.54 -13.86
N GLN A 82 48.23 -25.83 -14.89
CA GLN A 82 48.09 -25.22 -16.20
C GLN A 82 47.37 -26.21 -17.09
N PHE A 83 46.31 -25.76 -17.72
CA PHE A 83 45.42 -26.64 -18.47
C PHE A 83 45.30 -26.00 -19.84
N SER A 84 45.86 -26.68 -20.86
CA SER A 84 46.07 -26.09 -22.17
C SER A 84 45.24 -26.83 -23.22
N SER A 85 45.33 -26.35 -24.48
CA SER A 85 44.47 -26.78 -25.59
C SER A 85 43.00 -26.92 -25.16
N LEU A 86 42.48 -25.86 -24.54
CA LEU A 86 41.13 -25.95 -23.98
C LEU A 86 40.08 -25.99 -25.08
N THR A 87 39.12 -26.89 -24.92
CA THR A 87 37.95 -27.01 -25.78
C THR A 87 36.70 -26.76 -24.97
N THR A 88 35.57 -26.63 -25.66
CA THR A 88 34.30 -26.42 -24.98
C THR A 88 34.01 -27.52 -23.98
N GLU A 89 34.45 -28.75 -24.27
CA GLU A 89 34.21 -29.87 -23.38
C GLU A 89 35.03 -29.82 -22.11
N ASP A 90 35.98 -28.90 -22.00
CA ASP A 90 36.65 -28.70 -20.73
C ASP A 90 35.94 -27.67 -19.84
N SER A 91 34.83 -27.10 -20.30
CA SER A 91 33.98 -26.29 -19.44
C SER A 91 33.47 -27.13 -18.28
N ALA A 92 33.77 -26.71 -17.05
CA ALA A 92 33.54 -27.53 -15.87
C ALA A 92 34.02 -26.80 -14.63
N ILE A 93 33.78 -27.37 -13.46
CA ILE A 93 34.38 -26.90 -12.21
C ILE A 93 35.64 -27.71 -11.95
N TYR A 94 36.75 -27.03 -11.64
CA TYR A 94 38.00 -27.70 -11.32
C TYR A 94 38.26 -27.57 -9.82
N TYR A 95 38.65 -28.68 -9.18
CA TYR A 95 38.89 -28.71 -7.75
C TYR A 95 40.35 -29.05 -7.48
N CYS A 96 40.95 -28.43 -6.47
CA CYS A 96 42.14 -29.02 -5.86
C CYS A 96 41.70 -29.60 -4.53
N ALA A 97 42.38 -30.67 -4.11
CA ALA A 97 42.07 -31.40 -2.89
C ALA A 97 43.37 -31.87 -2.27
N ARG A 98 43.41 -31.93 -0.93
CA ARG A 98 44.59 -32.46 -0.26
C ARG A 98 44.46 -33.97 -0.14
N GLY A 99 45.32 -34.69 -0.82
CA GLY A 99 45.17 -36.12 -0.93
C GLY A 99 45.65 -36.61 -2.27
N GLY A 100 45.80 -37.93 -2.36
CA GLY A 100 46.52 -38.57 -3.44
C GLY A 100 47.27 -39.78 -2.92
N SER A 101 47.76 -40.57 -3.86
CA SER A 101 48.30 -41.89 -3.53
C SER A 101 47.27 -42.64 -2.68
N SER A 102 47.74 -43.33 -1.65
CA SER A 102 46.84 -44.10 -0.78
C SER A 102 46.00 -43.22 0.13
N PHE A 103 46.25 -41.91 0.13
CA PHE A 103 45.68 -41.00 1.12
C PHE A 103 44.38 -40.44 0.59
N ALA A 104 43.30 -40.65 1.33
CA ALA A 104 42.03 -40.09 0.91
C ALA A 104 42.09 -38.56 0.89
N MET A 105 41.29 -37.98 0.01
CA MET A 105 41.25 -36.54 -0.19
C MET A 105 40.34 -35.93 0.87
N ASP A 106 40.95 -35.45 1.96
CA ASP A 106 40.14 -35.08 3.12
C ASP A 106 39.79 -33.59 3.16
N TYR A 107 40.52 -32.74 2.43
CA TYR A 107 40.20 -31.31 2.40
C TYR A 107 40.18 -30.84 0.96
N TRP A 108 39.21 -29.98 0.64
CA TRP A 108 38.92 -29.60 -0.73
C TRP A 108 38.88 -28.09 -0.88
N GLY A 109 39.27 -27.64 -2.04
CA GLY A 109 39.07 -26.26 -2.40
C GLY A 109 37.62 -26.03 -2.75
N GLN A 110 37.28 -24.76 -2.94
CA GLN A 110 35.91 -24.36 -3.22
C GLN A 110 35.54 -24.53 -4.68
N GLY A 111 36.50 -24.94 -5.53
CA GLY A 111 36.25 -25.13 -6.95
C GLY A 111 36.50 -23.88 -7.78
N THR A 112 37.15 -24.02 -8.94
CA THR A 112 37.27 -22.93 -9.92
C THR A 112 36.45 -23.27 -11.16
N SER A 113 35.52 -22.40 -11.52
CA SER A 113 34.65 -22.63 -12.68
C SER A 113 35.26 -22.06 -13.96
N VAL A 114 35.77 -22.94 -14.82
CA VAL A 114 36.27 -22.58 -16.15
C VAL A 114 35.16 -22.78 -17.17
N THR A 115 34.87 -21.74 -17.94
CA THR A 115 33.97 -21.81 -19.08
C THR A 115 34.77 -21.57 -20.36
N VAL A 116 34.69 -22.51 -21.30
CA VAL A 116 35.42 -22.41 -22.56
C VAL A 116 34.39 -22.24 -23.66
N SER A 117 34.32 -21.03 -24.24
CA SER A 117 33.25 -20.75 -25.19
C SER A 117 33.73 -19.75 -26.22
N SER A 118 33.20 -19.88 -27.44
CA SER A 118 33.37 -18.84 -28.44
C SER A 118 32.43 -17.65 -28.23
N ALA A 119 31.39 -17.82 -27.44
CA ALA A 119 30.35 -16.80 -27.36
C ALA A 119 30.82 -15.55 -26.63
N SER A 120 30.24 -14.42 -26.99
CA SER A 120 30.60 -13.13 -26.43
C SER A 120 29.74 -12.81 -25.21
N THR A 121 30.29 -12.01 -24.29
CA THR A 121 29.57 -11.57 -23.11
C THR A 121 28.33 -10.77 -23.53
N THR A 122 27.17 -11.10 -22.97
CA THR A 122 25.96 -10.52 -23.47
C THR A 122 25.12 -10.24 -22.23
N PRO A 123 24.60 -9.03 -22.05
CA PRO A 123 23.83 -8.72 -20.83
C PRO A 123 22.40 -9.26 -20.94
N PRO A 124 21.73 -9.45 -19.82
CA PRO A 124 20.40 -10.07 -19.85
C PRO A 124 19.27 -9.09 -20.11
N SER A 125 18.21 -9.59 -20.75
CA SER A 125 16.93 -8.89 -20.81
C SER A 125 16.08 -9.39 -19.66
N VAL A 126 15.41 -8.48 -18.95
CA VAL A 126 14.65 -8.86 -17.75
C VAL A 126 13.19 -8.48 -17.95
N TYR A 127 12.30 -9.46 -17.72
CA TYR A 127 10.89 -9.31 -18.01
C TYR A 127 10.05 -9.60 -16.77
N PRO A 128 9.06 -8.78 -16.46
CA PRO A 128 8.22 -9.03 -15.29
C PRO A 128 7.18 -10.10 -15.58
N LEU A 129 6.91 -10.93 -14.59
CA LEU A 129 5.83 -11.92 -14.71
C LEU A 129 4.74 -11.55 -13.69
N ALA A 130 3.68 -10.90 -14.16
CA ALA A 130 2.59 -10.54 -13.28
C ALA A 130 1.36 -11.36 -13.61
N PRO A 131 0.51 -11.70 -12.62
CA PRO A 131 -0.79 -12.34 -12.79
C PRO A 131 -1.88 -11.31 -13.17
N SER A 139 -5.46 -15.69 0.31
CA SER A 139 -5.03 -16.10 -1.01
C SER A 139 -3.56 -15.77 -1.21
N MET A 140 -2.81 -16.69 -1.83
CA MET A 140 -1.41 -16.46 -2.19
C MET A 140 -1.34 -16.10 -3.66
N VAL A 141 -0.48 -15.17 -3.99
CA VAL A 141 -0.26 -14.80 -5.38
C VAL A 141 1.20 -15.08 -5.74
N THR A 142 1.40 -15.68 -6.92
CA THR A 142 2.75 -15.94 -7.41
C THR A 142 3.11 -14.87 -8.43
N LEU A 143 4.29 -14.25 -8.25
CA LEU A 143 4.89 -13.28 -9.17
C LEU A 143 6.18 -13.87 -9.72
N GLY A 144 6.71 -13.24 -10.76
CA GLY A 144 7.93 -13.83 -11.28
C GLY A 144 8.79 -12.86 -12.07
N CYS A 145 9.93 -13.39 -12.48
CA CYS A 145 10.94 -12.67 -13.21
C CYS A 145 11.57 -13.63 -14.21
N LEU A 146 11.63 -13.21 -15.46
CA LEU A 146 12.22 -13.98 -16.55
C LEU A 146 13.46 -13.21 -17.01
N VAL A 147 14.60 -13.90 -17.00
CA VAL A 147 15.91 -13.33 -17.32
C VAL A 147 16.43 -14.10 -18.51
N LYS A 148 16.52 -13.43 -19.67
CA LYS A 148 16.74 -14.11 -20.93
C LYS A 148 17.93 -13.54 -21.69
N GLY A 149 18.66 -14.41 -22.40
CA GLY A 149 19.57 -13.96 -23.43
C GLY A 149 20.94 -13.49 -22.97
N TYR A 150 21.46 -14.01 -21.87
CA TYR A 150 22.73 -13.52 -21.34
C TYR A 150 23.83 -14.57 -21.44
N PHE A 151 25.07 -14.11 -21.21
CA PHE A 151 26.25 -14.97 -21.28
C PHE A 151 27.44 -14.19 -20.73
N PRO A 152 28.30 -14.79 -19.89
CA PRO A 152 28.23 -16.16 -19.39
C PRO A 152 27.38 -16.20 -18.16
N GLU A 153 27.30 -17.38 -17.58
CA GLU A 153 26.80 -17.50 -16.21
C GLU A 153 27.83 -16.89 -15.25
N PRO A 154 27.40 -16.44 -14.05
CA PRO A 154 26.03 -16.48 -13.49
C PRO A 154 25.26 -15.17 -13.61
N VAL A 155 23.92 -15.19 -13.60
CA VAL A 155 23.16 -14.06 -13.09
C VAL A 155 22.61 -14.49 -11.74
N THR A 156 22.42 -13.53 -10.85
CA THR A 156 21.72 -13.80 -9.61
C THR A 156 20.43 -13.00 -9.61
N VAL A 157 19.46 -13.49 -8.86
CA VAL A 157 18.17 -12.84 -8.72
C VAL A 157 17.91 -12.76 -7.23
N THR A 158 17.45 -11.58 -6.77
CA THR A 158 16.89 -11.43 -5.44
C THR A 158 15.54 -10.71 -5.58
N TRP A 159 14.74 -10.76 -4.52
CA TRP A 159 13.50 -9.99 -4.45
C TRP A 159 13.61 -8.99 -3.32
N ASN A 160 13.21 -7.74 -3.60
CA ASN A 160 13.24 -6.66 -2.59
C ASN A 160 14.62 -6.55 -1.94
N SER A 161 15.63 -6.64 -2.78
CA SER A 161 17.01 -6.37 -2.38
C SER A 161 17.51 -7.45 -1.43
N GLY A 162 16.93 -8.66 -1.55
CA GLY A 162 17.32 -9.77 -0.73
C GLY A 162 16.54 -9.89 0.57
N SER A 163 15.68 -8.93 0.88
CA SER A 163 14.88 -9.03 2.08
C SER A 163 13.68 -9.94 1.90
N LEU A 164 13.26 -10.22 0.67
CA LEU A 164 12.13 -11.10 0.42
C LEU A 164 12.70 -12.45 0.02
N SER A 165 12.63 -13.40 0.94
CA SER A 165 13.35 -14.64 0.85
C SER A 165 12.47 -15.88 0.89
N SER A 166 11.43 -15.87 1.73
CA SER A 166 10.56 -17.03 1.82
C SER A 166 9.63 -17.05 0.60
N GLY A 167 9.31 -18.26 0.13
CA GLY A 167 8.44 -18.41 -1.02
C GLY A 167 9.10 -18.16 -2.35
N VAL A 168 10.43 -18.07 -2.39
CA VAL A 168 11.20 -17.79 -3.58
C VAL A 168 11.69 -19.09 -4.19
N HIS A 169 11.56 -19.24 -5.51
CA HIS A 169 12.24 -20.31 -6.22
C HIS A 169 13.01 -19.71 -7.38
N THR A 170 14.34 -19.88 -7.37
CA THR A 170 15.17 -19.45 -8.48
C THR A 170 15.71 -20.68 -9.18
N PHE A 171 15.41 -20.80 -10.47
CA PHE A 171 15.63 -22.02 -11.20
C PHE A 171 17.00 -22.00 -11.89
N PRO A 172 17.67 -23.15 -12.04
CA PRO A 172 18.96 -23.17 -12.73
C PRO A 172 18.80 -22.70 -14.16
N ALA A 173 19.81 -21.99 -14.63
CA ALA A 173 19.82 -21.46 -16.00
C ALA A 173 19.99 -22.60 -16.98
N VAL A 174 19.28 -22.52 -18.10
CA VAL A 174 19.49 -23.43 -19.21
C VAL A 174 20.05 -22.70 -20.43
N LEU A 175 21.00 -23.34 -21.09
CA LEU A 175 21.64 -22.81 -22.29
C LEU A 175 20.91 -23.28 -23.53
N GLN A 176 20.36 -22.34 -24.28
CA GLN A 176 19.87 -22.57 -25.63
C GLN A 176 20.46 -21.50 -26.56
N SER A 177 20.81 -21.90 -27.78
CA SER A 177 21.26 -20.95 -28.81
C SER A 177 22.42 -20.10 -28.32
N ASP A 178 23.30 -20.68 -27.49
CA ASP A 178 24.45 -20.03 -26.85
C ASP A 178 24.09 -18.84 -25.95
N LEU A 179 22.86 -18.74 -25.50
CA LEU A 179 22.50 -17.73 -24.52
C LEU A 179 21.70 -18.40 -23.41
N TYR A 180 21.86 -17.89 -22.20
CA TYR A 180 21.21 -18.49 -21.05
C TYR A 180 19.86 -17.84 -20.79
N THR A 181 18.96 -18.61 -20.17
CA THR A 181 17.67 -18.13 -19.70
C THR A 181 17.46 -18.72 -18.31
N LEU A 182 16.98 -17.91 -17.38
CA LEU A 182 16.54 -18.45 -16.10
C LEU A 182 15.30 -17.69 -15.67
N SER A 183 14.61 -18.24 -14.67
CA SER A 183 13.42 -17.59 -14.15
C SER A 183 13.46 -17.73 -12.63
N SER A 184 12.69 -16.86 -11.99
CA SER A 184 12.53 -16.90 -10.54
C SER A 184 11.08 -16.57 -10.22
N SER A 185 10.50 -17.31 -9.28
CA SER A 185 9.16 -17.02 -8.82
C SER A 185 9.21 -16.64 -7.34
N VAL A 186 8.22 -15.84 -6.92
CA VAL A 186 8.02 -15.57 -5.50
C VAL A 186 6.51 -15.56 -5.21
N THR A 187 6.11 -16.18 -4.09
CA THR A 187 4.70 -16.31 -3.70
C THR A 187 4.50 -15.51 -2.43
N VAL A 188 3.56 -14.57 -2.46
CA VAL A 188 3.34 -13.71 -1.29
C VAL A 188 1.84 -13.70 -0.98
N PRO A 189 1.46 -13.38 0.26
CA PRO A 189 0.03 -13.18 0.54
C PRO A 189 -0.57 -12.10 -0.36
N SER A 190 -1.82 -12.33 -0.79
CA SER A 190 -2.51 -11.45 -1.73
C SER A 190 -2.88 -10.12 -1.09
N SER A 191 -3.10 -10.11 0.22
CA SER A 191 -3.22 -8.85 0.94
C SER A 191 -1.94 -8.02 0.88
N THR A 192 -0.80 -8.63 0.61
CA THR A 192 0.45 -7.88 0.66
C THR A 192 0.85 -7.25 -0.68
N TRP A 193 0.26 -7.66 -1.80
CA TRP A 193 0.63 -7.19 -3.13
C TRP A 193 -0.65 -7.05 -3.94
N PRO A 194 -0.85 -5.93 -4.66
CA PRO A 194 0.12 -4.87 -4.93
C PRO A 194 0.22 -3.79 -3.85
N SER A 195 -0.46 -3.93 -2.71
CA SER A 195 -0.37 -2.86 -1.72
C SER A 195 1.08 -2.61 -1.29
N GLU A 196 1.94 -3.63 -1.35
CA GLU A 196 3.34 -3.46 -0.98
C GLU A 196 4.20 -3.85 -2.15
N THR A 197 5.31 -3.15 -2.31
CA THR A 197 6.13 -3.32 -3.50
C THR A 197 6.81 -4.69 -3.54
N VAL A 198 6.81 -5.32 -4.72
CA VAL A 198 7.63 -6.49 -4.98
C VAL A 198 8.47 -6.20 -6.21
N THR A 199 9.79 -6.35 -6.08
CA THR A 199 10.77 -5.98 -7.10
C THR A 199 11.76 -7.12 -7.31
N CYS A 200 12.04 -7.44 -8.55
CA CYS A 200 13.07 -8.39 -8.95
C CYS A 200 14.40 -7.66 -9.15
N ASN A 201 15.46 -8.07 -8.46
CA ASN A 201 16.79 -7.48 -8.61
C ASN A 201 17.73 -8.48 -9.31
N VAL A 202 18.17 -8.16 -10.50
CA VAL A 202 18.96 -9.06 -11.33
C VAL A 202 20.35 -8.50 -11.46
N ALA A 203 21.37 -9.34 -11.26
CA ALA A 203 22.73 -8.90 -11.40
C ALA A 203 23.48 -9.84 -12.33
N HIS A 204 24.24 -9.26 -13.24
CA HIS A 204 25.08 -9.99 -14.17
C HIS A 204 26.48 -9.36 -14.10
N PRO A 205 27.34 -9.85 -13.19
CA PRO A 205 28.68 -9.24 -13.04
C PRO A 205 29.48 -9.21 -14.33
N ALA A 206 29.45 -10.29 -15.12
CA ALA A 206 30.28 -10.33 -16.32
C ALA A 206 30.03 -9.12 -17.20
N SER A 207 28.80 -8.63 -17.28
CA SER A 207 28.52 -7.45 -18.09
C SER A 207 28.35 -6.20 -17.26
N SER A 208 28.67 -6.26 -15.96
CA SER A 208 28.55 -5.10 -15.10
C SER A 208 27.14 -4.49 -15.16
N THR A 209 26.12 -5.35 -15.11
CA THR A 209 24.73 -4.93 -15.23
C THR A 209 23.98 -5.20 -13.94
N LYS A 210 23.17 -4.23 -13.50
CA LYS A 210 22.18 -4.45 -12.45
C LYS A 210 20.85 -3.92 -12.95
N VAL A 211 19.79 -4.71 -12.78
CA VAL A 211 18.46 -4.39 -13.30
C VAL A 211 17.44 -4.61 -12.17
N ASP A 212 16.59 -3.61 -11.91
CA ASP A 212 15.49 -3.76 -10.95
C ASP A 212 14.19 -3.61 -11.70
N LYS A 213 13.33 -4.62 -11.59
CA LYS A 213 12.03 -4.64 -12.25
C LYS A 213 10.98 -4.72 -11.16
N LYS A 214 10.19 -3.65 -11.01
CA LYS A 214 9.02 -3.66 -10.15
C LYS A 214 7.89 -4.43 -10.82
N ILE A 215 7.25 -5.33 -10.08
CA ILE A 215 6.16 -6.10 -10.63
C ILE A 215 4.87 -5.34 -10.34
N VAL A 216 4.15 -4.97 -11.39
CA VAL A 216 2.94 -4.18 -11.26
C VAL A 216 1.83 -4.95 -11.96
N PRO A 217 0.57 -4.82 -11.54
CA PRO A 217 -0.49 -5.65 -12.13
C PRO A 217 -0.76 -5.28 -13.59
N ARG A 218 -1.10 -6.29 -14.39
CA ARG A 218 -1.15 -6.19 -15.86
C ARG A 218 -2.07 -5.09 -16.38
N GLN B 1 41.75 -49.07 -16.40
CA GLN B 1 41.17 -48.15 -15.43
C GLN B 1 40.02 -48.82 -14.66
N LEU B 2 40.12 -48.75 -13.34
CA LEU B 2 39.12 -49.35 -12.46
C LEU B 2 37.76 -48.67 -12.65
N VAL B 3 36.72 -49.49 -12.79
CA VAL B 3 35.34 -49.00 -12.95
C VAL B 3 34.58 -49.29 -11.66
N LEU B 4 33.98 -48.26 -11.08
CA LEU B 4 33.17 -48.43 -9.89
C LEU B 4 31.69 -48.32 -10.24
N THR B 5 30.92 -49.33 -9.86
CA THR B 5 29.49 -49.41 -10.15
C THR B 5 28.72 -49.18 -8.86
N GLN B 6 27.97 -48.08 -8.82
CA GLN B 6 27.17 -47.68 -7.68
C GLN B 6 25.73 -48.04 -7.92
N SER B 7 24.98 -48.15 -6.83
CA SER B 7 23.59 -48.51 -6.94
C SER B 7 22.92 -48.16 -5.62
N PRO B 8 21.68 -47.65 -5.65
CA PRO B 8 20.95 -47.37 -6.89
C PRO B 8 21.37 -46.03 -7.43
N ALA B 9 20.86 -45.61 -8.59
CA ALA B 9 21.14 -44.26 -9.08
C ALA B 9 20.56 -43.21 -8.14
N SER B 10 19.40 -43.48 -7.55
CA SER B 10 18.83 -42.57 -6.57
C SER B 10 17.89 -43.35 -5.68
N LEU B 11 17.77 -42.90 -4.45
CA LEU B 11 16.83 -43.52 -3.54
C LEU B 11 16.25 -42.44 -2.65
N ALA B 12 15.05 -42.70 -2.16
CA ALA B 12 14.32 -41.80 -1.28
C ALA B 12 14.12 -42.53 0.02
N VAL B 13 14.48 -41.90 1.12
CA VAL B 13 14.42 -42.53 2.45
C VAL B 13 13.74 -41.57 3.42
N SER B 14 12.88 -42.12 4.27
CA SER B 14 12.15 -41.32 5.25
C SER B 14 13.06 -40.93 6.41
N LEU B 15 12.75 -39.78 7.01
CA LEU B 15 13.51 -39.35 8.18
C LEU B 15 13.43 -40.42 9.25
N GLY B 16 14.59 -40.80 9.79
CA GLY B 16 14.70 -41.79 10.81
C GLY B 16 15.06 -43.18 10.31
N GLN B 17 14.86 -43.45 9.03
CA GLN B 17 15.07 -44.79 8.49
C GLN B 17 16.50 -44.94 8.00
N ARG B 18 16.78 -46.06 7.32
CA ARG B 18 18.13 -46.45 6.96
C ARG B 18 18.32 -46.30 5.45
N ALA B 19 19.44 -45.68 5.06
CA ALA B 19 19.84 -45.58 3.67
C ALA B 19 21.04 -46.48 3.44
N THR B 20 20.99 -47.31 2.41
CA THR B 20 22.11 -48.16 2.06
C THR B 20 22.47 -47.95 0.60
N ILE B 21 23.73 -47.64 0.35
CA ILE B 21 24.26 -47.44 -1.00
C ILE B 21 25.33 -48.48 -1.19
N SER B 22 25.40 -49.07 -2.38
CA SER B 22 26.40 -50.10 -2.65
C SER B 22 27.34 -49.64 -3.75
N CYS B 23 28.59 -50.14 -3.68
CA CYS B 23 29.62 -49.84 -4.66
C CYS B 23 30.29 -51.14 -5.04
N ARG B 24 30.27 -51.47 -6.33
CA ARG B 24 30.93 -52.67 -6.84
C ARG B 24 32.09 -52.23 -7.71
N ALA B 25 33.30 -52.47 -7.24
CA ALA B 25 34.49 -52.25 -8.05
C ALA B 25 34.66 -53.42 -9.00
N SER B 26 34.97 -53.10 -10.26
CA SER B 26 35.25 -54.16 -11.23
C SER B 26 36.43 -55.00 -10.76
N GLU B 27 37.12 -54.55 -9.70
CA GLU B 27 38.35 -55.21 -9.32
C GLU B 27 38.69 -54.89 -7.87
N SER B 28 39.45 -55.80 -7.26
CA SER B 28 39.78 -55.65 -5.84
C SER B 28 40.57 -54.38 -5.61
N VAL B 29 40.17 -53.61 -4.59
CA VAL B 29 40.90 -52.43 -4.15
C VAL B 29 41.61 -52.72 -2.82
N ASP B 30 41.93 -53.99 -2.55
CA ASP B 30 42.70 -54.40 -1.39
C ASP B 30 44.19 -54.32 -1.68
N ASN B 31 44.94 -53.79 -0.73
CA ASN B 31 46.39 -53.88 -0.71
C ASN B 31 46.82 -53.81 0.73
N TYR B 32 47.66 -54.76 1.16
CA TYR B 32 48.24 -54.75 2.50
C TYR B 32 47.18 -54.99 3.57
N GLY B 33 46.21 -55.84 3.30
CA GLY B 33 45.10 -56.03 4.23
C GLY B 33 44.34 -54.75 4.53
N ILE B 34 44.30 -53.82 3.58
CA ILE B 34 43.55 -52.57 3.70
C ILE B 34 42.73 -52.40 2.42
N SER B 35 41.45 -52.03 2.57
CA SER B 35 40.61 -51.77 1.42
C SER B 35 40.60 -50.26 1.14
N PHE B 36 41.06 -49.88 -0.05
CA PHE B 36 41.22 -48.47 -0.43
C PHE B 36 39.95 -47.94 -1.09
N MET B 37 38.87 -47.95 -0.32
CA MET B 37 37.56 -47.48 -0.76
C MET B 37 37.16 -46.29 0.09
N ASN B 38 36.78 -45.19 -0.56
CA ASN B 38 36.42 -43.94 0.11
C ASN B 38 35.00 -43.57 -0.30
N TRP B 39 34.31 -42.83 0.58
CA TRP B 39 32.96 -42.35 0.31
C TRP B 39 32.91 -40.85 0.52
N PHE B 40 32.30 -40.14 -0.42
CA PHE B 40 32.15 -38.70 -0.38
C PHE B 40 30.68 -38.32 -0.39
N GLN B 41 30.36 -37.21 0.28
CA GLN B 41 29.05 -36.56 0.24
C GLN B 41 29.21 -35.18 -0.37
N GLN B 42 28.38 -34.84 -1.36
CA GLN B 42 28.49 -33.53 -1.99
C GLN B 42 27.13 -32.85 -2.02
N LYS B 43 27.07 -31.69 -1.44
CA LYS B 43 25.84 -30.93 -1.52
C LYS B 43 25.94 -29.92 -2.66
N PRO B 44 24.81 -29.47 -3.18
CA PRO B 44 24.83 -28.63 -4.39
C PRO B 44 25.74 -27.41 -4.27
N GLY B 45 26.56 -27.22 -5.29
CA GLY B 45 27.46 -26.09 -5.34
C GLY B 45 28.63 -26.15 -4.37
N GLN B 46 28.72 -27.19 -3.54
CA GLN B 46 29.80 -27.31 -2.58
C GLN B 46 30.77 -28.36 -3.05
N PRO B 47 32.00 -28.33 -2.57
CA PRO B 47 32.95 -29.37 -2.92
C PRO B 47 32.57 -30.67 -2.24
N PRO B 48 33.03 -31.82 -2.75
CA PRO B 48 32.78 -33.07 -2.03
C PRO B 48 33.38 -32.99 -0.64
N LYS B 49 32.86 -33.84 0.24
CA LYS B 49 33.36 -33.91 1.60
C LYS B 49 33.51 -35.39 1.93
N LEU B 50 34.70 -35.74 2.42
CA LEU B 50 35.04 -37.12 2.76
C LEU B 50 34.20 -37.59 3.94
N LEU B 51 33.46 -38.68 3.75
CA LEU B 51 32.71 -39.32 4.84
C LEU B 51 33.46 -40.49 5.46
N ILE B 52 33.88 -41.46 4.63
CA ILE B 52 34.51 -42.69 5.07
C ILE B 52 35.80 -42.89 4.28
N HIS B 53 36.90 -43.19 4.98
CA HIS B 53 38.12 -43.56 4.28
C HIS B 53 38.50 -45.00 4.62
N THR B 54 39.30 -45.58 3.75
CA THR B 54 39.75 -46.97 3.83
C THR B 54 38.60 -47.85 4.30
N ALA B 55 37.50 -47.76 3.58
CA ALA B 55 36.35 -48.66 3.66
C ALA B 55 35.48 -48.42 4.90
N SER B 56 36.07 -48.29 6.10
CA SER B 56 35.25 -48.30 7.29
C SER B 56 35.63 -47.26 8.35
N ASN B 57 36.43 -46.26 8.01
CA ASN B 57 36.88 -45.29 9.00
C ASN B 57 36.22 -43.93 8.78
N GLN B 58 35.80 -43.32 9.89
CA GLN B 58 35.10 -42.05 9.83
C GLN B 58 36.02 -40.93 9.35
N GLY B 59 35.46 -40.02 8.56
CA GLY B 59 36.13 -38.75 8.32
C GLY B 59 36.09 -37.88 9.56
N SER B 60 36.92 -36.86 9.59
CA SER B 60 36.95 -36.01 10.77
C SER B 60 35.62 -35.27 10.91
N GLY B 61 35.04 -35.33 12.12
CA GLY B 61 33.74 -34.74 12.34
C GLY B 61 32.59 -35.41 11.58
N VAL B 62 32.72 -36.68 11.22
CA VAL B 62 31.65 -37.42 10.57
C VAL B 62 30.97 -38.32 11.64
N PRO B 63 29.72 -38.06 11.98
CA PRO B 63 29.07 -38.88 13.02
C PRO B 63 28.89 -40.34 12.62
N ALA B 64 28.60 -41.17 13.62
CA ALA B 64 28.56 -42.62 13.41
C ALA B 64 27.31 -43.09 12.67
N ARG B 65 26.29 -42.24 12.49
CA ARG B 65 25.21 -42.57 11.55
C ARG B 65 25.76 -42.99 10.19
N PHE B 66 26.88 -42.41 9.77
CA PHE B 66 27.54 -42.82 8.54
C PHE B 66 28.54 -43.93 8.84
N SER B 67 28.37 -45.08 8.20
CA SER B 67 29.30 -46.17 8.36
C SER B 67 29.52 -46.89 7.03
N GLY B 68 30.79 -47.15 6.71
CA GLY B 68 31.15 -47.96 5.58
C GLY B 68 31.49 -49.38 5.98
N SER B 69 31.32 -50.29 5.02
CA SER B 69 31.63 -51.70 5.22
C SER B 69 32.08 -52.29 3.89
N GLY B 70 32.82 -53.40 3.97
CA GLY B 70 33.10 -54.22 2.82
C GLY B 70 34.58 -54.53 2.66
N SER B 71 34.84 -55.47 1.75
CA SER B 71 36.18 -55.91 1.38
C SER B 71 36.24 -56.04 -0.15
N GLY B 72 37.43 -56.34 -0.65
CA GLY B 72 37.63 -56.81 -2.01
C GLY B 72 37.00 -55.99 -3.11
N THR B 73 35.79 -56.36 -3.53
CA THR B 73 35.08 -55.67 -4.61
C THR B 73 33.71 -55.14 -4.21
N ASP B 74 33.23 -55.42 -3.01
CA ASP B 74 31.87 -55.05 -2.61
C ASP B 74 31.94 -54.15 -1.38
N PHE B 75 31.34 -52.95 -1.49
CA PHE B 75 31.36 -51.96 -0.43
C PHE B 75 29.97 -51.38 -0.24
N SER B 76 29.71 -50.92 0.99
CA SER B 76 28.41 -50.39 1.36
C SER B 76 28.56 -49.15 2.24
N LEU B 77 27.70 -48.16 2.00
CA LEU B 77 27.52 -47.03 2.91
C LEU B 77 26.15 -47.15 3.56
N ASN B 78 26.13 -47.06 4.88
CA ASN B 78 24.91 -47.11 5.66
C ASN B 78 24.75 -45.76 6.34
N ILE B 79 23.56 -45.20 6.26
CA ILE B 79 23.20 -43.97 6.96
C ILE B 79 21.99 -44.30 7.81
N HIS B 80 22.17 -44.27 9.13
CA HIS B 80 21.13 -44.63 10.08
C HIS B 80 21.33 -43.91 11.40
N PRO B 81 20.42 -43.01 11.79
CA PRO B 81 19.23 -42.66 11.02
C PRO B 81 19.47 -41.53 10.03
N VAL B 82 18.68 -41.49 8.97
CA VAL B 82 18.75 -40.42 7.98
C VAL B 82 18.13 -39.16 8.59
N GLU B 83 18.80 -38.03 8.39
CA GLU B 83 18.37 -36.74 8.88
C GLU B 83 18.14 -35.79 7.72
N ASP B 84 17.42 -34.68 8.00
CA ASP B 84 17.02 -33.79 6.93
C ASP B 84 18.21 -33.26 6.12
N ASP B 85 19.35 -33.10 6.76
CA ASP B 85 20.51 -32.53 6.08
C ASP B 85 21.19 -33.51 5.11
N ASP B 86 20.69 -34.73 4.99
CA ASP B 86 21.48 -35.75 4.29
C ASP B 86 21.21 -35.80 2.80
N THR B 87 20.27 -35.02 2.30
CA THR B 87 20.05 -34.99 0.86
C THR B 87 21.30 -34.46 0.14
N ALA B 88 21.83 -35.27 -0.79
CA ALA B 88 23.14 -35.00 -1.37
C ALA B 88 23.43 -36.07 -2.42
N MET B 89 24.51 -35.83 -3.17
CA MET B 89 25.14 -36.88 -3.96
C MET B 89 26.15 -37.63 -3.09
N TYR B 90 26.19 -38.95 -3.27
CA TYR B 90 27.15 -39.83 -2.58
C TYR B 90 27.96 -40.57 -3.63
N PHE B 91 29.27 -40.48 -3.53
CA PHE B 91 30.20 -41.09 -4.46
C PHE B 91 31.09 -42.03 -3.66
N CYS B 92 31.30 -43.24 -4.18
CA CYS B 92 32.44 -44.01 -3.71
C CYS B 92 33.65 -43.70 -4.61
N GLN B 93 34.85 -43.97 -4.09
CA GLN B 93 36.08 -43.58 -4.77
C GLN B 93 37.21 -44.52 -4.36
N GLN B 94 37.97 -45.02 -5.33
CA GLN B 94 39.03 -46.00 -5.04
C GLN B 94 40.40 -45.35 -5.15
N SER B 95 41.24 -45.57 -4.13
CA SER B 95 42.63 -45.13 -4.12
C SER B 95 43.55 -46.34 -4.01
N GLU B 96 43.21 -47.44 -4.68
CA GLU B 96 44.13 -48.56 -4.80
C GLU B 96 45.08 -48.41 -5.99
N GLU B 97 44.57 -47.96 -7.12
CA GLU B 97 45.35 -47.95 -8.35
C GLU B 97 45.13 -46.64 -9.08
N VAL B 98 46.21 -46.12 -9.65
CA VAL B 98 46.17 -44.99 -10.59
C VAL B 98 45.58 -45.47 -11.91
N PRO B 99 44.64 -44.74 -12.53
CA PRO B 99 44.01 -43.48 -12.10
C PRO B 99 43.02 -43.68 -10.96
N LEU B 100 42.96 -42.72 -10.04
CA LEU B 100 41.88 -42.70 -9.07
C LEU B 100 40.56 -42.52 -9.81
N THR B 101 39.52 -43.24 -9.37
CA THR B 101 38.26 -43.28 -10.10
C THR B 101 37.10 -43.24 -9.11
N PHE B 102 36.04 -42.55 -9.52
CA PHE B 102 34.83 -42.37 -8.73
C PHE B 102 33.72 -43.22 -9.32
N GLY B 103 32.80 -43.67 -8.47
CA GLY B 103 31.54 -44.15 -8.99
C GLY B 103 30.74 -43.00 -9.59
N ALA B 104 29.69 -43.36 -10.32
CA ALA B 104 28.87 -42.33 -10.97
C ALA B 104 27.98 -41.60 -9.98
N GLY B 105 27.83 -42.12 -8.76
CA GLY B 105 27.21 -41.37 -7.68
C GLY B 105 25.75 -41.74 -7.49
N THR B 106 25.30 -41.68 -6.22
CA THR B 106 23.93 -41.95 -5.82
C THR B 106 23.33 -40.72 -5.18
N LYS B 107 22.16 -40.31 -5.68
CA LYS B 107 21.40 -39.19 -5.13
C LYS B 107 20.49 -39.70 -4.01
N LEU B 108 20.64 -39.15 -2.81
CA LEU B 108 19.78 -39.49 -1.68
C LEU B 108 18.79 -38.36 -1.48
N GLU B 109 17.51 -38.70 -1.40
CA GLU B 109 16.52 -37.67 -1.14
C GLU B 109 15.69 -38.05 0.09
N ILE B 110 15.10 -37.05 0.73
CA ILE B 110 14.21 -37.27 1.85
C ILE B 110 12.83 -37.59 1.30
N LYS B 111 12.28 -38.73 1.70
CA LYS B 111 10.90 -39.05 1.38
C LYS B 111 9.96 -38.36 2.36
N ARG B 112 9.03 -37.59 1.83
CA ARG B 112 7.97 -36.93 2.57
C ARG B 112 6.62 -37.35 1.97
N THR B 113 5.53 -36.83 2.52
CA THR B 113 4.22 -37.19 1.96
C THR B 113 4.04 -36.52 0.60
N ASP B 114 3.04 -36.99 -0.13
CA ASP B 114 2.75 -36.40 -1.44
C ASP B 114 2.32 -34.94 -1.29
N ALA B 115 2.64 -34.15 -2.32
CA ALA B 115 2.24 -32.74 -2.40
C ALA B 115 1.97 -32.41 -3.85
N ALA B 116 0.73 -32.02 -4.18
CA ALA B 116 0.41 -31.55 -5.53
C ALA B 116 1.16 -30.27 -5.83
N PRO B 117 1.55 -30.05 -7.08
CA PRO B 117 2.23 -28.79 -7.42
C PRO B 117 1.23 -27.64 -7.43
N THR B 118 1.67 -26.47 -6.98
CA THR B 118 0.94 -25.21 -7.18
C THR B 118 1.34 -24.66 -8.54
N VAL B 119 0.41 -24.63 -9.48
CA VAL B 119 0.69 -24.26 -10.86
C VAL B 119 0.28 -22.81 -11.10
N SER B 120 1.14 -22.06 -11.78
CA SER B 120 0.95 -20.65 -12.10
C SER B 120 1.31 -20.47 -13.56
N ILE B 121 0.51 -19.73 -14.31
CA ILE B 121 0.79 -19.51 -15.72
C ILE B 121 0.83 -18.01 -15.95
N PHE B 122 1.77 -17.57 -16.79
CA PHE B 122 1.95 -16.15 -17.05
C PHE B 122 2.03 -15.94 -18.55
N PRO B 123 1.26 -15.03 -19.10
CA PRO B 123 1.41 -14.70 -20.52
C PRO B 123 2.69 -13.90 -20.70
N PRO B 124 3.20 -13.78 -21.92
CA PRO B 124 4.35 -12.90 -22.14
C PRO B 124 4.04 -11.49 -21.66
N SER B 125 5.03 -10.85 -21.06
CA SER B 125 4.89 -9.44 -20.68
C SER B 125 4.84 -8.58 -21.94
N SER B 126 4.14 -7.44 -21.83
CA SER B 126 4.09 -6.55 -22.98
C SER B 126 5.48 -6.02 -23.33
N GLU B 127 6.39 -5.95 -22.36
CA GLU B 127 7.77 -5.56 -22.64
C GLU B 127 8.44 -6.54 -23.59
N GLN B 128 8.33 -7.84 -23.30
CA GLN B 128 8.93 -8.86 -24.16
C GLN B 128 8.41 -8.76 -25.60
N LEU B 129 7.09 -8.57 -25.76
CA LEU B 129 6.52 -8.48 -27.11
C LEU B 129 7.13 -7.38 -27.94
N THR B 130 7.61 -6.30 -27.32
CA THR B 130 8.20 -5.22 -28.14
C THR B 130 9.52 -5.64 -28.80
N SER B 131 10.11 -6.76 -28.36
CA SER B 131 11.34 -7.30 -28.95
C SER B 131 11.06 -8.37 -30.01
N GLY B 132 9.79 -8.71 -30.27
CA GLY B 132 9.41 -9.71 -31.27
C GLY B 132 9.28 -11.13 -30.76
N GLY B 133 9.67 -11.41 -29.52
CA GLY B 133 9.55 -12.73 -28.93
C GLY B 133 8.44 -12.82 -27.89
N ALA B 134 8.02 -14.03 -27.57
CA ALA B 134 6.95 -14.24 -26.60
C ALA B 134 7.23 -15.52 -25.84
N SER B 135 7.41 -15.42 -24.52
CA SER B 135 7.60 -16.58 -23.67
C SER B 135 6.36 -16.72 -22.81
N VAL B 136 5.74 -17.89 -22.82
CA VAL B 136 4.71 -18.24 -21.84
C VAL B 136 5.37 -19.05 -20.74
N VAL B 137 5.15 -18.65 -19.49
CA VAL B 137 5.87 -19.25 -18.37
C VAL B 137 4.89 -19.99 -17.47
N CYS B 138 5.26 -21.20 -17.08
CA CYS B 138 4.50 -21.96 -16.11
C CYS B 138 5.41 -22.37 -14.96
N PHE B 139 5.02 -22.02 -13.74
CA PHE B 139 5.70 -22.52 -12.54
C PHE B 139 4.86 -23.59 -11.89
N LEU B 140 5.48 -24.73 -11.61
CA LEU B 140 4.86 -25.84 -10.88
C LEU B 140 5.68 -26.01 -9.60
N ASN B 141 5.16 -25.51 -8.48
CA ASN B 141 5.98 -25.30 -7.32
C ASN B 141 5.61 -26.23 -6.17
N ASN B 142 6.63 -26.70 -5.46
CA ASN B 142 6.46 -27.34 -4.17
C ASN B 142 5.70 -28.67 -4.29
N PHE B 143 6.20 -29.56 -5.16
CA PHE B 143 5.55 -30.86 -5.30
C PHE B 143 6.47 -31.98 -4.82
N TYR B 144 5.85 -33.12 -4.54
CA TYR B 144 6.56 -34.35 -4.17
C TYR B 144 5.63 -35.52 -4.49
N PRO B 145 6.11 -36.63 -5.10
CA PRO B 145 7.51 -36.91 -5.49
C PRO B 145 8.00 -36.09 -6.68
N LYS B 146 9.26 -36.27 -7.07
CA LYS B 146 9.87 -35.42 -8.10
C LYS B 146 9.35 -35.70 -9.49
N ASP B 147 8.82 -36.91 -9.76
CA ASP B 147 8.49 -37.28 -11.13
C ASP B 147 7.28 -36.49 -11.61
N ILE B 148 7.39 -35.89 -12.81
CA ILE B 148 6.39 -34.95 -13.31
C ILE B 148 6.62 -34.73 -14.80
N ASN B 149 5.55 -34.59 -15.57
CA ASN B 149 5.65 -34.28 -16.99
C ASN B 149 4.72 -33.11 -17.29
N VAL B 150 5.21 -32.18 -18.11
CA VAL B 150 4.46 -30.98 -18.43
C VAL B 150 4.20 -30.97 -19.93
N LYS B 151 2.96 -30.74 -20.30
CA LYS B 151 2.61 -30.58 -21.70
C LYS B 151 2.02 -29.19 -21.90
N TRP B 152 2.32 -28.59 -23.04
CA TRP B 152 1.77 -27.32 -23.45
C TRP B 152 0.72 -27.54 -24.54
N LYS B 153 -0.35 -26.76 -24.50
CA LYS B 153 -1.34 -26.76 -25.55
C LYS B 153 -1.68 -25.33 -25.95
N ILE B 154 -1.85 -25.12 -27.24
CA ILE B 154 -2.20 -23.83 -27.83
C ILE B 154 -3.49 -24.05 -28.60
N ASP B 155 -4.54 -23.31 -28.22
CA ASP B 155 -5.89 -23.55 -28.73
C ASP B 155 -6.24 -25.05 -28.72
N GLY B 156 -5.82 -25.73 -27.66
CA GLY B 156 -6.14 -27.12 -27.43
C GLY B 156 -5.21 -28.13 -28.09
N SER B 157 -4.34 -27.70 -28.99
CA SER B 157 -3.47 -28.61 -29.72
C SER B 157 -2.09 -28.63 -29.07
N GLU B 158 -1.56 -29.83 -28.81
CA GLU B 158 -0.28 -29.93 -28.10
C GLU B 158 0.84 -29.31 -28.91
N ARG B 159 1.73 -28.60 -28.22
CA ARG B 159 2.90 -27.97 -28.80
C ARG B 159 4.11 -28.51 -28.06
N GLN B 160 5.02 -29.18 -28.78
CA GLN B 160 6.21 -29.76 -28.18
C GLN B 160 7.48 -28.95 -28.44
N ASN B 161 7.62 -28.35 -29.61
CA ASN B 161 8.79 -27.55 -29.92
C ASN B 161 8.79 -26.24 -29.15
N GLY B 162 9.99 -25.79 -28.76
CA GLY B 162 10.16 -24.49 -28.13
C GLY B 162 9.93 -24.46 -26.65
N VAL B 163 9.89 -25.63 -26.00
CA VAL B 163 9.63 -25.73 -24.59
C VAL B 163 10.93 -25.99 -23.83
N LEU B 164 11.18 -25.18 -22.82
CA LEU B 164 12.36 -25.27 -21.99
C LEU B 164 11.92 -25.54 -20.55
N ASN B 165 12.46 -26.60 -19.96
CA ASN B 165 12.15 -26.92 -18.57
C ASN B 165 13.39 -26.75 -17.70
N SER B 166 13.19 -26.30 -16.46
CA SER B 166 14.25 -26.28 -15.46
C SER B 166 13.62 -26.64 -14.13
N TRP B 167 14.38 -27.32 -13.27
CA TRP B 167 13.89 -27.85 -12.00
C TRP B 167 14.85 -27.43 -10.91
N THR B 168 14.32 -27.29 -9.68
CA THR B 168 15.17 -27.10 -8.51
C THR B 168 15.48 -28.44 -7.87
N ASP B 169 16.52 -28.48 -7.04
CA ASP B 169 16.75 -29.67 -6.21
C ASP B 169 15.80 -29.66 -5.01
N GLN B 170 15.78 -30.77 -4.27
CA GLN B 170 14.87 -30.85 -3.13
C GLN B 170 15.12 -29.71 -2.16
N ASP B 171 14.05 -29.01 -1.80
CA ASP B 171 14.15 -27.91 -0.85
C ASP B 171 14.54 -28.43 0.52
N SER B 172 15.56 -27.80 1.13
CA SER B 172 16.05 -28.29 2.41
C SER B 172 15.05 -28.05 3.55
N LYS B 173 14.05 -27.17 3.35
CA LYS B 173 13.07 -26.88 4.38
C LYS B 173 11.84 -27.81 4.32
N ASP B 174 11.13 -27.85 3.18
CA ASP B 174 9.94 -28.69 3.10
C ASP B 174 10.09 -29.94 2.24
N SER B 175 11.27 -30.18 1.66
CA SER B 175 11.59 -31.42 0.97
C SER B 175 10.83 -31.56 -0.35
N THR B 176 10.38 -30.46 -0.95
CA THR B 176 9.64 -30.56 -2.20
C THR B 176 10.54 -30.16 -3.36
N TYR B 177 10.03 -30.36 -4.56
CA TYR B 177 10.70 -29.92 -5.78
C TYR B 177 9.88 -28.83 -6.43
N SER B 178 10.52 -28.03 -7.27
CA SER B 178 9.81 -27.03 -8.05
C SER B 178 10.34 -27.09 -9.48
N MET B 179 9.49 -26.65 -10.42
CA MET B 179 9.81 -26.75 -11.83
C MET B 179 9.34 -25.51 -12.56
N SER B 180 10.14 -25.06 -13.53
CA SER B 180 9.77 -23.98 -14.44
C SER B 180 9.70 -24.51 -15.87
N SER B 181 8.62 -24.23 -16.57
CA SER B 181 8.48 -24.60 -17.98
C SER B 181 8.17 -23.36 -18.80
N THR B 182 8.99 -23.10 -19.82
CA THR B 182 8.84 -21.90 -20.65
C THR B 182 8.60 -22.32 -22.10
N LEU B 183 7.49 -21.86 -22.65
CA LEU B 183 7.19 -22.05 -24.06
C LEU B 183 7.46 -20.73 -24.75
N THR B 184 8.39 -20.74 -25.71
CA THR B 184 8.72 -19.51 -26.43
C THR B 184 8.19 -19.59 -27.85
N LEU B 185 7.62 -18.48 -28.34
CA LEU B 185 7.12 -18.37 -29.69
C LEU B 185 7.49 -17.00 -30.23
N THR B 186 7.31 -16.82 -31.53
CA THR B 186 7.35 -15.46 -32.06
C THR B 186 6.14 -14.68 -31.59
N LYS B 187 6.31 -13.35 -31.53
CA LYS B 187 5.17 -12.50 -31.24
C LYS B 187 4.01 -12.78 -32.19
N ASP B 188 4.30 -12.91 -33.47
CA ASP B 188 3.24 -13.08 -34.45
C ASP B 188 2.44 -14.36 -34.22
N GLU B 189 3.12 -15.50 -34.00
CA GLU B 189 2.39 -16.72 -33.69
C GLU B 189 1.63 -16.60 -32.38
N TYR B 190 2.28 -16.06 -31.35
CA TYR B 190 1.61 -15.85 -30.08
C TYR B 190 0.28 -15.13 -30.26
N GLU B 191 0.28 -14.04 -31.02
CA GLU B 191 -0.92 -13.23 -31.13
C GLU B 191 -1.96 -13.81 -32.07
N ARG B 192 -1.63 -14.88 -32.79
CA ARG B 192 -2.62 -15.53 -33.62
C ARG B 192 -3.50 -16.51 -32.85
N HIS B 193 -3.17 -16.82 -31.60
CA HIS B 193 -3.98 -17.78 -30.88
C HIS B 193 -4.49 -17.17 -29.59
N ASN B 194 -5.45 -17.86 -28.98
CA ASN B 194 -6.17 -17.31 -27.86
C ASN B 194 -5.89 -18.02 -26.55
N SER B 195 -5.98 -19.35 -26.55
CA SER B 195 -5.98 -20.15 -25.34
C SER B 195 -4.60 -20.81 -25.16
N TYR B 196 -3.97 -20.59 -24.00
CA TYR B 196 -2.67 -21.19 -23.68
C TYR B 196 -2.81 -21.99 -22.40
N THR B 197 -2.34 -23.24 -22.45
CA THR B 197 -2.54 -24.20 -21.38
C THR B 197 -1.25 -24.91 -21.04
N CYS B 198 -0.96 -24.93 -19.74
CA CYS B 198 0.12 -25.64 -19.11
C CYS B 198 -0.47 -26.88 -18.44
N GLU B 199 -0.02 -28.06 -18.84
CA GLU B 199 -0.68 -29.30 -18.38
C GLU B 199 0.35 -30.23 -17.74
N ALA B 200 0.12 -30.62 -16.48
CA ALA B 200 1.08 -31.40 -15.71
C ALA B 200 0.49 -32.75 -15.34
N THR B 201 1.29 -33.80 -15.48
CA THR B 201 0.88 -35.10 -14.96
C THR B 201 1.79 -35.45 -13.78
N HIS B 202 1.17 -35.86 -12.67
CA HIS B 202 1.84 -36.03 -11.39
C HIS B 202 1.09 -37.10 -10.61
N LYS B 203 1.80 -37.77 -9.70
CA LYS B 203 1.21 -38.85 -8.90
C LYS B 203 -0.04 -38.40 -8.14
N THR B 204 -0.12 -37.11 -7.81
CA THR B 204 -1.19 -36.51 -7.05
C THR B 204 -2.57 -36.69 -7.68
N SER B 205 -2.65 -37.02 -8.96
CA SER B 205 -3.91 -37.01 -9.68
C SER B 205 -3.81 -37.95 -10.87
N THR B 206 -4.87 -38.73 -11.12
CA THR B 206 -4.88 -39.57 -12.31
C THR B 206 -5.05 -38.76 -13.58
N SER B 207 -5.71 -37.61 -13.49
CA SER B 207 -6.03 -36.66 -14.54
C SER B 207 -4.93 -35.61 -14.65
N PRO B 208 -4.70 -35.06 -15.84
CA PRO B 208 -3.76 -33.93 -15.94
C PRO B 208 -4.23 -32.75 -15.12
N ILE B 209 -3.26 -32.06 -14.53
CA ILE B 209 -3.47 -30.85 -13.77
C ILE B 209 -3.32 -29.67 -14.73
N VAL B 210 -4.37 -28.87 -14.88
CA VAL B 210 -4.49 -27.93 -15.99
C VAL B 210 -4.53 -26.50 -15.47
N LYS B 211 -3.72 -25.63 -16.04
CA LYS B 211 -3.85 -24.19 -15.83
C LYS B 211 -3.75 -23.50 -17.18
N SER B 212 -4.61 -22.51 -17.40
CA SER B 212 -4.61 -21.86 -18.69
C SER B 212 -4.98 -20.39 -18.54
N PHE B 213 -4.82 -19.66 -19.63
CA PHE B 213 -5.40 -18.32 -19.74
C PHE B 213 -5.80 -18.15 -21.19
N ASN B 214 -6.77 -17.28 -21.41
CA ASN B 214 -7.16 -16.82 -22.73
C ASN B 214 -6.55 -15.45 -22.97
N ARG B 215 -5.89 -15.27 -24.11
CA ARG B 215 -5.23 -14.01 -24.43
C ARG B 215 -6.20 -12.83 -24.40
N ASN B 216 -7.50 -13.09 -24.49
CA ASN B 216 -8.54 -12.11 -24.14
C ASN B 216 -8.22 -11.36 -22.85
N GLN C 1 -4.06 35.67 -6.94
CA GLN C 1 -4.69 34.42 -6.52
C GLN C 1 -5.25 33.64 -7.72
N VAL C 2 -5.16 34.24 -8.92
CA VAL C 2 -5.65 33.57 -10.12
C VAL C 2 -4.83 32.32 -10.38
N GLN C 3 -5.53 31.20 -10.62
CA GLN C 3 -4.83 29.95 -10.90
C GLN C 3 -5.58 29.14 -11.95
N LEU C 4 -4.82 28.62 -12.92
CA LEU C 4 -5.31 27.75 -13.97
C LEU C 4 -4.55 26.43 -13.87
N GLN C 5 -5.27 25.35 -13.57
CA GLN C 5 -4.66 24.04 -13.32
C GLN C 5 -5.16 23.06 -14.37
N GLN C 6 -4.22 22.44 -15.09
CA GLN C 6 -4.53 21.58 -16.23
C GLN C 6 -4.29 20.11 -15.91
N SER C 7 -5.11 19.26 -16.53
CA SER C 7 -5.00 17.81 -16.36
C SER C 7 -3.63 17.30 -16.82
N GLY C 8 -3.29 16.10 -16.35
CA GLY C 8 -1.99 15.52 -16.63
C GLY C 8 -1.81 15.03 -18.06
N GLY C 9 -0.57 14.65 -18.37
CA GLY C 9 -0.21 14.34 -19.74
C GLY C 9 -0.89 13.10 -20.28
N GLU C 10 -1.02 13.04 -21.61
CA GLU C 10 -1.69 11.96 -22.30
C GLU C 10 -0.80 11.34 -23.38
N LEU C 11 -0.83 10.01 -23.47
CA LEU C 11 -0.32 9.24 -24.60
C LEU C 11 -1.51 8.63 -25.33
N VAL C 12 -1.62 8.86 -26.63
CA VAL C 12 -2.69 8.26 -27.42
C VAL C 12 -2.17 7.82 -28.78
N LYS C 13 -2.97 6.96 -29.43
CA LYS C 13 -2.63 6.38 -30.72
C LYS C 13 -3.11 7.29 -31.84
N PRO C 14 -2.48 7.23 -33.00
CA PRO C 14 -2.89 8.14 -34.08
C PRO C 14 -4.34 7.85 -34.51
N GLY C 15 -5.11 8.92 -34.68
CA GLY C 15 -6.53 8.77 -34.97
C GLY C 15 -7.42 8.74 -33.74
N ALA C 16 -6.87 8.92 -32.54
CA ALA C 16 -7.69 8.97 -31.33
C ALA C 16 -7.99 10.43 -31.01
N SER C 17 -8.50 10.67 -29.80
CA SER C 17 -8.85 12.01 -29.36
C SER C 17 -8.69 12.08 -27.86
N VAL C 18 -8.46 13.29 -27.35
CA VAL C 18 -8.19 13.51 -25.95
C VAL C 18 -9.12 14.60 -25.44
N LYS C 19 -9.48 14.50 -24.16
CA LYS C 19 -10.26 15.52 -23.48
C LYS C 19 -9.35 16.17 -22.43
N LEU C 20 -8.96 17.41 -22.70
CA LEU C 20 -8.13 18.18 -21.78
C LEU C 20 -9.00 19.13 -20.94
N SER C 21 -8.57 19.36 -19.70
CA SER C 21 -9.34 20.16 -18.76
C SER C 21 -8.47 21.25 -18.15
N CYS C 22 -9.14 22.29 -17.67
CA CYS C 22 -8.49 23.49 -17.16
C CYS C 22 -9.38 24.03 -16.04
N LYS C 23 -9.01 23.70 -14.79
CA LYS C 23 -9.75 24.12 -13.60
C LYS C 23 -9.22 25.45 -13.12
N THR C 24 -10.08 26.46 -13.06
CA THR C 24 -9.63 27.81 -12.74
C THR C 24 -10.17 28.23 -11.37
N SER C 25 -9.49 29.22 -10.79
CA SER C 25 -9.90 29.81 -9.52
C SER C 25 -9.23 31.18 -9.38
N GLY C 26 -9.70 31.96 -8.41
CA GLY C 26 -9.11 33.25 -8.10
C GLY C 26 -9.73 34.42 -8.84
N PHE C 27 -10.65 34.16 -9.75
CA PHE C 27 -11.30 35.22 -10.52
C PHE C 27 -12.70 34.74 -10.88
N THR C 28 -13.60 35.69 -11.08
CA THR C 28 -14.97 35.30 -11.42
C THR C 28 -15.00 34.72 -12.83
N PHE C 29 -15.41 33.46 -12.90
CA PHE C 29 -15.25 32.65 -14.10
C PHE C 29 -16.15 33.11 -15.24
N SER C 30 -17.40 33.45 -14.93
CA SER C 30 -18.45 33.73 -15.91
C SER C 30 -18.16 34.97 -16.76
N SER C 31 -17.19 35.79 -16.39
CA SER C 31 -16.91 36.99 -17.16
C SER C 31 -15.54 36.94 -17.81
N SER C 32 -14.98 35.76 -18.03
CA SER C 32 -13.64 35.67 -18.59
C SER C 32 -13.69 34.91 -19.92
N TYR C 33 -12.71 35.18 -20.76
CA TYR C 33 -12.45 34.33 -21.91
C TYR C 33 -11.41 33.31 -21.51
N ILE C 34 -11.50 32.12 -22.11
CA ILE C 34 -10.48 31.07 -21.97
C ILE C 34 -10.03 30.65 -23.35
N SER C 35 -8.72 30.72 -23.60
CA SER C 35 -8.14 30.29 -24.86
C SER C 35 -7.39 28.98 -24.69
N TRP C 36 -7.34 28.22 -25.78
CA TRP C 36 -6.53 27.02 -25.85
C TRP C 36 -5.47 27.23 -26.92
N LEU C 37 -4.27 26.72 -26.65
CA LEU C 37 -3.09 26.97 -27.48
C LEU C 37 -2.25 25.70 -27.55
N LYS C 38 -1.54 25.56 -28.67
CA LYS C 38 -0.64 24.43 -28.90
C LYS C 38 0.78 24.98 -29.06
N GLN C 39 1.78 24.28 -28.49
CA GLN C 39 3.18 24.66 -28.68
C GLN C 39 4.01 23.39 -28.82
N LYS C 40 4.61 23.21 -29.96
CA LYS C 40 5.57 22.13 -30.14
C LYS C 40 6.93 22.58 -29.63
N PRO C 41 7.79 21.63 -29.22
CA PRO C 41 9.08 22.00 -28.58
C PRO C 41 9.94 22.91 -29.44
N GLY C 42 10.51 23.93 -28.80
CA GLY C 42 11.35 24.92 -29.46
C GLY C 42 10.66 25.73 -30.56
N GLN C 43 9.34 25.90 -30.45
CA GLN C 43 8.56 26.59 -31.47
C GLN C 43 7.71 27.66 -30.80
N SER C 44 6.98 28.40 -31.62
CA SER C 44 6.08 29.43 -31.13
C SER C 44 4.74 28.82 -30.75
N LEU C 45 3.85 29.66 -30.23
CA LEU C 45 2.51 29.21 -29.86
C LEU C 45 1.52 29.41 -31.01
N GLU C 46 0.59 28.47 -31.15
CA GLU C 46 -0.51 28.58 -32.08
C GLU C 46 -1.79 28.66 -31.25
N TRP C 47 -2.61 29.67 -31.51
CA TRP C 47 -3.90 29.76 -30.82
C TRP C 47 -4.94 28.86 -31.50
N ILE C 48 -5.65 28.07 -30.69
CA ILE C 48 -6.62 27.10 -31.22
C ILE C 48 -8.02 27.65 -31.20
N ALA C 49 -8.47 28.16 -30.07
CA ALA C 49 -9.84 28.63 -29.91
C ALA C 49 -9.94 29.37 -28.59
N TRP C 50 -10.96 30.19 -28.47
CA TRP C 50 -11.34 30.74 -27.18
C TRP C 50 -12.80 30.43 -26.94
N ILE C 51 -13.19 30.45 -25.67
CA ILE C 51 -14.59 30.39 -25.29
C ILE C 51 -14.84 31.52 -24.32
N TYR C 52 -16.00 32.16 -24.45
CA TYR C 52 -16.47 33.05 -23.41
C TYR C 52 -17.28 32.23 -22.41
N ALA C 53 -16.76 32.10 -21.19
CA ALA C 53 -17.33 31.24 -20.17
C ALA C 53 -18.69 31.73 -19.67
N GLY C 54 -19.02 32.99 -19.93
CA GLY C 54 -20.34 33.48 -19.57
C GLY C 54 -21.44 32.94 -20.46
N THR C 55 -21.14 32.70 -21.74
CA THR C 55 -22.17 32.24 -22.67
C THR C 55 -21.87 30.89 -23.33
N GLY C 56 -20.65 30.37 -23.19
CA GLY C 56 -20.22 29.22 -23.96
C GLY C 56 -20.03 29.49 -25.44
N GLY C 57 -20.13 30.74 -25.88
CA GLY C 57 -19.82 31.05 -27.27
C GLY C 57 -18.34 30.86 -27.56
N THR C 58 -18.04 30.34 -28.75
CA THR C 58 -16.69 29.94 -29.13
C THR C 58 -16.26 30.59 -30.44
N GLU C 59 -14.95 30.84 -30.53
CA GLU C 59 -14.26 31.25 -31.75
C GLU C 59 -13.14 30.24 -32.03
N TYR C 60 -13.09 29.72 -33.26
CA TYR C 60 -12.10 28.72 -33.63
C TYR C 60 -11.14 29.24 -34.70
N ASN C 61 -9.89 28.83 -34.62
CA ASN C 61 -8.92 29.00 -35.70
C ASN C 61 -9.22 27.96 -36.77
N GLN C 62 -9.51 28.42 -38.00
CA GLN C 62 -9.93 27.49 -39.05
C GLN C 62 -8.90 26.41 -39.39
N LYS C 63 -7.65 26.54 -38.96
CA LYS C 63 -6.71 25.44 -39.13
C LYS C 63 -7.08 24.26 -38.20
N PHE C 64 -7.53 24.56 -36.99
CA PHE C 64 -7.95 23.56 -36.02
C PHE C 64 -9.48 23.43 -35.91
N THR C 65 -10.24 23.98 -36.86
CA THR C 65 -11.68 23.78 -36.80
C THR C 65 -12.01 22.34 -37.19
N GLY C 66 -13.02 21.79 -36.52
CA GLY C 66 -13.37 20.38 -36.62
C GLY C 66 -12.61 19.52 -35.66
N LYS C 67 -11.29 19.76 -35.55
CA LYS C 67 -10.42 18.99 -34.68
C LYS C 67 -10.58 19.32 -33.22
N ALA C 68 -11.03 20.54 -32.89
CA ALA C 68 -11.13 21.01 -31.51
C ALA C 68 -12.57 21.37 -31.18
N GLN C 69 -12.98 21.06 -29.94
CA GLN C 69 -14.29 21.43 -29.42
C GLN C 69 -14.12 21.89 -27.99
N VAL C 70 -14.39 23.17 -27.74
CA VAL C 70 -14.15 23.79 -26.46
C VAL C 70 -15.48 23.96 -25.73
N THR C 71 -15.53 23.46 -24.50
CA THR C 71 -16.70 23.59 -23.66
C THR C 71 -16.24 24.17 -22.33
N VAL C 72 -17.21 24.54 -21.50
CA VAL C 72 -16.97 25.08 -20.18
C VAL C 72 -17.96 24.42 -19.25
N ASP C 73 -17.62 24.34 -17.96
CA ASP C 73 -18.62 24.05 -16.94
C ASP C 73 -18.54 25.09 -15.83
N THR C 74 -19.56 25.96 -15.79
CA THR C 74 -19.61 27.08 -14.85
C THR C 74 -19.66 26.61 -13.40
N SER C 75 -20.25 25.44 -13.12
CA SER C 75 -20.35 24.97 -11.75
C SER C 75 -18.96 24.81 -11.12
N SER C 76 -18.06 24.11 -11.80
CA SER C 76 -16.71 23.85 -11.30
C SER C 76 -15.66 24.79 -11.86
N SER C 77 -16.07 25.82 -12.61
CA SER C 77 -15.16 26.83 -13.16
C SER C 77 -14.04 26.17 -13.97
N THR C 78 -14.42 25.16 -14.77
CA THR C 78 -13.47 24.39 -15.55
C THR C 78 -13.82 24.43 -17.02
N ALA C 79 -12.78 24.53 -17.87
CA ALA C 79 -12.90 24.57 -19.31
C ALA C 79 -12.30 23.31 -19.90
N TYR C 80 -12.75 22.94 -21.10
CA TYR C 80 -12.33 21.69 -21.71
C TYR C 80 -12.11 21.90 -23.20
N MET C 81 -11.18 21.12 -23.78
CA MET C 81 -10.99 21.03 -25.22
C MET C 81 -10.92 19.57 -25.62
N GLN C 82 -11.78 19.17 -26.55
CA GLN C 82 -11.69 17.86 -27.19
C GLN C 82 -10.93 18.02 -28.50
N PHE C 83 -9.84 17.26 -28.66
CA PHE C 83 -8.93 17.39 -29.80
C PHE C 83 -8.87 16.04 -30.53
N SER C 84 -9.53 15.96 -31.68
CA SER C 84 -9.78 14.71 -32.40
C SER C 84 -8.85 14.56 -33.61
N SER C 85 -8.94 13.39 -34.24
CA SER C 85 -8.20 13.06 -35.46
C SER C 85 -6.71 13.36 -35.30
N LEU C 86 -6.18 12.80 -34.20
CA LEU C 86 -4.82 13.08 -33.74
C LEU C 86 -3.79 12.43 -34.63
N THR C 87 -2.73 13.19 -34.95
CA THR C 87 -1.63 12.72 -35.79
C THR C 87 -0.33 12.97 -35.04
N THR C 88 0.77 12.41 -35.56
CA THR C 88 2.05 12.58 -34.87
C THR C 88 2.45 14.05 -34.77
N GLU C 89 2.08 14.84 -35.78
CA GLU C 89 2.28 16.28 -35.75
C GLU C 89 1.52 16.98 -34.64
N ASP C 90 0.48 16.35 -34.09
CA ASP C 90 -0.28 16.92 -33.00
C ASP C 90 0.36 16.74 -31.64
N SER C 91 1.49 16.03 -31.57
CA SER C 91 2.22 15.91 -30.32
C SER C 91 2.79 17.27 -29.93
N ALA C 92 2.46 17.72 -28.72
CA ALA C 92 2.85 19.07 -28.31
C ALA C 92 2.42 19.31 -26.88
N ILE C 93 2.76 20.49 -26.35
CA ILE C 93 2.20 20.99 -25.11
C ILE C 93 0.96 21.82 -25.46
N TYR C 94 -0.14 21.58 -24.75
CA TYR C 94 -1.38 22.34 -24.92
C TYR C 94 -1.63 23.17 -23.66
N TYR C 95 -1.91 24.45 -23.84
CA TYR C 95 -2.09 25.39 -22.75
C TYR C 95 -3.50 25.92 -22.76
N CYS C 96 -4.04 26.19 -21.58
CA CYS C 96 -5.18 27.09 -21.49
C CYS C 96 -4.70 28.36 -20.80
N ALA C 97 -5.40 29.45 -21.08
CA ALA C 97 -4.99 30.77 -20.64
C ALA C 97 -6.24 31.60 -20.44
N ARG C 98 -6.24 32.44 -19.41
CA ARG C 98 -7.31 33.40 -19.20
C ARG C 98 -7.04 34.59 -20.09
N GLY C 99 -7.82 34.72 -21.13
CA GLY C 99 -7.62 35.74 -22.14
C GLY C 99 -8.22 35.29 -23.45
N GLY C 100 -8.37 36.24 -24.34
CA GLY C 100 -9.17 36.06 -25.54
C GLY C 100 -9.84 37.37 -25.88
N SER C 101 -10.31 37.45 -27.11
CA SER C 101 -10.93 38.69 -27.61
C SER C 101 -9.89 39.81 -27.45
N SER C 102 -10.30 40.99 -27.00
CA SER C 102 -9.37 42.10 -26.80
C SER C 102 -8.40 41.85 -25.65
N PHE C 103 -8.70 40.91 -24.77
CA PHE C 103 -8.01 40.77 -23.50
C PHE C 103 -6.76 39.92 -23.67
N ALA C 104 -5.60 40.49 -23.33
CA ALA C 104 -4.36 39.73 -23.37
C ALA C 104 -4.42 38.53 -22.43
N MET C 105 -3.86 37.40 -22.85
CA MET C 105 -3.85 36.21 -22.00
C MET C 105 -2.88 36.44 -20.84
N ASP C 106 -3.42 36.82 -19.69
CA ASP C 106 -2.58 37.26 -18.58
C ASP C 106 -2.29 36.18 -17.55
N TYR C 107 -3.05 35.10 -17.52
CA TYR C 107 -2.70 33.95 -16.68
C TYR C 107 -2.80 32.69 -17.50
N TRP C 108 -1.92 31.73 -17.19
CA TRP C 108 -1.73 30.53 -17.98
C TRP C 108 -1.77 29.28 -17.10
N GLY C 109 -2.40 28.22 -17.61
CA GLY C 109 -2.22 26.91 -17.04
C GLY C 109 -0.77 26.47 -17.18
N GLN C 110 -0.43 25.36 -16.54
CA GLN C 110 0.96 24.91 -16.59
C GLN C 110 1.26 24.06 -17.81
N GLY C 111 0.26 23.71 -18.59
CA GLY C 111 0.53 22.96 -19.79
C GLY C 111 0.14 21.50 -19.60
N THR C 112 -0.42 20.91 -20.66
CA THR C 112 -0.66 19.48 -20.77
C THR C 112 0.10 18.97 -21.97
N SER C 113 1.00 18.01 -21.75
CA SER C 113 1.74 17.38 -22.83
C SER C 113 0.90 16.25 -23.45
N VAL C 114 0.85 16.21 -24.78
CA VAL C 114 0.08 15.18 -25.49
C VAL C 114 1.02 14.51 -26.48
N THR C 115 1.15 13.19 -26.37
CA THR C 115 2.03 12.42 -27.25
C THR C 115 1.20 11.47 -28.08
N VAL C 116 1.31 11.61 -29.39
CA VAL C 116 0.57 10.81 -30.35
C VAL C 116 1.56 9.83 -30.96
N SER C 117 1.31 8.54 -30.78
CA SER C 117 2.32 7.56 -31.15
C SER C 117 1.74 6.16 -31.08
N SER C 118 2.13 5.33 -32.06
CA SER C 118 1.76 3.92 -32.12
C SER C 118 2.54 3.03 -31.13
N ALA C 119 3.59 3.54 -30.49
CA ALA C 119 4.53 2.67 -29.79
C ALA C 119 3.96 2.11 -28.48
N SER C 120 4.56 1.03 -28.01
CA SER C 120 4.22 0.43 -26.73
C SER C 120 5.29 0.78 -25.70
N THR C 121 4.91 0.80 -24.42
CA THR C 121 5.88 1.05 -23.34
C THR C 121 7.06 0.10 -23.50
N THR C 122 8.28 0.64 -23.38
CA THR C 122 9.48 -0.12 -23.73
C THR C 122 10.60 0.37 -22.84
N PRO C 123 11.26 -0.51 -22.09
CA PRO C 123 12.33 -0.08 -21.20
C PRO C 123 13.58 0.24 -22.00
N PRO C 124 14.45 1.09 -21.48
CA PRO C 124 15.65 1.45 -22.25
C PRO C 124 16.70 0.36 -22.19
N SER C 125 17.50 0.28 -23.25
CA SER C 125 18.79 -0.41 -23.18
C SER C 125 19.83 0.62 -22.79
N VAL C 126 20.72 0.25 -21.85
CA VAL C 126 21.71 1.18 -21.32
C VAL C 126 23.10 0.68 -21.71
N TYR C 127 23.87 1.50 -22.44
CA TYR C 127 25.19 1.08 -22.88
C TYR C 127 26.27 1.97 -22.25
N PRO C 128 27.35 1.37 -21.76
CA PRO C 128 28.48 2.15 -21.23
C PRO C 128 29.34 2.76 -22.32
N LEU C 129 29.80 4.00 -22.06
CA LEU C 129 30.70 4.75 -22.93
C LEU C 129 32.02 4.89 -22.16
N ALA C 130 32.92 3.97 -22.42
CA ALA C 130 34.27 3.94 -21.90
C ALA C 130 35.24 4.49 -22.95
N PRO C 131 36.21 5.35 -22.58
CA PRO C 131 37.12 5.99 -23.56
C PRO C 131 38.11 5.04 -24.21
N SER C 139 44.13 16.55 -14.74
CA SER C 139 43.65 15.77 -15.86
C SER C 139 42.29 15.19 -15.49
N MET C 140 41.33 15.41 -16.38
CA MET C 140 39.97 14.90 -16.25
C MET C 140 39.76 13.80 -17.28
N VAL C 141 38.80 12.94 -17.00
CA VAL C 141 38.37 11.88 -17.89
C VAL C 141 36.86 12.00 -18.02
N THR C 142 36.35 11.91 -19.25
CA THR C 142 34.91 11.94 -19.49
C THR C 142 34.37 10.54 -19.76
N LEU C 143 33.37 10.14 -18.99
CA LEU C 143 32.66 8.88 -19.19
C LEU C 143 31.23 9.18 -19.65
N GLY C 144 30.50 8.15 -20.04
CA GLY C 144 29.16 8.41 -20.58
C GLY C 144 28.28 7.17 -20.49
N CYS C 145 26.97 7.39 -20.71
CA CYS C 145 25.95 6.35 -20.78
C CYS C 145 25.04 6.66 -21.97
N LEU C 146 24.84 5.68 -22.83
CA LEU C 146 23.88 5.80 -23.93
C LEU C 146 22.60 5.07 -23.52
N VAL C 147 21.47 5.76 -23.56
CA VAL C 147 20.18 5.21 -23.12
C VAL C 147 19.29 5.16 -24.34
N LYS C 148 19.06 3.96 -24.86
CA LYS C 148 18.52 3.83 -26.21
C LYS C 148 17.26 2.96 -26.25
N GLY C 149 16.30 3.39 -27.07
CA GLY C 149 15.20 2.51 -27.46
C GLY C 149 14.02 2.47 -26.52
N TYR C 150 13.70 3.56 -25.83
CA TYR C 150 12.68 3.47 -24.80
C TYR C 150 11.48 4.32 -25.20
N PHE C 151 10.35 4.05 -24.52
CA PHE C 151 9.11 4.80 -24.68
C PHE C 151 8.25 4.50 -23.48
N PRO C 152 7.55 5.48 -22.88
CA PRO C 152 7.57 6.92 -23.25
C PRO C 152 8.66 7.66 -22.52
N GLU C 153 8.80 8.96 -22.81
CA GLU C 153 9.55 9.84 -21.93
C GLU C 153 8.85 9.90 -20.57
N PRO C 154 9.59 10.19 -19.49
CA PRO C 154 11.04 10.46 -19.49
C PRO C 154 11.84 9.31 -18.89
N VAL C 155 13.18 9.42 -18.98
CA VAL C 155 14.10 8.69 -18.13
C VAL C 155 14.83 9.71 -17.27
N THR C 156 15.27 9.29 -16.09
CA THR C 156 16.19 10.06 -15.28
C THR C 156 17.51 9.32 -15.22
N VAL C 157 18.60 10.07 -15.28
CA VAL C 157 19.96 9.53 -15.26
C VAL C 157 20.69 10.20 -14.11
N THR C 158 21.18 9.41 -13.19
CA THR C 158 22.08 9.93 -12.16
C THR C 158 23.40 9.19 -12.28
N TRP C 159 24.40 9.70 -11.57
CA TRP C 159 25.73 9.11 -11.60
C TRP C 159 26.18 8.85 -10.17
N ASN C 160 26.65 7.63 -9.88
CA ASN C 160 26.91 7.17 -8.50
C ASN C 160 25.76 7.55 -7.56
N SER C 161 24.53 7.37 -8.05
CA SER C 161 23.32 7.55 -7.24
C SER C 161 23.16 8.99 -6.75
N GLY C 162 23.55 9.94 -7.58
CA GLY C 162 23.43 11.34 -7.23
C GLY C 162 24.63 11.94 -6.54
N SER C 163 25.68 11.15 -6.25
CA SER C 163 26.88 11.72 -5.66
C SER C 163 27.68 12.55 -6.65
N LEU C 164 27.68 12.16 -7.93
CA LEU C 164 28.35 12.94 -8.98
C LEU C 164 27.29 13.82 -9.65
N SER C 165 27.23 15.07 -9.22
CA SER C 165 26.27 16.06 -9.73
C SER C 165 26.95 17.13 -10.57
N SER C 166 28.06 17.66 -10.07
CA SER C 166 28.91 18.52 -10.87
C SER C 166 29.51 17.76 -12.04
N GLY C 167 29.68 18.44 -13.16
CA GLY C 167 30.33 17.83 -14.30
C GLY C 167 29.49 16.90 -15.13
N VAL C 168 28.18 16.86 -14.91
CA VAL C 168 27.30 15.98 -15.64
C VAL C 168 26.61 16.75 -16.75
N HIS C 169 26.49 16.13 -17.93
CA HIS C 169 25.59 16.64 -18.96
C HIS C 169 24.68 15.51 -19.40
N THR C 170 23.38 15.73 -19.32
CA THR C 170 22.39 14.77 -19.78
C THR C 170 21.65 15.44 -20.91
N PHE C 171 21.63 14.82 -22.09
CA PHE C 171 21.08 15.59 -23.20
C PHE C 171 19.58 15.28 -23.44
N PRO C 172 18.85 16.18 -24.09
CA PRO C 172 17.44 15.90 -24.36
C PRO C 172 17.29 14.69 -25.27
N ALA C 173 16.27 13.88 -24.99
CA ALA C 173 16.02 12.69 -25.79
C ALA C 173 15.67 13.08 -27.23
N VAL C 174 16.03 12.21 -28.16
CA VAL C 174 15.59 12.37 -29.53
C VAL C 174 14.84 11.12 -29.95
N LEU C 175 13.85 11.31 -30.79
CA LEU C 175 12.88 10.29 -31.17
C LEU C 175 13.29 9.74 -32.53
N GLN C 176 13.70 8.47 -32.56
CA GLN C 176 14.11 7.78 -33.78
C GLN C 176 13.27 6.50 -33.94
N SER C 177 12.47 6.44 -35.01
CA SER C 177 11.61 5.30 -35.35
C SER C 177 10.83 4.81 -34.13
N ASP C 178 9.97 5.68 -33.62
CA ASP C 178 8.99 5.49 -32.56
C ASP C 178 9.60 5.46 -31.16
N LEU C 179 10.93 5.39 -31.00
CA LEU C 179 11.52 5.24 -29.67
C LEU C 179 12.52 6.35 -29.35
N TYR C 180 12.74 6.58 -28.06
CA TYR C 180 13.62 7.65 -27.61
C TYR C 180 15.03 7.16 -27.27
N THR C 181 15.99 8.05 -27.47
CA THR C 181 17.40 7.83 -27.17
C THR C 181 17.97 9.11 -26.59
N LEU C 182 18.66 9.01 -25.46
CA LEU C 182 19.48 10.12 -25.00
C LEU C 182 20.85 9.58 -24.55
N SER C 183 21.78 10.49 -24.27
CA SER C 183 23.01 10.12 -23.60
C SER C 183 23.33 11.12 -22.49
N SER C 184 24.16 10.68 -21.57
CA SER C 184 24.63 11.49 -20.47
C SER C 184 26.14 11.35 -20.39
N SER C 185 26.84 12.46 -20.12
CA SER C 185 28.27 12.41 -19.90
C SER C 185 28.60 12.89 -18.50
N VAL C 186 29.64 12.31 -17.92
CA VAL C 186 30.15 12.77 -16.64
C VAL C 186 31.67 12.93 -16.77
N THR C 187 32.21 13.95 -16.11
CA THR C 187 33.63 14.26 -16.13
C THR C 187 34.17 14.24 -14.69
N VAL C 188 35.14 13.38 -14.44
CA VAL C 188 35.70 13.16 -13.11
C VAL C 188 37.21 13.33 -13.19
N PRO C 189 37.88 13.62 -12.07
CA PRO C 189 39.34 13.62 -12.11
C PRO C 189 39.85 12.25 -12.51
N SER C 190 40.92 12.28 -13.31
CA SER C 190 41.56 11.07 -13.83
C SER C 190 42.03 10.14 -12.72
N SER C 191 42.27 10.65 -11.51
CA SER C 191 42.73 9.79 -10.42
C SER C 191 41.60 9.03 -9.73
N THR C 192 40.33 9.35 -10.02
CA THR C 192 39.19 8.67 -9.40
C THR C 192 38.58 7.58 -10.26
N TRP C 193 39.01 7.45 -11.52
CA TRP C 193 38.51 6.45 -12.41
C TRP C 193 39.65 6.03 -13.32
N PRO C 194 39.96 4.74 -13.44
CA PRO C 194 39.12 3.62 -12.98
C PRO C 194 39.39 3.08 -11.59
N SER C 195 40.17 3.76 -10.75
CA SER C 195 40.48 3.19 -9.44
C SER C 195 39.27 3.21 -8.51
N GLU C 196 38.34 4.13 -8.73
CA GLU C 196 37.06 4.15 -8.06
C GLU C 196 35.98 3.93 -9.10
N THR C 197 34.88 3.32 -8.69
CA THR C 197 33.85 2.95 -9.65
C THR C 197 32.98 4.14 -10.00
N VAL C 198 32.58 4.20 -11.26
CA VAL C 198 31.64 5.19 -11.74
C VAL C 198 30.50 4.39 -12.36
N THR C 199 29.28 4.63 -11.87
CA THR C 199 28.08 3.91 -12.31
C THR C 199 27.04 4.92 -12.77
N CYS C 200 26.43 4.68 -13.93
CA CYS C 200 25.28 5.51 -14.28
C CYS C 200 24.00 4.76 -13.95
N ASN C 201 23.05 5.48 -13.36
CA ASN C 201 21.81 4.92 -12.87
C ASN C 201 20.68 5.48 -13.72
N VAL C 202 19.97 4.60 -14.42
CA VAL C 202 18.93 5.00 -15.34
C VAL C 202 17.61 4.51 -14.77
N ALA C 203 16.66 5.40 -14.59
CA ALA C 203 15.34 4.99 -14.15
C ALA C 203 14.30 5.37 -15.20
N HIS C 204 13.39 4.43 -15.44
CA HIS C 204 12.31 4.58 -16.43
C HIS C 204 11.00 4.26 -15.73
N PRO C 205 10.34 5.26 -15.13
CA PRO C 205 9.15 4.97 -14.30
C PRO C 205 8.00 4.29 -15.07
N ALA C 206 7.82 4.66 -16.34
CA ALA C 206 6.71 4.13 -17.12
C ALA C 206 6.80 2.61 -17.24
N SER C 207 8.02 2.07 -17.28
CA SER C 207 8.16 0.63 -17.32
C SER C 207 8.60 0.06 -15.98
N SER C 208 8.53 0.84 -14.90
CA SER C 208 8.89 0.41 -13.56
C SER C 208 10.24 -0.31 -13.54
N THR C 209 11.22 0.29 -14.22
CA THR C 209 12.54 -0.28 -14.44
C THR C 209 13.63 0.65 -13.91
N LYS C 210 14.65 0.09 -13.26
CA LYS C 210 15.92 0.79 -13.04
C LYS C 210 17.06 -0.08 -13.53
N VAL C 211 18.05 0.56 -14.14
CA VAL C 211 19.27 -0.10 -14.61
C VAL C 211 20.48 0.65 -14.05
N ASP C 212 21.42 -0.09 -13.48
CA ASP C 212 22.71 0.45 -13.06
C ASP C 212 23.78 -0.19 -13.93
N LYS C 213 24.56 0.64 -14.61
CA LYS C 213 25.62 0.19 -15.51
C LYS C 213 26.91 0.82 -15.03
N LYS C 214 27.81 -0.03 -14.57
CA LYS C 214 29.15 0.40 -14.19
C LYS C 214 30.00 0.58 -15.44
N ILE C 215 30.75 1.67 -15.48
CA ILE C 215 31.62 1.98 -16.62
C ILE C 215 32.98 1.34 -16.35
N VAL C 216 33.30 0.30 -17.10
CA VAL C 216 34.54 -0.45 -16.89
C VAL C 216 35.48 -0.11 -18.03
N PRO C 217 36.79 0.03 -17.80
CA PRO C 217 37.71 0.29 -18.91
C PRO C 217 37.68 -0.86 -19.92
N ARG C 218 38.01 -0.52 -21.17
CA ARG C 218 37.89 -1.43 -22.30
C ARG C 218 39.09 -2.38 -22.39
N GLN D 1 -5.17 35.52 -42.04
CA GLN D 1 -4.40 35.49 -40.80
C GLN D 1 -3.23 36.48 -40.87
N LEU D 2 -3.20 37.38 -39.90
CA LEU D 2 -2.15 38.37 -39.80
C LEU D 2 -0.83 37.71 -39.44
N VAL D 3 0.27 38.22 -40.00
CA VAL D 3 1.61 37.62 -39.89
C VAL D 3 2.52 38.58 -39.12
N LEU D 4 3.08 38.10 -38.01
CA LEU D 4 4.00 38.84 -37.14
C LEU D 4 5.40 38.29 -37.36
N THR D 5 6.35 39.17 -37.67
CA THR D 5 7.73 38.75 -37.86
C THR D 5 8.63 39.50 -36.89
N GLN D 6 9.38 38.75 -36.05
CA GLN D 6 10.30 39.35 -35.09
C GLN D 6 11.73 39.24 -35.57
N SER D 7 12.56 40.15 -35.07
CA SER D 7 13.99 40.13 -35.29
C SER D 7 14.64 40.74 -34.06
N PRO D 8 15.81 40.24 -33.63
CA PRO D 8 16.49 39.08 -34.21
C PRO D 8 15.88 37.77 -33.72
N ALA D 9 16.26 36.65 -34.33
CA ALA D 9 15.82 35.36 -33.80
C ALA D 9 16.56 35.00 -32.54
N SER D 10 17.83 35.39 -32.43
CA SER D 10 18.64 35.10 -31.26
C SER D 10 19.50 36.31 -30.94
N LEU D 11 19.63 36.60 -29.66
CA LEU D 11 20.31 37.80 -29.19
C LEU D 11 21.14 37.41 -27.99
N ALA D 12 22.44 37.65 -28.05
CA ALA D 12 23.31 37.50 -26.90
C ALA D 12 23.70 38.88 -26.40
N VAL D 13 23.64 39.08 -25.09
CA VAL D 13 23.90 40.38 -24.48
C VAL D 13 24.54 40.15 -23.12
N SER D 14 25.46 41.03 -22.75
CA SER D 14 26.11 40.90 -21.46
C SER D 14 25.32 41.66 -20.38
N LEU D 15 25.56 41.27 -19.13
CA LEU D 15 24.81 41.82 -18.00
C LEU D 15 24.90 43.35 -17.97
N GLY D 16 23.80 43.98 -17.58
CA GLY D 16 23.78 45.42 -17.44
C GLY D 16 23.59 46.22 -18.71
N GLN D 17 23.45 45.53 -19.84
CA GLN D 17 23.27 46.18 -21.16
C GLN D 17 21.83 45.99 -21.61
N ARG D 18 21.24 47.00 -22.25
CA ARG D 18 19.82 46.90 -22.69
C ARG D 18 19.72 46.05 -23.96
N ALA D 19 18.64 45.29 -24.07
CA ALA D 19 18.35 44.44 -25.21
C ALA D 19 17.11 44.98 -25.91
N THR D 20 17.12 44.93 -27.24
CA THR D 20 16.02 45.44 -28.05
C THR D 20 15.56 44.36 -29.02
N ILE D 21 14.26 44.05 -28.96
CA ILE D 21 13.61 43.09 -29.84
C ILE D 21 12.54 43.80 -30.64
N SER D 22 12.54 43.58 -31.96
CA SER D 22 11.60 44.22 -32.87
C SER D 22 10.54 43.25 -33.34
N CYS D 23 9.35 43.79 -33.62
CA CYS D 23 8.26 43.05 -34.24
C CYS D 23 7.59 43.90 -35.29
N ARG D 24 7.33 43.33 -36.46
CA ARG D 24 6.55 44.00 -37.49
C ARG D 24 5.38 43.15 -37.92
N ALA D 25 4.21 43.78 -38.00
CA ALA D 25 2.94 43.09 -38.29
C ALA D 25 2.50 43.29 -39.74
N SER D 26 1.84 42.25 -40.27
CA SER D 26 1.40 42.24 -41.67
C SER D 26 0.37 43.34 -41.93
N GLU D 27 -0.54 43.55 -41.00
CA GLU D 27 -1.48 44.66 -41.03
C GLU D 27 -1.32 45.47 -39.75
N SER D 28 -2.01 46.60 -39.67
CA SER D 28 -2.04 47.35 -38.44
C SER D 28 -2.88 46.60 -37.40
N VAL D 29 -2.40 46.59 -36.16
CA VAL D 29 -3.14 45.98 -35.06
C VAL D 29 -3.85 47.04 -34.21
N ASP D 30 -3.94 48.26 -34.73
CA ASP D 30 -4.67 49.33 -34.06
C ASP D 30 -6.16 49.19 -34.27
N ASN D 31 -6.91 49.33 -33.18
CA ASN D 31 -8.36 49.39 -33.22
C ASN D 31 -8.81 50.18 -32.00
N TYR D 32 -9.84 51.01 -32.17
CA TYR D 32 -10.37 51.80 -31.07
C TYR D 32 -9.31 52.67 -30.43
N GLY D 33 -8.30 53.09 -31.20
CA GLY D 33 -7.23 53.87 -30.63
C GLY D 33 -6.35 53.12 -29.66
N ILE D 34 -6.38 51.79 -29.68
CA ILE D 34 -5.51 50.94 -28.87
C ILE D 34 -4.74 50.03 -29.81
N SER D 35 -3.43 49.89 -29.57
CA SER D 35 -2.59 48.95 -30.32
C SER D 35 -2.60 47.62 -29.58
N PHE D 36 -3.12 46.58 -30.24
CA PHE D 36 -3.37 45.30 -29.57
C PHE D 36 -2.18 44.37 -29.77
N MET D 37 -1.06 44.76 -29.16
CA MET D 37 0.21 44.05 -29.29
C MET D 37 0.74 43.72 -27.90
N ASN D 38 1.00 42.43 -27.65
CA ASN D 38 1.45 41.96 -26.34
C ASN D 38 2.79 41.25 -26.44
N TRP D 39 3.51 41.23 -25.33
CA TRP D 39 4.77 40.50 -25.25
C TRP D 39 4.72 39.47 -24.12
N PHE D 40 5.29 38.30 -24.41
CA PHE D 40 5.45 37.17 -23.49
C PHE D 40 6.91 36.78 -23.33
N GLN D 41 7.26 36.43 -22.09
CA GLN D 41 8.53 35.81 -21.73
C GLN D 41 8.25 34.37 -21.35
N GLN D 42 8.99 33.42 -21.93
CA GLN D 42 8.84 32.01 -21.62
C GLN D 42 10.18 31.39 -21.29
N LYS D 43 10.32 30.91 -20.08
CA LYS D 43 11.54 30.19 -19.70
C LYS D 43 11.36 28.68 -19.93
N PRO D 44 12.49 27.95 -20.07
CA PRO D 44 12.42 26.48 -20.29
C PRO D 44 11.49 25.73 -19.36
N GLY D 45 10.51 25.02 -19.91
CA GLY D 45 9.59 24.19 -19.14
C GLY D 45 8.36 24.89 -18.55
N GLN D 46 8.23 26.20 -18.71
CA GLN D 46 7.14 26.95 -18.07
C GLN D 46 6.17 27.50 -19.10
N PRO D 47 4.96 27.86 -18.68
CA PRO D 47 4.08 28.62 -19.55
C PRO D 47 4.63 30.01 -19.78
N PRO D 48 4.21 30.66 -20.87
CA PRO D 48 4.54 32.07 -21.05
C PRO D 48 4.01 32.90 -19.90
N LYS D 49 4.69 34.02 -19.65
CA LYS D 49 4.25 35.04 -18.72
C LYS D 49 4.01 36.31 -19.52
N LEU D 50 2.90 36.96 -19.25
CA LEU D 50 2.61 38.21 -19.93
C LEU D 50 3.54 39.31 -19.39
N LEU D 51 4.26 39.99 -20.29
CA LEU D 51 5.16 41.08 -19.91
C LEU D 51 4.54 42.44 -20.16
N ILE D 52 4.23 42.75 -21.42
CA ILE D 52 3.56 43.98 -21.82
C ILE D 52 2.23 43.61 -22.46
N HIS D 53 1.20 44.41 -22.20
CA HIS D 53 -0.08 44.28 -22.89
C HIS D 53 -0.42 45.63 -23.51
N THR D 54 -1.09 45.58 -24.66
CA THR D 54 -1.46 46.76 -25.44
C THR D 54 -0.26 47.70 -25.64
N ALA D 55 0.79 47.12 -26.22
CA ALA D 55 1.98 47.82 -26.72
C ALA D 55 2.91 48.37 -25.65
N SER D 56 2.39 49.13 -24.67
CA SER D 56 3.27 49.85 -23.77
C SER D 56 2.90 49.75 -22.28
N ASN D 57 1.97 48.88 -21.89
CA ASN D 57 1.54 48.77 -20.51
C ASN D 57 2.12 47.52 -19.86
N GLN D 58 2.64 47.68 -18.65
CA GLN D 58 3.29 46.58 -17.95
C GLN D 58 2.26 45.59 -17.41
N GLY D 59 2.57 44.30 -17.56
CA GLY D 59 1.89 43.27 -16.79
C GLY D 59 2.10 43.49 -15.30
N SER D 60 1.30 42.77 -14.51
CA SER D 60 1.33 42.96 -13.07
C SER D 60 2.51 42.21 -12.47
N GLY D 61 3.34 42.92 -11.71
CA GLY D 61 4.54 42.31 -11.17
C GLY D 61 5.67 42.17 -12.18
N VAL D 62 5.73 43.05 -13.17
CA VAL D 62 6.78 43.04 -14.19
C VAL D 62 7.64 44.28 -13.97
N PRO D 63 8.94 44.11 -13.69
CA PRO D 63 9.80 45.25 -13.31
C PRO D 63 9.92 46.28 -14.41
N ALA D 64 10.39 47.47 -14.01
CA ALA D 64 10.39 48.62 -14.90
C ALA D 64 11.33 48.48 -16.08
N ARG D 65 12.28 47.52 -16.02
CA ARG D 65 13.28 47.42 -17.08
C ARG D 65 12.64 47.03 -18.41
N PHE D 66 11.63 46.16 -18.38
CA PHE D 66 10.90 45.82 -19.60
C PHE D 66 10.05 47.01 -20.06
N SER D 67 10.09 47.29 -21.36
CA SER D 67 9.42 48.47 -21.92
C SER D 67 9.00 48.17 -23.35
N GLY D 68 7.70 48.26 -23.63
CA GLY D 68 7.19 48.10 -24.97
C GLY D 68 6.80 49.43 -25.59
N SER D 69 6.91 49.50 -26.91
CA SER D 69 6.53 50.70 -27.64
C SER D 69 6.17 50.34 -29.07
N GLY D 70 5.47 51.27 -29.72
CA GLY D 70 5.14 51.14 -31.13
C GLY D 70 3.69 51.47 -31.41
N SER D 71 3.38 51.55 -32.69
CA SER D 71 2.03 51.79 -33.16
C SER D 71 1.83 51.02 -34.44
N GLY D 72 0.56 50.76 -34.77
CA GLY D 72 0.20 50.28 -36.08
C GLY D 72 0.81 48.95 -36.50
N THR D 73 1.96 49.00 -37.17
CA THR D 73 2.61 47.82 -37.72
C THR D 73 3.98 47.53 -37.11
N ASP D 74 4.55 48.46 -36.34
CA ASP D 74 5.90 48.35 -35.80
C ASP D 74 5.88 48.49 -34.29
N PHE D 75 6.50 47.53 -33.59
CA PHE D 75 6.56 47.51 -32.14
C PHE D 75 7.92 46.99 -31.71
N SER D 76 8.31 47.37 -30.49
CA SER D 76 9.63 47.01 -29.96
C SER D 76 9.54 46.79 -28.46
N LEU D 77 10.38 45.87 -27.97
CA LEU D 77 10.49 45.57 -26.55
C LEU D 77 11.94 45.82 -26.11
N ASN D 78 12.12 46.55 -25.01
CA ASN D 78 13.43 46.91 -24.49
C ASN D 78 13.55 46.47 -23.04
N ILE D 79 14.71 45.92 -22.65
CA ILE D 79 14.97 45.44 -21.29
C ILE D 79 16.29 46.05 -20.82
N HIS D 80 16.27 46.74 -19.66
CA HIS D 80 17.51 47.34 -19.15
C HIS D 80 17.45 47.75 -17.68
N PRO D 81 18.46 47.36 -16.87
CA PRO D 81 19.61 46.55 -17.27
C PRO D 81 19.30 45.06 -17.36
N VAL D 82 19.77 44.39 -18.42
CA VAL D 82 19.56 42.96 -18.51
C VAL D 82 20.22 42.28 -17.32
N GLU D 83 19.47 41.39 -16.69
CA GLU D 83 19.92 40.65 -15.52
C GLU D 83 20.01 39.18 -15.86
N ASP D 84 20.62 38.43 -14.94
CA ASP D 84 20.76 36.99 -15.14
C ASP D 84 19.40 36.34 -15.37
N ASP D 85 18.35 36.81 -14.68
CA ASP D 85 17.06 36.12 -14.69
C ASP D 85 16.24 36.35 -15.95
N ASP D 86 16.84 36.90 -17.01
CA ASP D 86 16.13 37.24 -18.23
C ASP D 86 16.48 36.35 -19.42
N THR D 87 17.44 35.47 -19.28
CA THR D 87 17.62 34.48 -20.33
C THR D 87 16.32 33.69 -20.47
N ALA D 88 15.69 33.83 -21.63
CA ALA D 88 14.41 33.21 -21.91
C ALA D 88 14.06 33.51 -23.36
N MET D 89 12.94 32.94 -23.81
CA MET D 89 12.33 33.24 -25.09
C MET D 89 11.35 34.41 -24.95
N TYR D 90 11.22 35.20 -26.01
CA TYR D 90 10.33 36.35 -26.02
C TYR D 90 9.46 36.28 -27.25
N PHE D 91 8.15 36.46 -27.07
CA PHE D 91 7.17 36.37 -28.15
C PHE D 91 6.32 37.62 -28.17
N CYS D 92 6.07 38.15 -29.37
CA CYS D 92 5.01 39.13 -29.58
C CYS D 92 3.79 38.43 -30.17
N GLN D 93 2.61 39.03 -29.91
CA GLN D 93 1.34 38.36 -30.18
C GLN D 93 0.28 39.43 -30.38
N GLN D 94 -0.49 39.33 -31.47
CA GLN D 94 -1.50 40.35 -31.80
C GLN D 94 -2.87 39.88 -31.36
N SER D 95 -3.66 40.81 -30.81
CA SER D 95 -5.00 40.53 -30.30
C SER D 95 -6.03 41.44 -30.98
N GLU D 96 -5.78 41.82 -32.23
CA GLU D 96 -6.71 42.70 -32.90
C GLU D 96 -7.65 41.98 -33.86
N GLU D 97 -7.24 40.84 -34.43
CA GLU D 97 -8.13 40.08 -35.30
C GLU D 97 -7.90 38.58 -35.13
N VAL D 98 -8.99 37.83 -35.25
CA VAL D 98 -8.98 36.36 -35.25
C VAL D 98 -8.49 35.88 -36.62
N PRO D 99 -7.63 34.86 -36.68
CA PRO D 99 -7.06 34.18 -35.51
C PRO D 99 -5.98 35.00 -34.79
N LEU D 100 -5.96 34.93 -33.46
CA LEU D 100 -4.81 35.42 -32.71
C LEU D 100 -3.56 34.71 -33.22
N THR D 101 -2.47 35.45 -33.39
CA THR D 101 -1.20 34.91 -33.90
C THR D 101 -0.04 35.46 -33.09
N PHE D 102 1.05 34.68 -33.05
CA PHE D 102 2.27 34.99 -32.33
C PHE D 102 3.43 35.18 -33.29
N GLY D 103 4.42 35.95 -32.83
CA GLY D 103 5.69 35.98 -33.51
C GLY D 103 6.52 34.74 -33.24
N ALA D 104 7.56 34.55 -34.06
CA ALA D 104 8.32 33.31 -34.03
C ALA D 104 9.19 33.20 -32.79
N GLY D 105 9.48 34.31 -32.13
CA GLY D 105 10.25 34.20 -30.90
C GLY D 105 11.65 34.76 -31.04
N THR D 106 12.20 35.15 -29.90
CA THR D 106 13.53 35.74 -29.85
C THR D 106 14.20 35.16 -28.62
N LYS D 107 15.21 34.34 -28.83
CA LYS D 107 15.96 33.77 -27.73
C LYS D 107 16.92 34.81 -27.20
N LEU D 108 16.87 35.05 -25.89
CA LEU D 108 17.74 35.99 -25.22
C LEU D 108 18.69 35.17 -24.36
N GLU D 109 19.99 35.26 -24.65
CA GLU D 109 21.02 34.53 -23.92
C GLU D 109 22.03 35.52 -23.35
N ILE D 110 22.77 35.09 -22.34
CA ILE D 110 23.72 35.96 -21.65
C ILE D 110 25.11 35.73 -22.25
N LYS D 111 25.74 36.82 -22.66
CA LYS D 111 27.05 36.72 -23.30
C LYS D 111 28.13 36.43 -22.27
N ARG D 112 29.07 35.57 -22.64
CA ARG D 112 30.26 35.31 -21.87
C ARG D 112 31.43 35.24 -22.83
N THR D 113 32.63 35.12 -22.29
CA THR D 113 33.81 34.95 -23.13
C THR D 113 33.72 33.62 -23.91
N ASP D 114 34.47 33.55 -25.00
CA ASP D 114 34.51 32.36 -25.82
C ASP D 114 35.12 31.21 -25.04
N ALA D 115 34.68 29.99 -25.38
CA ALA D 115 35.23 28.78 -24.77
C ALA D 115 35.23 27.66 -25.81
N ALA D 116 36.39 27.06 -26.04
CA ALA D 116 36.48 25.96 -26.99
C ALA D 116 35.77 24.74 -26.42
N PRO D 117 35.19 23.93 -27.29
CA PRO D 117 34.48 22.74 -26.83
C PRO D 117 35.42 21.59 -26.49
N THR D 118 35.14 20.89 -25.40
CA THR D 118 35.95 19.74 -25.02
C THR D 118 35.32 18.54 -25.73
N VAL D 119 36.08 17.91 -26.61
CA VAL D 119 35.59 16.79 -27.39
C VAL D 119 36.04 15.41 -26.91
N SER D 120 35.09 14.48 -26.85
CA SER D 120 35.35 13.10 -26.44
C SER D 120 34.60 12.16 -27.38
N ILE D 121 35.29 11.15 -27.90
CA ILE D 121 34.68 10.17 -28.80
C ILE D 121 34.70 8.80 -28.14
N PHE D 122 33.63 8.04 -28.35
CA PHE D 122 33.44 6.74 -27.69
C PHE D 122 33.00 5.72 -28.74
N PRO D 123 33.67 4.58 -28.82
CA PRO D 123 33.27 3.55 -29.77
C PRO D 123 32.03 2.83 -29.25
N PRO D 124 31.33 2.07 -30.10
CA PRO D 124 30.21 1.29 -29.56
C PRO D 124 30.71 0.31 -28.52
N SER D 125 29.88 0.07 -27.50
CA SER D 125 30.22 -0.92 -26.48
C SER D 125 30.01 -2.33 -27.02
N SER D 126 30.62 -3.30 -26.34
CA SER D 126 30.37 -4.68 -26.75
C SER D 126 28.95 -5.10 -26.42
N GLU D 127 28.38 -4.57 -25.32
CA GLU D 127 26.97 -4.79 -25.03
C GLU D 127 26.11 -4.47 -26.24
N GLN D 128 26.35 -3.30 -26.86
CA GLN D 128 25.51 -2.92 -27.99
C GLN D 128 25.79 -3.77 -29.22
N LEU D 129 27.05 -4.17 -29.43
CA LEU D 129 27.36 -4.94 -30.63
C LEU D 129 26.65 -6.30 -30.61
N THR D 130 26.49 -6.91 -29.43
CA THR D 130 25.75 -8.17 -29.34
C THR D 130 24.30 -8.04 -29.74
N SER D 131 23.77 -6.83 -29.86
CA SER D 131 22.41 -6.67 -30.36
C SER D 131 22.39 -6.34 -31.84
N GLY D 132 23.54 -6.35 -32.51
CA GLY D 132 23.56 -6.06 -33.93
C GLY D 132 23.65 -4.59 -34.31
N GLY D 133 23.77 -3.68 -33.34
CA GLY D 133 23.88 -2.27 -33.64
C GLY D 133 25.18 -1.64 -33.16
N ALA D 134 25.50 -0.45 -33.65
CA ALA D 134 26.77 0.20 -33.33
C ALA D 134 26.55 1.70 -33.27
N SER D 135 26.58 2.27 -32.09
CA SER D 135 26.53 3.72 -31.97
C SER D 135 27.89 4.22 -31.56
N VAL D 136 28.40 5.20 -32.30
CA VAL D 136 29.60 5.95 -31.96
C VAL D 136 29.17 7.32 -31.43
N VAL D 137 29.55 7.63 -30.21
CA VAL D 137 29.14 8.85 -29.55
C VAL D 137 30.26 9.87 -29.40
N CYS D 138 29.93 11.13 -29.69
CA CYS D 138 30.86 12.22 -29.56
C CYS D 138 30.25 13.31 -28.71
N PHE D 139 30.93 13.66 -27.63
CA PHE D 139 30.45 14.72 -26.75
C PHE D 139 31.28 15.97 -26.97
N LEU D 140 30.61 17.10 -27.11
CA LEU D 140 31.24 18.40 -27.30
C LEU D 140 30.68 19.27 -26.18
N ASN D 141 31.41 19.37 -25.08
CA ASN D 141 30.94 20.08 -23.90
C ASN D 141 31.55 21.42 -23.53
N ASN D 142 30.73 22.21 -22.84
CA ASN D 142 31.10 23.52 -22.32
C ASN D 142 31.74 24.49 -23.31
N PHE D 143 31.02 24.84 -24.36
CA PHE D 143 31.53 25.75 -25.35
C PHE D 143 30.67 27.00 -25.50
N TYR D 144 31.28 28.07 -26.01
CA TYR D 144 30.59 29.34 -26.23
C TYR D 144 31.34 30.14 -27.29
N PRO D 145 30.62 30.67 -28.30
CA PRO D 145 29.18 30.77 -28.44
C PRO D 145 28.54 29.45 -28.93
N LYS D 146 27.24 29.51 -29.20
CA LYS D 146 26.41 28.33 -29.45
C LYS D 146 26.68 27.69 -30.80
N ASP D 147 27.05 28.50 -31.79
CA ASP D 147 27.26 28.00 -33.14
C ASP D 147 28.39 26.99 -33.26
N ILE D 148 28.05 25.77 -33.68
CA ILE D 148 29.05 24.73 -33.83
C ILE D 148 28.63 23.76 -34.94
N ASN D 149 29.62 23.23 -35.65
CA ASN D 149 29.35 22.28 -36.70
C ASN D 149 30.13 20.99 -36.44
N VAL D 150 29.43 19.87 -36.46
CA VAL D 150 30.04 18.58 -36.22
C VAL D 150 29.99 17.70 -37.45
N LYS D 151 31.11 17.09 -37.79
CA LYS D 151 31.19 16.21 -38.94
C LYS D 151 31.78 14.85 -38.57
N TRP D 152 31.21 13.80 -39.12
CA TRP D 152 31.72 12.45 -38.92
C TRP D 152 32.50 12.01 -40.14
N LYS D 153 33.65 11.41 -39.90
CA LYS D 153 34.43 10.81 -40.98
C LYS D 153 34.69 9.35 -40.67
N ILE D 154 34.40 8.49 -41.63
CA ILE D 154 34.65 7.05 -41.55
C ILE D 154 35.71 6.74 -42.59
N ASP D 155 36.90 6.32 -42.14
CA ASP D 155 38.02 6.05 -43.06
C ASP D 155 38.30 7.28 -43.94
N GLY D 156 38.11 8.46 -43.35
CA GLY D 156 38.38 9.73 -43.96
C GLY D 156 37.26 10.31 -44.81
N SER D 157 36.16 9.58 -44.97
CA SER D 157 35.06 10.00 -45.83
C SER D 157 33.90 10.46 -44.95
N GLU D 158 33.31 11.61 -45.28
CA GLU D 158 32.23 12.13 -44.47
C GLU D 158 30.99 11.23 -44.53
N ARG D 159 30.31 11.12 -43.40
CA ARG D 159 29.08 10.34 -43.29
C ARG D 159 28.03 11.19 -42.56
N GLN D 160 26.82 11.27 -43.11
CA GLN D 160 25.75 11.94 -42.37
C GLN D 160 24.48 11.12 -42.17
N ASN D 161 24.26 10.04 -42.93
CA ASN D 161 23.19 9.12 -42.59
C ASN D 161 23.42 8.51 -41.20
N GLY D 162 22.34 8.46 -40.42
CA GLY D 162 22.37 7.88 -39.08
C GLY D 162 23.01 8.73 -38.00
N VAL D 163 23.20 10.03 -38.25
CA VAL D 163 23.75 10.94 -37.25
C VAL D 163 22.59 11.62 -36.54
N LEU D 164 22.63 11.62 -35.21
CA LEU D 164 21.60 12.32 -34.44
C LEU D 164 22.27 13.16 -33.38
N ASN D 165 21.85 14.42 -33.32
CA ASN D 165 22.45 15.45 -32.50
C ASN D 165 21.48 15.88 -31.41
N SER D 166 22.02 16.17 -30.23
CA SER D 166 21.20 16.77 -29.19
C SER D 166 22.04 17.83 -28.49
N TRP D 167 21.38 18.90 -28.05
CA TRP D 167 22.06 20.04 -27.45
C TRP D 167 21.38 20.42 -26.14
N THR D 168 22.18 20.89 -25.19
CA THR D 168 21.65 21.52 -23.98
C THR D 168 21.56 23.04 -24.20
N ASP D 169 20.55 23.65 -23.62
CA ASP D 169 20.54 25.11 -23.61
C ASP D 169 21.60 25.62 -22.64
N GLN D 170 21.66 26.94 -22.51
CA GLN D 170 22.72 27.59 -21.75
C GLN D 170 22.74 27.11 -20.31
N ASP D 171 23.89 26.58 -19.89
CA ASP D 171 24.08 26.20 -18.49
C ASP D 171 23.90 27.42 -17.58
N SER D 172 23.13 27.25 -16.51
CA SER D 172 22.87 28.38 -15.61
C SER D 172 24.11 28.81 -14.85
N LYS D 173 25.07 27.90 -14.65
CA LYS D 173 26.20 28.11 -13.75
C LYS D 173 27.42 28.73 -14.43
N ASP D 174 27.82 28.20 -15.60
CA ASP D 174 28.95 28.74 -16.34
C ASP D 174 28.57 29.33 -17.70
N SER D 175 27.30 29.26 -18.09
CA SER D 175 26.73 29.95 -19.25
C SER D 175 27.18 29.36 -20.58
N THR D 176 27.67 28.12 -20.55
CA THR D 176 28.14 27.46 -21.76
C THR D 176 27.10 26.53 -22.35
N TYR D 177 27.45 25.94 -23.48
CA TYR D 177 26.58 25.01 -24.17
C TYR D 177 27.29 23.70 -24.35
N SER D 178 26.52 22.62 -24.43
CA SER D 178 27.09 21.30 -24.63
C SER D 178 26.29 20.60 -25.70
N MET D 179 26.92 19.65 -26.38
CA MET D 179 26.27 18.96 -27.47
C MET D 179 26.73 17.51 -27.57
N SER D 180 25.83 16.65 -28.00
CA SER D 180 26.13 15.24 -28.19
C SER D 180 25.82 14.86 -29.62
N SER D 181 26.67 14.06 -30.24
CA SER D 181 26.43 13.64 -31.61
C SER D 181 26.60 12.13 -31.67
N THR D 182 25.58 11.44 -32.16
CA THR D 182 25.57 9.98 -32.20
C THR D 182 25.45 9.50 -33.63
N LEU D 183 26.41 8.69 -34.06
CA LEU D 183 26.36 8.05 -35.37
C LEU D 183 25.96 6.59 -35.17
N THR D 184 24.80 6.21 -35.70
CA THR D 184 24.31 4.85 -35.49
C THR D 184 24.41 4.06 -36.80
N LEU D 185 25.19 2.97 -36.77
CA LEU D 185 25.31 2.03 -37.89
C LEU D 185 24.89 0.63 -37.45
N THR D 186 24.82 -0.29 -38.40
CA THR D 186 24.70 -1.70 -38.07
C THR D 186 26.05 -2.22 -37.58
N LYS D 187 26.02 -3.36 -36.90
CA LYS D 187 27.28 -4.00 -36.51
C LYS D 187 28.10 -4.34 -37.76
N ASP D 188 27.47 -4.91 -38.79
CA ASP D 188 28.24 -5.31 -39.96
C ASP D 188 28.80 -4.10 -40.70
N GLU D 189 28.04 -3.00 -40.79
CA GLU D 189 28.58 -1.78 -41.38
C GLU D 189 29.75 -1.23 -40.58
N TYR D 190 29.61 -1.19 -39.25
CA TYR D 190 30.66 -0.64 -38.38
C TYR D 190 31.96 -1.43 -38.49
N GLU D 191 31.87 -2.74 -38.68
CA GLU D 191 33.05 -3.59 -38.76
C GLU D 191 33.64 -3.67 -40.17
N ARG D 192 33.10 -2.94 -41.13
CA ARG D 192 33.73 -2.87 -42.43
C ARG D 192 34.70 -1.70 -42.53
N HIS D 193 34.87 -0.94 -41.46
CA HIS D 193 35.70 0.25 -41.48
C HIS D 193 36.58 0.29 -40.24
N ASN D 194 37.70 1.02 -40.34
CA ASN D 194 38.68 1.09 -39.26
C ASN D 194 38.66 2.41 -38.50
N SER D 195 38.80 3.55 -39.19
CA SER D 195 38.97 4.84 -38.54
C SER D 195 37.63 5.55 -38.39
N TYR D 196 37.35 6.06 -37.20
CA TYR D 196 36.14 6.84 -36.95
C TYR D 196 36.54 8.15 -36.30
N THR D 197 36.13 9.26 -36.93
CA THR D 197 36.49 10.58 -36.45
C THR D 197 35.34 11.55 -36.26
N CYS D 198 35.41 12.27 -35.14
CA CYS D 198 34.43 13.28 -34.80
C CYS D 198 35.15 14.61 -35.00
N GLU D 199 34.67 15.39 -35.96
CA GLU D 199 35.29 16.67 -36.28
C GLU D 199 34.38 17.86 -35.96
N ALA D 200 34.87 18.77 -35.14
CA ALA D 200 34.09 19.93 -34.74
C ALA D 200 34.68 21.27 -35.15
N THR D 201 33.83 22.13 -35.70
CA THR D 201 34.22 23.47 -36.11
C THR D 201 33.53 24.44 -35.19
N HIS D 202 34.29 25.40 -34.67
CA HIS D 202 33.80 26.37 -33.72
C HIS D 202 34.63 27.63 -33.95
N LYS D 203 34.04 28.79 -33.61
CA LYS D 203 34.68 30.08 -33.84
C LYS D 203 35.99 30.20 -33.07
N THR D 204 36.15 29.39 -32.02
CA THR D 204 37.32 29.31 -31.19
C THR D 204 38.57 28.89 -31.94
N SER D 205 38.46 28.50 -33.21
CA SER D 205 39.64 28.10 -33.96
C SER D 205 39.33 28.02 -35.45
N THR D 206 40.33 28.32 -36.27
CA THR D 206 40.23 28.03 -37.71
C THR D 206 40.19 26.54 -37.97
N SER D 207 41.12 25.81 -37.38
CA SER D 207 41.19 24.37 -37.59
C SER D 207 40.09 23.66 -36.79
N PRO D 208 39.56 22.57 -37.32
CA PRO D 208 38.59 21.80 -36.57
C PRO D 208 39.25 21.05 -35.42
N ILE D 209 38.50 20.87 -34.34
CA ILE D 209 38.89 19.96 -33.28
C ILE D 209 38.54 18.54 -33.72
N VAL D 210 39.52 17.65 -33.66
CA VAL D 210 39.43 16.32 -34.24
C VAL D 210 39.63 15.30 -33.14
N LYS D 211 38.68 14.37 -32.98
CA LYS D 211 38.90 13.22 -32.10
C LYS D 211 38.55 11.96 -32.86
N SER D 212 39.36 10.92 -32.67
CA SER D 212 39.09 9.71 -33.43
C SER D 212 39.62 8.49 -32.67
N PHE D 213 39.16 7.32 -33.11
CA PHE D 213 39.74 6.06 -32.68
C PHE D 213 39.82 5.14 -33.88
N ASN D 214 40.68 4.14 -33.76
CA ASN D 214 40.69 3.02 -34.69
C ASN D 214 40.01 1.83 -34.03
N ARG D 215 39.22 1.11 -34.82
CA ARG D 215 38.51 -0.05 -34.30
C ARG D 215 39.49 -1.11 -33.78
N ASN D 216 40.75 -1.10 -34.24
CA ASN D 216 41.79 -1.94 -33.65
C ASN D 216 41.96 -1.65 -32.16
N VAL E 2 -39.80 38.76 27.39
CA VAL E 2 -40.37 38.23 26.16
C VAL E 2 -39.49 37.09 25.61
N GLN E 3 -40.11 35.95 25.36
CA GLN E 3 -39.41 34.78 24.88
C GLN E 3 -40.35 34.03 23.95
N LEU E 4 -39.78 33.47 22.88
CA LEU E 4 -40.50 32.66 21.91
C LEU E 4 -39.77 31.32 21.84
N GLN E 5 -40.37 30.27 22.37
CA GLN E 5 -39.72 28.96 22.34
C GLN E 5 -40.46 28.07 21.37
N GLN E 6 -39.71 27.48 20.46
CA GLN E 6 -40.25 26.66 19.39
C GLN E 6 -40.06 25.17 19.70
N SER E 7 -40.98 24.35 19.20
CA SER E 7 -40.90 22.90 19.24
C SER E 7 -39.56 22.41 18.68
N GLY E 8 -39.22 21.15 18.99
CA GLY E 8 -37.89 20.65 18.68
C GLY E 8 -37.71 20.21 17.24
N GLY E 9 -36.46 19.95 16.89
CA GLY E 9 -36.13 19.54 15.54
C GLY E 9 -36.85 18.27 15.14
N GLU E 10 -37.19 18.19 13.85
CA GLU E 10 -37.90 17.05 13.30
C GLU E 10 -37.19 16.52 12.06
N LEU E 11 -37.13 15.21 11.96
CA LEU E 11 -36.74 14.50 10.75
C LEU E 11 -37.96 13.72 10.27
N VAL E 12 -38.35 13.93 9.02
CA VAL E 12 -39.52 13.29 8.43
C VAL E 12 -39.18 12.92 6.99
N LYS E 13 -40.00 12.05 6.40
CA LYS E 13 -39.66 11.65 5.04
C LYS E 13 -40.53 12.40 4.03
N PRO E 14 -40.04 12.56 2.78
CA PRO E 14 -40.82 13.26 1.74
C PRO E 14 -42.32 12.92 1.72
N GLY E 15 -43.15 13.92 1.47
CA GLY E 15 -44.59 13.75 1.49
C GLY E 15 -45.24 13.85 2.86
N ALA E 16 -44.45 13.91 3.93
CA ALA E 16 -44.99 13.98 5.28
C ALA E 16 -45.35 15.41 5.65
N SER E 17 -45.80 15.56 6.89
CA SER E 17 -46.37 16.79 7.41
C SER E 17 -45.78 17.07 8.79
N VAL E 18 -45.52 18.34 9.08
CA VAL E 18 -44.98 18.74 10.37
C VAL E 18 -45.89 19.78 10.99
N LYS E 19 -46.16 19.62 12.28
CA LYS E 19 -46.80 20.65 13.09
C LYS E 19 -45.71 21.35 13.90
N LEU E 20 -45.43 22.60 13.57
CA LEU E 20 -44.44 23.39 14.28
C LEU E 20 -45.14 24.28 15.30
N SER E 21 -44.53 24.41 16.48
CA SER E 21 -45.09 25.17 17.57
C SER E 21 -44.14 26.30 17.98
N CYS E 22 -44.70 27.24 18.73
CA CYS E 22 -44.01 28.47 19.08
C CYS E 22 -44.75 29.03 20.30
N LYS E 23 -44.19 28.80 21.49
CA LYS E 23 -44.84 29.18 22.74
C LYS E 23 -44.31 30.53 23.21
N THR E 24 -45.21 31.52 23.30
CA THR E 24 -44.83 32.90 23.59
C THR E 24 -45.04 33.22 25.07
N SER E 25 -44.35 34.28 25.50
CA SER E 25 -44.30 34.70 26.89
C SER E 25 -43.91 36.17 26.98
N GLY E 26 -44.36 36.82 28.05
CA GLY E 26 -43.89 38.14 28.39
C GLY E 26 -44.48 39.27 27.59
N PHE E 27 -45.44 38.99 26.73
CA PHE E 27 -46.14 40.04 25.99
C PHE E 27 -47.57 39.58 25.74
N THR E 28 -48.45 40.56 25.57
CA THR E 28 -49.87 40.29 25.35
C THR E 28 -50.02 39.56 24.03
N PHE E 29 -50.28 38.25 24.12
CA PHE E 29 -50.43 37.43 22.92
C PHE E 29 -51.54 37.96 22.03
N SER E 30 -52.69 38.29 22.62
CA SER E 30 -53.89 38.67 21.88
C SER E 30 -53.72 39.95 21.06
N SER E 31 -52.62 40.66 21.23
CA SER E 31 -52.45 41.97 20.61
C SER E 31 -51.40 41.99 19.52
N SER E 32 -50.83 40.84 19.16
CA SER E 32 -49.61 40.80 18.35
C SER E 32 -49.79 39.94 17.11
N TYR E 33 -48.89 40.14 16.16
CA TYR E 33 -48.76 39.27 15.01
C TYR E 33 -47.68 38.23 15.27
N ILE E 34 -47.87 37.03 14.76
CA ILE E 34 -46.84 36.00 14.75
C ILE E 34 -46.55 35.63 13.29
N SER E 35 -45.29 35.75 12.90
CA SER E 35 -44.84 35.38 11.56
C SER E 35 -44.04 34.09 11.59
N TRP E 36 -44.07 33.39 10.48
CA TRP E 36 -43.29 32.19 10.24
C TRP E 36 -42.41 32.44 9.03
N LEU E 37 -41.17 31.96 9.11
CA LEU E 37 -40.10 32.29 8.19
C LEU E 37 -39.25 31.05 7.97
N LYS E 38 -38.65 30.96 6.79
CA LYS E 38 -37.88 29.81 6.35
C LYS E 38 -36.49 30.31 5.93
N GLN E 39 -35.45 29.55 6.30
CA GLN E 39 -34.10 29.89 5.92
C GLN E 39 -33.29 28.62 5.68
N LYS E 40 -32.81 28.45 4.46
CA LYS E 40 -31.90 27.38 4.10
C LYS E 40 -30.48 27.74 4.50
N PRO E 41 -29.59 26.75 4.66
CA PRO E 41 -28.20 27.07 5.02
C PRO E 41 -27.57 28.05 4.03
N GLY E 42 -26.91 29.07 4.59
CA GLY E 42 -26.13 30.01 3.79
C GLY E 42 -26.93 30.92 2.88
N GLN E 43 -28.24 31.10 3.14
CA GLN E 43 -29.11 31.87 2.27
C GLN E 43 -29.96 32.84 3.11
N SER E 44 -30.68 33.74 2.43
CA SER E 44 -31.48 34.75 3.13
C SER E 44 -32.80 34.16 3.64
N LEU E 45 -33.57 35.00 4.35
CA LEU E 45 -34.85 34.56 4.93
C LEU E 45 -35.96 34.72 3.92
N GLU E 46 -36.96 33.85 4.03
CA GLU E 46 -38.17 33.90 3.21
C GLU E 46 -39.35 33.96 4.18
N TRP E 47 -40.16 34.99 4.04
CA TRP E 47 -41.36 35.10 4.87
C TRP E 47 -42.45 34.17 4.32
N ILE E 48 -43.05 33.38 5.22
CA ILE E 48 -44.06 32.39 4.85
C ILE E 48 -45.47 32.92 5.08
N ALA E 49 -45.75 33.40 6.29
CA ALA E 49 -47.12 33.83 6.65
C ALA E 49 -47.10 34.53 7.99
N TRP E 50 -48.18 35.26 8.27
CA TRP E 50 -48.38 35.79 9.60
C TRP E 50 -49.83 35.54 10.01
N ILE E 51 -50.06 35.55 11.32
CA ILE E 51 -51.38 35.45 11.91
C ILE E 51 -51.48 36.60 12.90
N TYR E 52 -52.64 37.28 12.95
CA TYR E 52 -52.93 38.19 14.06
C TYR E 52 -53.64 37.41 15.15
N ALA E 53 -53.03 37.36 16.33
CA ALA E 53 -53.52 36.46 17.37
C ALA E 53 -54.85 36.92 17.99
N GLY E 54 -55.17 38.21 17.93
CA GLY E 54 -56.42 38.69 18.47
C GLY E 54 -57.62 38.32 17.64
N THR E 55 -57.43 38.05 16.35
CA THR E 55 -58.54 37.63 15.50
C THR E 55 -58.37 36.23 14.92
N GLY E 56 -57.15 35.69 14.88
CA GLY E 56 -56.90 34.49 14.12
C GLY E 56 -56.82 34.69 12.63
N GLY E 57 -56.86 35.93 12.16
CA GLY E 57 -56.73 36.19 10.75
C GLY E 57 -55.31 35.95 10.28
N THR E 58 -55.17 35.60 9.01
CA THR E 58 -53.92 35.12 8.47
C THR E 58 -53.66 35.77 7.13
N GLU E 59 -52.37 35.90 6.80
CA GLU E 59 -51.89 36.35 5.50
C GLU E 59 -50.75 35.44 5.07
N TYR E 60 -50.82 34.93 3.84
CA TYR E 60 -49.88 33.93 3.34
C TYR E 60 -49.13 34.47 2.15
N ASN E 61 -47.81 34.30 2.16
CA ASN E 61 -47.01 34.31 0.93
C ASN E 61 -47.52 33.23 -0.03
N GLN E 62 -47.86 33.62 -1.26
CA GLN E 62 -48.50 32.65 -2.14
C GLN E 62 -47.52 31.64 -2.77
N LYS E 63 -46.21 31.84 -2.63
CA LYS E 63 -45.28 30.76 -2.98
C LYS E 63 -45.44 29.56 -2.05
N PHE E 64 -46.05 29.75 -0.87
CA PHE E 64 -46.24 28.68 0.10
C PHE E 64 -47.70 28.41 0.43
N THR E 65 -48.62 29.20 -0.09
CA THR E 65 -50.03 28.92 0.15
C THR E 65 -50.33 27.49 -0.27
N GLY E 66 -51.25 26.85 0.46
CA GLY E 66 -51.53 25.45 0.26
C GLY E 66 -50.57 24.52 0.98
N LYS E 67 -49.32 24.93 1.14
CA LYS E 67 -48.40 24.12 1.93
C LYS E 67 -48.53 24.41 3.42
N ALA E 68 -48.60 25.69 3.79
CA ALA E 68 -48.58 26.14 5.17
C ALA E 68 -49.99 26.50 5.63
N GLN E 69 -50.30 26.13 6.87
CA GLN E 69 -51.53 26.51 7.57
C GLN E 69 -51.14 26.94 8.98
N VAL E 70 -51.40 28.21 9.32
CA VAL E 70 -51.02 28.80 10.60
C VAL E 70 -52.27 28.99 11.45
N THR E 71 -52.14 28.70 12.75
CA THR E 71 -53.22 28.82 13.72
C THR E 71 -52.66 29.32 15.05
N VAL E 72 -53.52 29.82 15.94
CA VAL E 72 -53.06 30.11 17.29
C VAL E 72 -53.98 29.52 18.34
N ASP E 73 -53.41 29.38 19.54
CA ASP E 73 -54.11 28.92 20.72
C ASP E 73 -54.09 30.04 21.76
N THR E 74 -55.17 30.85 21.78
CA THR E 74 -55.23 32.00 22.67
C THR E 74 -55.19 31.59 24.13
N SER E 75 -55.88 30.49 24.48
CA SER E 75 -55.80 29.92 25.82
C SER E 75 -54.36 29.83 26.31
N SER E 76 -53.42 29.62 25.37
CA SER E 76 -52.11 29.06 25.65
C SER E 76 -50.95 29.93 25.16
N SER E 77 -51.22 31.05 24.48
CA SER E 77 -50.17 31.95 23.98
C SER E 77 -49.20 31.23 23.06
N THR E 78 -49.76 30.39 22.18
CA THR E 78 -48.97 29.55 21.29
C THR E 78 -49.45 29.69 19.85
N ALA E 79 -48.50 29.87 18.93
CA ALA E 79 -48.77 29.81 17.50
C ALA E 79 -48.31 28.47 16.95
N TYR E 80 -48.90 28.09 15.80
CA TYR E 80 -48.64 26.82 15.15
C TYR E 80 -48.50 27.05 13.65
N MET E 81 -47.68 26.24 12.99
CA MET E 81 -47.70 26.16 11.52
C MET E 81 -47.68 24.70 11.10
N GLN E 82 -48.63 24.32 10.23
CA GLN E 82 -48.61 23.01 9.58
C GLN E 82 -47.98 23.17 8.19
N PHE E 83 -46.97 22.37 7.89
CA PHE E 83 -46.25 22.48 6.62
C PHE E 83 -46.33 21.14 5.90
N SER E 84 -47.12 21.11 4.84
CA SER E 84 -47.58 19.88 4.22
C SER E 84 -46.84 19.60 2.90
N SER E 85 -47.01 18.37 2.41
CA SER E 85 -46.41 17.90 1.16
C SER E 85 -44.90 18.20 1.12
N LEU E 86 -44.18 17.59 2.07
CA LEU E 86 -42.81 18.02 2.34
C LEU E 86 -41.85 17.56 1.25
N THR E 87 -40.97 18.48 0.85
CA THR E 87 -39.98 18.30 -0.20
C THR E 87 -38.60 18.36 0.45
N THR E 88 -37.62 17.65 -0.13
CA THR E 88 -36.24 17.83 0.33
C THR E 88 -35.83 19.30 0.24
N GLU E 89 -36.33 20.01 -0.76
CA GLU E 89 -36.17 21.46 -0.85
C GLU E 89 -36.66 22.15 0.43
N ASP E 90 -37.79 21.71 0.97
CA ASP E 90 -38.35 22.33 2.17
C ASP E 90 -37.44 22.18 3.38
N SER E 91 -36.32 21.49 3.27
CA SER E 91 -35.47 21.30 4.44
C SER E 91 -34.69 22.57 4.73
N ALA E 92 -34.81 23.05 5.97
CA ALA E 92 -34.30 24.36 6.36
C ALA E 92 -34.56 24.60 7.84
N ILE E 93 -34.18 25.76 8.35
CA ILE E 93 -34.58 26.16 9.69
C ILE E 93 -35.80 27.05 9.53
N TYR E 94 -36.85 26.77 10.31
CA TYR E 94 -38.05 27.59 10.31
C TYR E 94 -38.12 28.38 11.61
N TYR E 95 -38.40 29.67 11.48
CA TYR E 95 -38.45 30.60 12.59
C TYR E 95 -39.87 31.11 12.78
N CYS E 96 -40.29 31.28 14.02
CA CYS E 96 -41.43 32.14 14.28
C CYS E 96 -40.92 33.41 14.92
N ALA E 97 -41.63 34.52 14.72
CA ALA E 97 -41.19 35.81 15.21
C ALA E 97 -42.42 36.61 15.58
N ARG E 98 -42.26 37.51 16.55
CA ARG E 98 -43.35 38.41 16.94
C ARG E 98 -43.29 39.63 16.03
N GLY E 99 -44.28 39.77 15.18
CA GLY E 99 -44.22 40.81 14.18
C GLY E 99 -44.86 40.35 12.89
N GLY E 100 -45.10 41.29 12.00
CA GLY E 100 -46.03 41.10 10.90
C GLY E 100 -46.71 42.41 10.60
N SER E 101 -47.41 42.44 9.47
CA SER E 101 -48.02 43.68 9.01
C SER E 101 -46.96 44.77 9.01
N SER E 102 -47.30 45.96 9.50
CA SER E 102 -46.32 47.05 9.52
C SER E 102 -45.30 46.90 10.64
N PHE E 103 -45.44 45.91 11.51
CA PHE E 103 -44.68 45.87 12.74
C PHE E 103 -43.43 45.00 12.54
N ALA E 104 -42.27 45.60 12.77
CA ALA E 104 -41.01 44.89 12.67
C ALA E 104 -41.00 43.66 13.57
N MET E 105 -40.36 42.60 13.09
CA MET E 105 -40.22 41.39 13.88
C MET E 105 -39.10 41.62 14.90
N ASP E 106 -39.48 41.96 16.12
CA ASP E 106 -38.51 42.33 17.15
C ASP E 106 -38.08 41.16 18.05
N TYR E 107 -38.88 40.12 18.17
CA TYR E 107 -38.50 38.96 18.96
C TYR E 107 -38.65 37.71 18.11
N TRP E 108 -37.69 36.81 18.24
CA TRP E 108 -37.57 35.63 17.38
C TRP E 108 -37.45 34.39 18.23
N GLY E 109 -38.12 33.32 17.83
CA GLY E 109 -37.87 32.02 18.39
C GLY E 109 -36.47 31.55 18.06
N GLN E 110 -36.04 30.46 18.71
CA GLN E 110 -34.68 29.99 18.46
C GLN E 110 -34.59 29.20 17.16
N GLY E 111 -35.73 28.94 16.52
CA GLY E 111 -35.74 28.22 15.27
C GLY E 111 -36.05 26.76 15.47
N THR E 112 -36.82 26.17 14.56
CA THR E 112 -36.98 24.73 14.51
C THR E 112 -36.27 24.21 13.28
N SER E 113 -35.25 23.40 13.50
CA SER E 113 -34.66 22.62 12.43
C SER E 113 -35.66 21.57 11.95
N VAL E 114 -35.82 21.43 10.64
CA VAL E 114 -36.58 20.32 10.09
C VAL E 114 -35.80 19.78 8.91
N THR E 115 -35.56 18.46 8.92
CA THR E 115 -34.88 17.77 7.85
C THR E 115 -35.85 16.75 7.27
N VAL E 116 -36.10 16.84 5.98
CA VAL E 116 -36.84 15.80 5.28
C VAL E 116 -35.88 15.13 4.32
N SER E 117 -36.00 13.79 4.20
CA SER E 117 -34.90 12.99 3.71
C SER E 117 -35.38 11.57 3.46
N SER E 118 -34.84 10.94 2.43
CA SER E 118 -35.16 9.54 2.14
C SER E 118 -34.28 8.55 2.89
N ALA E 119 -33.14 9.00 3.42
CA ALA E 119 -32.17 8.09 4.00
C ALA E 119 -32.50 7.78 5.45
N SER E 120 -31.89 6.71 5.95
CA SER E 120 -32.15 6.16 7.27
C SER E 120 -31.09 6.60 8.27
N THR E 121 -31.48 6.61 9.55
CA THR E 121 -30.53 6.93 10.60
C THR E 121 -29.36 5.95 10.62
N THR E 122 -28.14 6.49 10.69
CA THR E 122 -26.96 5.68 10.53
C THR E 122 -25.84 6.18 11.44
N PRO E 123 -25.20 5.26 12.19
CA PRO E 123 -24.11 5.71 13.07
C PRO E 123 -22.87 5.98 12.27
N PRO E 124 -22.03 6.91 12.72
CA PRO E 124 -20.80 7.22 11.98
C PRO E 124 -19.73 6.16 12.16
N SER E 125 -18.86 6.06 11.16
CA SER E 125 -17.61 5.34 11.31
C SER E 125 -16.51 6.34 11.59
N VAL E 126 -15.61 6.00 12.52
CA VAL E 126 -14.64 6.94 13.07
C VAL E 126 -13.25 6.43 12.77
N TYR E 127 -12.45 7.24 12.07
CA TYR E 127 -11.14 6.85 11.60
C TYR E 127 -10.08 7.78 12.16
N PRO E 128 -9.06 7.26 12.84
CA PRO E 128 -7.97 8.11 13.33
C PRO E 128 -7.08 8.61 12.20
N LEU E 129 -6.70 9.88 12.29
CA LEU E 129 -5.76 10.49 11.34
C LEU E 129 -4.46 10.77 12.07
N ALA E 130 -3.45 9.96 11.78
CA ALA E 130 -2.20 10.07 12.47
C ALA E 130 -1.11 10.41 11.45
N PRO E 131 -0.14 11.26 11.81
CA PRO E 131 0.84 11.84 10.86
C PRO E 131 1.70 10.83 10.11
N SER E 139 8.19 22.22 18.68
CA SER E 139 7.40 21.76 17.55
C SER E 139 5.99 21.44 18.05
N MET E 140 5.00 21.54 17.17
CA MET E 140 3.64 21.13 17.48
C MET E 140 3.18 20.13 16.44
N VAL E 141 2.34 19.20 16.85
CA VAL E 141 1.86 18.15 15.95
C VAL E 141 0.34 18.22 15.89
N THR E 142 -0.21 17.99 14.69
CA THR E 142 -1.63 18.06 14.43
C THR E 142 -2.13 16.64 14.23
N LEU E 143 -3.11 16.24 15.03
CA LEU E 143 -3.78 14.95 14.89
C LEU E 143 -5.19 15.18 14.36
N GLY E 144 -5.78 14.11 13.81
CA GLY E 144 -7.07 14.25 13.15
C GLY E 144 -8.02 13.10 13.45
N CYS E 145 -9.28 13.34 13.07
CA CYS E 145 -10.37 12.37 13.22
C CYS E 145 -11.31 12.51 12.04
N LEU E 146 -11.47 11.46 11.26
CA LEU E 146 -12.42 11.44 10.15
C LEU E 146 -13.69 10.72 10.61
N VAL E 147 -14.81 11.41 10.54
CA VAL E 147 -16.11 10.91 11.01
C VAL E 147 -17.01 10.82 9.80
N LYS E 148 -17.28 9.60 9.33
CA LYS E 148 -17.79 9.41 7.99
C LYS E 148 -19.04 8.53 8.02
N GLY E 149 -20.00 8.86 7.15
CA GLY E 149 -21.10 7.95 6.86
C GLY E 149 -22.28 7.98 7.81
N TYR E 150 -22.59 9.14 8.37
CA TYR E 150 -23.65 9.20 9.37
C TYR E 150 -24.84 10.00 8.85
N PHE E 151 -26.00 9.75 9.48
CA PHE E 151 -27.22 10.47 9.17
C PHE E 151 -28.21 10.32 10.33
N PRO E 152 -28.93 11.38 10.70
CA PRO E 152 -28.70 12.76 10.26
C PRO E 152 -27.59 13.44 11.06
N GLU E 153 -27.46 14.75 10.90
CA GLU E 153 -26.70 15.58 11.82
C GLU E 153 -27.50 15.77 13.11
N PRO E 154 -26.82 16.13 14.21
CA PRO E 154 -25.40 16.46 14.37
C PRO E 154 -24.50 15.31 14.80
N VAL E 155 -23.20 15.53 14.79
CA VAL E 155 -22.27 14.73 15.58
C VAL E 155 -21.48 15.69 16.46
N THR E 156 -21.18 15.26 17.68
CA THR E 156 -20.32 16.00 18.61
C THR E 156 -18.93 15.35 18.59
N VAL E 157 -17.91 16.15 18.31
CA VAL E 157 -16.53 15.68 18.43
C VAL E 157 -15.88 16.46 19.55
N THR E 158 -15.24 15.72 20.47
CA THR E 158 -14.38 16.31 21.49
C THR E 158 -13.07 15.55 21.50
N TRP E 159 -12.09 16.06 22.25
CA TRP E 159 -10.77 15.46 22.33
C TRP E 159 -10.37 15.26 23.78
N ASN E 160 -9.99 14.04 24.13
CA ASN E 160 -9.70 13.65 25.52
C ASN E 160 -10.81 14.10 26.45
N SER E 161 -12.05 13.71 26.12
CA SER E 161 -13.23 14.02 26.94
C SER E 161 -13.45 15.52 27.09
N GLY E 162 -13.00 16.30 26.12
CA GLY E 162 -13.19 17.74 26.17
C GLY E 162 -12.15 18.51 26.94
N SER E 163 -11.11 17.83 27.44
CA SER E 163 -10.06 18.54 28.16
C SER E 163 -9.23 19.39 27.20
N LEU E 164 -8.73 18.78 26.11
CA LEU E 164 -8.10 19.51 25.02
C LEU E 164 -9.10 20.40 24.29
N SER E 165 -9.28 21.63 24.75
CA SER E 165 -10.17 22.59 24.10
C SER E 165 -9.42 23.55 23.19
N SER E 166 -8.26 24.03 23.62
CA SER E 166 -7.46 24.86 22.74
C SER E 166 -7.00 24.08 21.50
N GLY E 167 -6.85 24.80 20.39
CA GLY E 167 -6.27 24.20 19.20
C GLY E 167 -7.15 23.19 18.48
N VAL E 168 -8.46 23.30 18.60
CA VAL E 168 -9.37 22.35 17.96
C VAL E 168 -10.05 23.05 16.78
N HIS E 169 -10.21 22.32 15.68
CA HIS E 169 -11.03 22.76 14.56
C HIS E 169 -11.93 21.60 14.16
N THR E 170 -13.23 21.81 14.24
CA THR E 170 -14.21 20.88 13.72
C THR E 170 -14.86 21.51 12.50
N PHE E 171 -14.80 20.83 11.38
CA PHE E 171 -15.26 21.41 10.12
C PHE E 171 -16.71 21.02 9.83
N PRO E 172 -17.47 21.85 9.12
CA PRO E 172 -18.88 21.53 8.87
C PRO E 172 -19.02 20.27 8.02
N ALA E 173 -20.07 19.51 8.30
CA ALA E 173 -20.26 18.28 7.55
C ALA E 173 -20.61 18.59 6.11
N VAL E 174 -20.24 17.69 5.23
CA VAL E 174 -20.61 17.76 3.82
C VAL E 174 -21.42 16.51 3.52
N LEU E 175 -22.48 16.65 2.73
CA LEU E 175 -23.37 15.50 2.50
C LEU E 175 -22.89 14.76 1.26
N GLN E 176 -22.10 13.71 1.49
CA GLN E 176 -21.53 12.86 0.46
C GLN E 176 -22.29 11.54 0.44
N SER E 177 -23.02 11.28 -0.66
CA SER E 177 -23.67 9.98 -0.90
C SER E 177 -24.92 9.81 -0.04
N ASP E 178 -25.65 10.90 0.16
CA ASP E 178 -26.81 10.93 1.07
C ASP E 178 -26.42 10.55 2.49
N LEU E 179 -25.17 10.85 2.84
CA LEU E 179 -24.63 10.62 4.18
C LEU E 179 -23.63 11.74 4.46
N TYR E 180 -23.41 12.03 5.73
CA TYR E 180 -22.50 13.10 6.11
C TYR E 180 -21.09 12.58 6.34
N THR E 181 -20.11 13.44 6.04
CA THR E 181 -18.73 13.25 6.42
C THR E 181 -18.21 14.56 6.98
N LEU E 182 -17.49 14.49 8.08
CA LEU E 182 -16.71 15.64 8.52
C LEU E 182 -15.41 15.15 9.13
N SER E 183 -14.52 16.08 9.39
CA SER E 183 -13.27 15.77 10.06
C SER E 183 -13.03 16.84 11.12
N SER E 184 -12.23 16.47 12.10
CA SER E 184 -11.84 17.36 13.19
C SER E 184 -10.34 17.27 13.34
N SER E 185 -9.70 18.41 13.61
CA SER E 185 -8.27 18.42 13.89
C SER E 185 -8.01 19.04 15.26
N VAL E 186 -6.88 18.64 15.85
CA VAL E 186 -6.44 19.13 17.14
C VAL E 186 -4.92 19.27 17.07
N THR E 187 -4.39 20.31 17.70
CA THR E 187 -2.94 20.58 17.69
C THR E 187 -2.44 20.57 19.13
N VAL E 188 -1.35 19.84 19.36
CA VAL E 188 -0.85 19.58 20.70
C VAL E 188 0.67 19.67 20.68
N PRO E 189 1.30 19.95 21.83
CA PRO E 189 2.76 20.03 21.86
C PRO E 189 3.41 18.71 21.48
N SER E 190 4.42 18.79 20.62
CA SER E 190 5.22 17.69 20.11
C SER E 190 5.60 16.61 21.12
N SER E 191 5.80 16.97 22.40
CA SER E 191 6.21 15.99 23.40
C SER E 191 5.07 15.51 24.27
N THR E 192 3.86 15.90 23.88
CA THR E 192 2.59 15.54 24.53
C THR E 192 1.89 14.47 23.69
N TRP E 193 2.65 13.84 22.80
CA TRP E 193 2.20 12.79 21.85
C TRP E 193 3.43 12.29 21.06
N PRO E 194 3.61 10.98 20.81
CA PRO E 194 2.71 9.93 21.27
C PRO E 194 3.05 9.37 22.65
N SER E 195 3.52 10.22 23.57
CA SER E 195 3.85 9.78 24.95
C SER E 195 2.62 10.00 25.84
N GLU E 196 1.81 11.00 25.51
CA GLU E 196 0.58 11.32 26.28
C GLU E 196 -0.65 11.01 25.41
N THR E 197 -1.34 9.91 25.75
CA THR E 197 -2.55 9.41 25.03
C THR E 197 -3.48 10.53 24.58
N VAL E 198 -3.84 10.55 23.29
CA VAL E 198 -4.81 11.51 22.69
C VAL E 198 -5.97 10.67 22.14
N THR E 199 -7.22 11.09 22.37
CA THR E 199 -8.38 10.29 22.02
C THR E 199 -9.47 11.18 21.45
N CYS E 200 -10.01 10.74 20.33
CA CYS E 200 -11.12 11.39 19.66
C CYS E 200 -12.44 10.82 20.19
N ASN E 201 -13.29 11.69 20.75
CA ASN E 201 -14.61 11.30 21.25
C ASN E 201 -15.69 11.79 20.29
N VAL E 202 -16.46 10.87 19.74
CA VAL E 202 -17.49 11.20 18.76
C VAL E 202 -18.83 10.72 19.28
N ALA E 203 -19.81 11.62 19.33
CA ALA E 203 -21.13 11.27 19.79
C ALA E 203 -22.14 11.59 18.70
N HIS E 204 -23.10 10.68 18.51
CA HIS E 204 -24.14 10.83 17.50
C HIS E 204 -25.50 10.60 18.16
N PRO E 205 -26.26 11.66 18.44
CA PRO E 205 -27.49 11.49 19.24
C PRO E 205 -28.56 10.68 18.52
N ALA E 206 -28.71 10.89 17.21
CA ALA E 206 -29.77 10.23 16.44
C ALA E 206 -29.61 8.70 16.42
N SER E 207 -28.40 8.18 16.61
CA SER E 207 -28.19 6.74 16.75
C SER E 207 -27.86 6.32 18.17
N SER E 208 -27.84 7.26 19.12
CA SER E 208 -27.37 7.06 20.49
C SER E 208 -26.10 6.18 20.56
N THR E 209 -25.04 6.65 19.90
CA THR E 209 -23.72 6.02 19.96
C THR E 209 -22.64 7.03 20.34
N LYS E 210 -21.82 6.69 21.32
CA LYS E 210 -20.52 7.32 21.53
C LYS E 210 -19.44 6.37 21.08
N VAL E 211 -18.41 6.92 20.42
CA VAL E 211 -17.28 6.15 19.95
C VAL E 211 -16.01 6.89 20.35
N ASP E 212 -15.07 6.18 20.93
CA ASP E 212 -13.78 6.74 21.32
C ASP E 212 -12.68 6.05 20.52
N LYS E 213 -11.84 6.86 19.88
CA LYS E 213 -10.75 6.34 19.07
C LYS E 213 -9.47 7.00 19.54
N LYS E 214 -8.57 6.20 20.11
CA LYS E 214 -7.24 6.70 20.43
C LYS E 214 -6.40 6.85 19.17
N ILE E 215 -5.80 8.01 18.98
CA ILE E 215 -4.83 8.21 17.91
C ILE E 215 -3.50 7.61 18.36
N VAL E 216 -3.04 6.58 17.65
CA VAL E 216 -1.76 5.96 17.96
C VAL E 216 -0.92 5.97 16.69
N PRO E 217 0.41 6.04 16.81
CA PRO E 217 1.24 6.20 15.61
C PRO E 217 1.22 4.96 14.72
N ARG E 218 1.39 5.20 13.43
CA ARG E 218 1.36 4.15 12.43
C ARG E 218 2.62 3.29 12.44
N GLN F 1 -43.61 41.69 -6.18
CA GLN F 1 -42.91 41.41 -4.93
C GLN F 1 -41.62 42.23 -4.87
N LEU F 2 -41.52 43.07 -3.84
CA LEU F 2 -40.38 43.96 -3.70
C LEU F 2 -39.10 43.15 -3.61
N VAL F 3 -38.08 43.59 -4.32
CA VAL F 3 -36.75 42.96 -4.30
C VAL F 3 -35.77 43.96 -3.70
N LEU F 4 -34.99 43.51 -2.72
CA LEU F 4 -34.01 44.35 -2.05
C LEU F 4 -32.62 43.91 -2.47
N THR F 5 -31.84 44.84 -3.02
CA THR F 5 -30.50 44.58 -3.51
C THR F 5 -29.51 45.19 -2.51
N GLN F 6 -28.73 44.34 -1.85
CA GLN F 6 -27.74 44.76 -0.88
C GLN F 6 -26.37 44.85 -1.52
N SER F 7 -25.53 45.76 -0.99
CA SER F 7 -24.14 45.81 -1.43
C SER F 7 -23.28 46.44 -0.36
N PRO F 8 -22.04 45.95 -0.16
CA PRO F 8 -21.52 44.80 -0.91
C PRO F 8 -22.14 43.49 -0.44
N ALA F 9 -21.79 42.38 -1.07
CA ALA F 9 -22.17 41.10 -0.51
C ALA F 9 -21.24 40.68 0.61
N SER F 10 -20.07 41.30 0.71
CA SER F 10 -19.07 40.98 1.71
C SER F 10 -18.18 42.20 1.90
N LEU F 11 -17.84 42.49 3.15
CA LEU F 11 -16.84 43.50 3.44
C LEU F 11 -16.13 43.12 4.72
N ALA F 12 -14.87 43.52 4.81
CA ALA F 12 -14.01 43.28 5.94
C ALA F 12 -13.64 44.62 6.56
N VAL F 13 -13.77 44.72 7.89
CA VAL F 13 -13.56 45.98 8.60
C VAL F 13 -12.67 45.73 9.80
N SER F 14 -11.70 46.61 10.00
CA SER F 14 -10.84 46.54 11.18
C SER F 14 -11.56 47.10 12.39
N LEU F 15 -11.14 46.65 13.58
CA LEU F 15 -11.69 47.17 14.84
C LEU F 15 -11.60 48.68 14.85
N GLY F 16 -12.67 49.32 15.31
CA GLY F 16 -12.73 50.76 15.42
C GLY F 16 -13.15 51.50 14.17
N GLN F 17 -13.21 50.84 13.02
CA GLN F 17 -13.54 51.50 11.76
C GLN F 17 -15.04 51.39 11.44
N ARG F 18 -15.43 51.81 10.23
CA ARG F 18 -16.82 52.00 9.86
C ARG F 18 -17.25 50.98 8.83
N ALA F 19 -18.37 50.32 9.09
CA ALA F 19 -19.00 49.44 8.11
C ALA F 19 -20.20 50.17 7.50
N THR F 20 -20.25 50.18 6.17
CA THR F 20 -21.34 50.82 5.45
C THR F 20 -21.96 49.79 4.54
N ILE F 21 -23.22 49.47 4.82
CA ILE F 21 -24.01 48.53 4.06
C ILE F 21 -25.22 49.30 3.54
N SER F 22 -25.53 49.16 2.27
CA SER F 22 -26.68 49.85 1.70
C SER F 22 -27.64 48.86 1.09
N CYS F 23 -28.90 49.26 1.01
CA CYS F 23 -30.00 48.43 0.56
C CYS F 23 -30.79 49.22 -0.46
N ARG F 24 -31.06 48.62 -1.60
CA ARG F 24 -31.82 49.29 -2.65
C ARG F 24 -33.11 48.52 -2.89
N ALA F 25 -34.23 49.23 -2.82
CA ALA F 25 -35.55 48.67 -3.02
C ALA F 25 -36.02 48.97 -4.44
N SER F 26 -36.61 47.97 -5.09
CA SER F 26 -37.04 48.15 -6.49
C SER F 26 -38.19 49.15 -6.60
N GLU F 27 -38.96 49.34 -5.52
CA GLU F 27 -39.94 50.40 -5.41
C GLU F 27 -39.75 51.08 -4.07
N SER F 28 -40.65 52.00 -3.73
CA SER F 28 -40.53 52.77 -2.50
C SER F 28 -41.18 52.02 -1.33
N VAL F 29 -40.44 51.89 -0.22
CA VAL F 29 -40.98 51.30 0.99
C VAL F 29 -41.62 52.35 1.90
N ASP F 30 -41.69 53.60 1.47
CA ASP F 30 -42.38 54.62 2.24
C ASP F 30 -43.88 54.41 2.18
N ASN F 31 -44.55 54.64 3.31
CA ASN F 31 -45.99 54.80 3.33
C ASN F 31 -46.39 55.49 4.62
N TYR F 32 -47.34 56.43 4.51
CA TYR F 32 -47.75 57.26 5.63
C TYR F 32 -46.57 58.07 6.16
N GLY F 33 -45.65 58.41 5.26
CA GLY F 33 -44.44 59.11 5.66
C GLY F 33 -43.61 58.35 6.66
N ILE F 34 -43.73 57.03 6.68
CA ILE F 34 -42.85 56.13 7.42
C ILE F 34 -42.15 55.22 6.43
N SER F 35 -40.82 55.09 6.55
CA SER F 35 -40.09 54.13 5.74
C SER F 35 -40.08 52.79 6.46
N PHE F 36 -40.74 51.78 5.89
CA PHE F 36 -40.87 50.48 6.57
C PHE F 36 -39.70 49.58 6.19
N MET F 37 -38.53 49.98 6.68
CA MET F 37 -37.27 49.33 6.35
C MET F 37 -36.59 48.97 7.67
N ASN F 38 -36.26 47.69 7.85
CA ASN F 38 -35.67 47.18 9.08
C ASN F 38 -34.35 46.50 8.75
N TRP F 39 -33.44 46.48 9.72
CA TRP F 39 -32.16 45.80 9.57
C TRP F 39 -31.99 44.74 10.63
N PHE F 40 -31.42 43.59 10.21
CA PHE F 40 -31.22 42.44 11.06
C PHE F 40 -29.76 42.03 11.03
N GLN F 41 -29.28 41.59 12.19
CA GLN F 41 -27.99 40.94 12.31
C GLN F 41 -28.20 39.48 12.67
N GLN F 42 -27.49 38.58 11.97
CA GLN F 42 -27.55 37.15 12.26
C GLN F 42 -26.13 36.60 12.30
N LYS F 43 -25.69 36.13 13.49
CA LYS F 43 -24.44 35.40 13.65
C LYS F 43 -24.64 33.92 13.39
N PRO F 44 -23.58 33.19 13.04
CA PRO F 44 -23.72 31.75 12.79
C PRO F 44 -24.47 31.03 13.90
N GLY F 45 -25.36 30.11 13.50
CA GLY F 45 -26.10 29.30 14.43
C GLY F 45 -27.14 30.02 15.27
N GLN F 46 -27.38 31.31 15.04
CA GLN F 46 -28.37 32.01 15.85
C GLN F 46 -29.52 32.49 14.96
N PRO F 47 -30.65 32.87 15.55
CA PRO F 47 -31.70 33.53 14.75
C PRO F 47 -31.30 34.94 14.37
N PRO F 48 -32.10 35.61 13.54
CA PRO F 48 -31.90 37.06 13.35
C PRO F 48 -32.22 37.84 14.62
N LYS F 49 -31.54 38.98 14.77
CA LYS F 49 -31.78 39.96 15.83
C LYS F 49 -32.13 41.29 15.17
N LEU F 50 -33.24 41.88 15.60
CA LEU F 50 -33.62 43.19 15.08
C LEU F 50 -32.65 44.25 15.59
N LEU F 51 -32.02 44.99 14.67
CA LEU F 51 -31.14 46.11 14.99
C LEU F 51 -31.82 47.46 14.82
N ILE F 52 -32.48 47.66 13.68
CA ILE F 52 -33.09 48.93 13.33
C ILE F 52 -34.47 48.66 12.76
N HIS F 53 -35.45 49.47 13.17
CA HIS F 53 -36.80 49.44 12.61
C HIS F 53 -37.18 50.81 12.06
N THR F 54 -38.09 50.79 11.08
CA THR F 54 -38.58 51.98 10.40
C THR F 54 -37.45 52.97 10.11
N ALA F 55 -36.39 52.42 9.50
CA ALA F 55 -35.28 53.13 8.85
C ALA F 55 -34.23 53.64 9.83
N SER F 56 -34.67 54.27 10.91
CA SER F 56 -33.78 55.08 11.73
C SER F 56 -33.86 54.78 13.21
N ASN F 57 -34.73 53.87 13.65
CA ASN F 57 -35.00 53.69 15.07
C ASN F 57 -34.28 52.45 15.59
N GLN F 58 -33.66 52.59 16.75
CA GLN F 58 -32.90 51.48 17.32
C GLN F 58 -33.84 50.40 17.84
N GLY F 59 -33.55 49.15 17.47
CA GLY F 59 -34.13 48.05 18.21
C GLY F 59 -33.81 48.15 19.69
N SER F 60 -34.67 47.53 20.49
CA SER F 60 -34.51 47.55 21.94
C SER F 60 -33.15 46.98 22.33
N GLY F 61 -32.36 47.79 23.03
CA GLY F 61 -31.04 47.39 23.48
C GLY F 61 -29.96 47.38 22.42
N VAL F 62 -30.18 47.99 21.27
CA VAL F 62 -29.18 48.07 20.22
C VAL F 62 -28.39 49.37 20.42
N PRO F 63 -27.07 49.31 20.58
CA PRO F 63 -26.28 50.52 20.89
C PRO F 63 -26.22 51.48 19.71
N ALA F 64 -25.75 52.70 19.99
CA ALA F 64 -25.88 53.76 19.02
C ALA F 64 -24.89 53.60 17.86
N ARG F 65 -23.84 52.79 18.03
CA ARG F 65 -22.92 52.53 16.93
C ARG F 65 -23.61 51.91 15.71
N PHE F 66 -24.76 51.25 15.91
CA PHE F 66 -25.62 50.79 14.83
C PHE F 66 -26.59 51.92 14.48
N SER F 67 -26.47 52.46 13.27
CA SER F 67 -27.32 53.59 12.89
C SER F 67 -27.86 53.37 11.49
N GLY F 68 -29.18 53.38 11.36
CA GLY F 68 -29.83 53.31 10.06
C GLY F 68 -30.23 54.68 9.55
N SER F 69 -30.23 54.82 8.23
CA SER F 69 -30.61 56.07 7.60
C SER F 69 -31.16 55.76 6.21
N GLY F 70 -31.68 56.78 5.57
CA GLY F 70 -32.19 56.66 4.22
C GLY F 70 -33.69 56.94 4.15
N SER F 71 -34.20 56.78 2.93
CA SER F 71 -35.55 57.19 2.55
C SER F 71 -35.93 56.48 1.26
N GLY F 72 -37.23 56.36 1.01
CA GLY F 72 -37.71 55.84 -0.26
C GLY F 72 -37.17 54.49 -0.69
N THR F 73 -36.19 54.50 -1.59
CA THR F 73 -35.61 53.27 -2.12
C THR F 73 -34.16 53.04 -1.69
N ASP F 74 -33.51 54.06 -1.13
CA ASP F 74 -32.11 53.98 -0.73
C ASP F 74 -32.01 54.04 0.79
N PHE F 75 -31.47 52.99 1.37
CA PHE F 75 -31.28 52.94 2.82
C PHE F 75 -29.87 52.45 3.10
N SER F 76 -29.34 52.84 4.26
CA SER F 76 -28.02 52.36 4.65
C SER F 76 -27.96 52.08 6.15
N LEU F 77 -27.17 51.05 6.46
CA LEU F 77 -26.82 50.74 7.83
C LEU F 77 -25.35 51.11 8.04
N ASN F 78 -25.08 51.86 9.10
CA ASN F 78 -23.72 52.22 9.47
C ASN F 78 -23.40 51.61 10.80
N ILE F 79 -22.25 50.96 10.88
CA ILE F 79 -21.72 50.41 12.11
C ILE F 79 -20.41 51.16 12.38
N HIS F 80 -20.34 51.83 13.53
CA HIS F 80 -19.15 52.64 13.86
C HIS F 80 -19.19 53.07 15.33
N PRO F 81 -18.24 52.60 16.16
CA PRO F 81 -17.10 51.74 15.79
C PRO F 81 -17.48 50.27 15.59
N VAL F 82 -16.70 49.55 14.81
CA VAL F 82 -16.88 48.11 14.68
C VAL F 82 -16.15 47.43 15.84
N GLU F 83 -16.81 46.46 16.48
CA GLU F 83 -16.25 45.64 17.54
C GLU F 83 -16.21 44.19 17.08
N ASP F 84 -15.51 43.35 17.82
CA ASP F 84 -15.19 42.08 17.19
C ASP F 84 -16.34 41.08 17.25
N ASP F 85 -17.36 41.31 18.06
CA ASP F 85 -18.55 40.45 18.00
C ASP F 85 -19.54 40.89 16.92
N ASP F 86 -19.17 41.87 16.09
CA ASP F 86 -20.03 42.30 15.00
C ASP F 86 -19.93 41.39 13.78
N THR F 87 -19.04 40.40 13.81
CA THR F 87 -18.87 39.52 12.66
C THR F 87 -20.13 38.68 12.47
N ALA F 88 -20.77 38.84 11.32
CA ALA F 88 -22.17 38.48 11.22
C ALA F 88 -22.64 38.77 9.81
N MET F 89 -23.77 38.17 9.45
CA MET F 89 -24.50 38.56 8.27
C MET F 89 -25.54 39.61 8.66
N TYR F 90 -25.77 40.56 7.78
CA TYR F 90 -26.70 41.66 7.99
C TYR F 90 -27.70 41.65 6.85
N PHE F 91 -28.98 41.79 7.19
CA PHE F 91 -30.06 41.77 6.22
C PHE F 91 -30.88 43.04 6.37
N CYS F 92 -31.32 43.58 5.23
CA CYS F 92 -32.39 44.56 5.23
C CYS F 92 -33.70 43.82 4.94
N GLN F 93 -34.82 44.50 5.20
CA GLN F 93 -36.10 43.84 5.15
C GLN F 93 -37.19 44.91 5.14
N GLN F 94 -38.08 44.83 4.15
CA GLN F 94 -39.13 45.81 3.99
C GLN F 94 -40.44 45.27 4.54
N SER F 95 -41.22 46.15 5.18
CA SER F 95 -42.53 45.78 5.69
C SER F 95 -43.59 46.74 5.16
N GLU F 96 -43.41 47.22 3.92
CA GLU F 96 -44.38 48.11 3.30
C GLU F 96 -45.49 47.35 2.56
N GLU F 97 -45.16 46.24 1.92
CA GLU F 97 -46.18 45.48 1.23
C GLU F 97 -45.93 43.99 1.38
N VAL F 98 -46.98 43.21 1.15
CA VAL F 98 -46.93 41.75 1.18
C VAL F 98 -46.54 41.29 -0.22
N PRO F 99 -45.70 40.25 -0.36
CA PRO F 99 -45.09 39.51 0.75
C PRO F 99 -43.93 40.28 1.33
N LEU F 100 -43.81 40.30 2.67
CA LEU F 100 -42.58 40.76 3.29
C LEU F 100 -41.39 40.07 2.64
N THR F 101 -40.30 40.82 2.45
CA THR F 101 -39.11 40.30 1.79
C THR F 101 -37.85 40.86 2.42
N PHE F 102 -36.77 40.09 2.30
CA PHE F 102 -35.44 40.40 2.81
C PHE F 102 -34.48 40.67 1.66
N GLY F 103 -33.34 41.26 1.99
CA GLY F 103 -32.25 41.32 1.03
C GLY F 103 -31.49 40.01 0.98
N ALA F 104 -30.60 39.91 -0.01
CA ALA F 104 -29.74 38.75 -0.11
C ALA F 104 -28.80 38.63 1.07
N GLY F 105 -28.50 39.72 1.74
CA GLY F 105 -27.64 39.60 2.90
C GLY F 105 -26.23 40.09 2.62
N THR F 106 -25.56 40.56 3.68
CA THR F 106 -24.20 41.08 3.61
C THR F 106 -23.41 40.45 4.74
N LYS F 107 -22.29 39.80 4.40
CA LYS F 107 -21.35 39.24 5.37
C LYS F 107 -20.34 40.30 5.80
N LEU F 108 -20.23 40.49 7.10
CA LEU F 108 -19.25 41.39 7.69
C LEU F 108 -18.24 40.54 8.44
N GLU F 109 -16.96 40.68 8.09
CA GLU F 109 -15.89 39.98 8.77
C GLU F 109 -14.89 41.00 9.28
N ILE F 110 -14.20 40.66 10.36
CA ILE F 110 -13.17 41.53 10.89
C ILE F 110 -11.90 41.35 10.08
N LYS F 111 -11.33 42.45 9.60
CA LYS F 111 -10.04 42.43 8.91
C LYS F 111 -8.93 42.46 9.94
N ARG F 112 -8.21 41.36 10.07
CA ARG F 112 -7.03 41.27 10.91
C ARG F 112 -5.78 41.26 10.04
N THR F 113 -4.63 41.18 10.69
CA THR F 113 -3.38 41.03 9.94
C THR F 113 -3.34 39.65 9.28
N ASP F 114 -2.66 39.58 8.14
CA ASP F 114 -2.55 38.32 7.40
C ASP F 114 -1.88 37.23 8.23
N ALA F 115 -2.17 35.99 7.83
CA ALA F 115 -1.72 34.80 8.56
C ALA F 115 -1.63 33.62 7.59
N ALA F 116 -0.44 33.04 7.45
CA ALA F 116 -0.29 31.91 6.55
C ALA F 116 -0.98 30.68 7.15
N PRO F 117 -1.46 29.78 6.30
CA PRO F 117 -2.05 28.54 6.82
C PRO F 117 -0.99 27.61 7.38
N THR F 118 -1.40 26.79 8.35
CA THR F 118 -0.59 25.67 8.81
C THR F 118 -1.13 24.41 8.15
N VAL F 119 -0.32 23.80 7.28
CA VAL F 119 -0.80 22.70 6.45
C VAL F 119 -0.30 21.39 7.03
N SER F 120 -1.16 20.37 7.01
CA SER F 120 -0.78 19.01 7.35
C SER F 120 -1.60 18.03 6.52
N ILE F 121 -0.97 16.91 6.18
CA ILE F 121 -1.53 15.90 5.29
C ILE F 121 -1.54 14.57 6.03
N PHE F 122 -2.61 13.80 5.84
CA PHE F 122 -2.77 12.54 6.57
C PHE F 122 -3.14 11.45 5.57
N PRO F 123 -2.45 10.31 5.60
CA PRO F 123 -2.85 9.18 4.77
C PRO F 123 -4.11 8.54 5.32
N PRO F 124 -4.84 7.81 4.49
CA PRO F 124 -5.96 7.01 5.01
C PRO F 124 -5.51 6.10 6.14
N SER F 125 -6.35 6.00 7.16
CA SER F 125 -6.10 5.08 8.24
C SER F 125 -6.23 3.64 7.74
N SER F 126 -5.58 2.72 8.47
CA SER F 126 -5.68 1.31 8.11
C SER F 126 -7.09 0.79 8.32
N GLU F 127 -7.81 1.35 9.30
CA GLU F 127 -9.20 0.99 9.52
C GLU F 127 -10.04 1.31 8.31
N GLN F 128 -9.85 2.48 7.71
CA GLN F 128 -10.66 2.82 6.56
C GLN F 128 -10.34 1.90 5.38
N LEU F 129 -9.07 1.51 5.24
CA LEU F 129 -8.74 0.64 4.11
C LEU F 129 -9.47 -0.69 4.21
N THR F 130 -9.74 -1.21 5.42
CA THR F 130 -10.43 -2.50 5.49
C THR F 130 -11.89 -2.40 5.07
N SER F 131 -12.45 -1.18 5.01
CA SER F 131 -13.81 -1.01 4.53
C SER F 131 -13.88 -0.74 3.03
N GLY F 132 -12.74 -0.56 2.37
CA GLY F 132 -12.68 -0.51 0.92
C GLY F 132 -12.39 0.85 0.33
N GLY F 133 -12.56 1.94 1.09
CA GLY F 133 -12.24 3.27 0.63
C GLY F 133 -10.93 3.82 1.22
N ALA F 134 -10.56 5.00 0.75
CA ALA F 134 -9.32 5.65 1.18
C ALA F 134 -9.47 7.16 1.05
N SER F 135 -9.61 7.85 2.18
CA SER F 135 -9.61 9.31 2.21
C SER F 135 -8.24 9.82 2.65
N VAL F 136 -7.61 10.64 1.80
CA VAL F 136 -6.45 11.43 2.19
C VAL F 136 -6.95 12.80 2.64
N VAL F 137 -6.57 13.19 3.86
CA VAL F 137 -7.08 14.44 4.43
C VAL F 137 -5.93 15.45 4.52
N CYS F 138 -6.23 16.70 4.14
CA CYS F 138 -5.29 17.82 4.28
C CYS F 138 -5.96 18.93 5.06
N PHE F 139 -5.39 19.30 6.19
CA PHE F 139 -5.88 20.42 6.99
C PHE F 139 -5.06 21.67 6.66
N LEU F 140 -5.72 22.80 6.58
CA LEU F 140 -5.09 24.09 6.34
C LEU F 140 -5.71 25.03 7.35
N ASN F 141 -4.96 25.34 8.40
CA ASN F 141 -5.53 25.88 9.62
C ASN F 141 -5.02 27.29 9.92
N ASN F 142 -5.94 28.15 10.40
CA ASN F 142 -5.66 29.46 10.99
C ASN F 142 -5.02 30.42 9.99
N PHE F 143 -5.68 30.61 8.85
CA PHE F 143 -5.13 31.52 7.86
C PHE F 143 -6.01 32.75 7.69
N TYR F 144 -5.43 33.76 7.05
CA TYR F 144 -6.14 35.00 6.81
C TYR F 144 -5.45 35.76 5.69
N PRO F 145 -6.21 36.29 4.71
CA PRO F 145 -7.67 36.14 4.55
C PRO F 145 -8.17 34.75 4.09
N LYS F 146 -9.46 34.72 3.79
CA LYS F 146 -10.15 33.49 3.45
C LYS F 146 -9.78 32.95 2.07
N ASP F 147 -9.24 33.80 1.19
CA ASP F 147 -8.89 33.39 -0.16
C ASP F 147 -7.74 32.38 -0.14
N ILE F 148 -7.98 31.16 -0.65
CA ILE F 148 -6.97 30.09 -0.61
C ILE F 148 -7.31 29.08 -1.69
N ASN F 149 -6.28 28.44 -2.23
CA ASN F 149 -6.51 27.33 -3.13
C ASN F 149 -5.72 26.10 -2.69
N VAL F 150 -6.35 24.93 -2.77
CA VAL F 150 -5.68 23.66 -2.54
C VAL F 150 -5.63 22.90 -3.84
N LYS F 151 -4.48 22.35 -4.16
CA LYS F 151 -4.34 21.51 -5.34
C LYS F 151 -3.75 20.17 -4.91
N TRP F 152 -4.37 19.09 -5.34
CA TRP F 152 -3.93 17.73 -5.03
C TRP F 152 -3.12 17.18 -6.19
N LYS F 153 -2.06 16.44 -5.86
CA LYS F 153 -1.22 15.77 -6.84
C LYS F 153 -1.00 14.33 -6.42
N ILE F 154 -1.09 13.44 -7.41
CA ILE F 154 -0.83 12.03 -7.22
C ILE F 154 0.30 11.66 -8.16
N ASP F 155 1.45 11.26 -7.61
CA ASP F 155 2.65 10.97 -8.40
C ASP F 155 3.04 12.12 -9.32
N GLY F 156 2.60 13.34 -8.98
CA GLY F 156 3.04 14.54 -9.69
C GLY F 156 2.03 15.11 -10.65
N SER F 157 0.95 14.41 -10.95
CA SER F 157 -0.12 14.90 -11.81
C SER F 157 -1.26 15.44 -10.96
N GLU F 158 -1.83 16.56 -11.40
CA GLU F 158 -2.95 17.13 -10.68
C GLU F 158 -4.12 16.17 -10.68
N ARG F 159 -4.68 15.96 -9.49
CA ARG F 159 -5.92 15.21 -9.32
C ARG F 159 -7.03 16.21 -9.03
N GLN F 160 -8.19 16.01 -9.65
CA GLN F 160 -9.26 16.97 -9.57
C GLN F 160 -10.57 16.36 -9.09
N ASN F 161 -10.78 15.08 -9.40
CA ASN F 161 -11.98 14.39 -8.97
C ASN F 161 -11.79 13.79 -7.59
N GLY F 162 -12.86 13.81 -6.79
CA GLY F 162 -12.84 13.20 -5.49
C GLY F 162 -12.36 14.10 -4.38
N VAL F 163 -12.23 15.41 -4.63
CA VAL F 163 -11.77 16.39 -3.65
C VAL F 163 -12.97 17.18 -3.13
N LEU F 164 -13.23 17.07 -1.83
CA LEU F 164 -14.28 17.83 -1.19
C LEU F 164 -13.67 18.73 -0.13
N ASN F 165 -13.99 20.02 -0.21
CA ASN F 165 -13.47 21.05 0.70
C ASN F 165 -14.56 21.51 1.67
N SER F 166 -14.13 21.85 2.89
CA SER F 166 -15.01 22.41 3.92
C SER F 166 -14.25 23.46 4.71
N TRP F 167 -14.93 24.59 4.95
CA TRP F 167 -14.33 25.78 5.57
C TRP F 167 -15.00 26.08 6.89
N THR F 168 -14.24 26.53 7.86
CA THR F 168 -14.87 27.10 9.04
C THR F 168 -15.17 28.57 8.79
N ASP F 169 -16.19 29.06 9.48
CA ASP F 169 -16.40 30.50 9.50
C ASP F 169 -15.28 31.16 10.29
N GLN F 170 -15.22 32.49 10.20
CA GLN F 170 -14.21 33.24 10.92
C GLN F 170 -14.26 32.94 12.42
N ASP F 171 -13.10 32.57 12.97
CA ASP F 171 -13.02 32.24 14.38
C ASP F 171 -13.17 33.50 15.23
N SER F 172 -13.95 33.41 16.31
CA SER F 172 -14.15 34.57 17.19
C SER F 172 -12.94 34.84 18.08
N LYS F 173 -12.04 33.87 18.23
CA LYS F 173 -10.82 34.08 19.01
C LYS F 173 -9.79 34.92 18.25
N ASP F 174 -9.27 34.37 17.16
CA ASP F 174 -8.15 34.94 16.41
C ASP F 174 -8.56 35.61 15.11
N SER F 175 -9.82 35.46 14.69
CA SER F 175 -10.35 36.01 13.44
C SER F 175 -9.75 35.35 12.21
N THR F 176 -9.34 34.08 12.31
CA THR F 176 -8.82 33.34 11.17
C THR F 176 -9.77 32.23 10.74
N TYR F 177 -9.56 31.77 9.51
CA TYR F 177 -10.30 30.66 8.94
C TYR F 177 -9.47 29.39 8.94
N SER F 178 -10.16 28.25 8.97
CA SER F 178 -9.52 26.97 8.67
C SER F 178 -10.32 26.25 7.60
N MET F 179 -9.67 25.31 6.94
CA MET F 179 -10.29 24.60 5.84
C MET F 179 -9.73 23.18 5.81
N SER F 180 -10.59 22.21 5.50
CA SER F 180 -10.15 20.84 5.27
C SER F 180 -10.39 20.47 3.82
N SER F 181 -9.48 19.69 3.27
CA SER F 181 -9.60 19.20 1.90
C SER F 181 -9.35 17.70 1.90
N THR F 182 -10.32 16.94 1.38
CA THR F 182 -10.34 15.49 1.50
C THR F 182 -10.45 14.87 0.11
N LEU F 183 -9.43 14.11 -0.26
CA LEU F 183 -9.37 13.37 -1.52
C LEU F 183 -9.78 11.93 -1.24
N THR F 184 -10.88 11.49 -1.83
CA THR F 184 -11.38 10.15 -1.58
C THR F 184 -11.20 9.29 -2.82
N LEU F 185 -10.66 8.09 -2.61
CA LEU F 185 -10.44 7.12 -3.67
C LEU F 185 -10.89 5.75 -3.19
N THR F 186 -10.88 4.80 -4.10
CA THR F 186 -11.00 3.42 -3.70
C THR F 186 -9.67 2.94 -3.13
N LYS F 187 -9.74 1.94 -2.25
CA LYS F 187 -8.50 1.31 -1.80
C LYS F 187 -7.67 0.86 -2.99
N ASP F 188 -8.31 0.30 -4.02
CA ASP F 188 -7.60 -0.22 -5.19
C ASP F 188 -6.81 0.87 -5.89
N GLU F 189 -7.44 2.02 -6.14
CA GLU F 189 -6.80 3.09 -6.89
C GLU F 189 -5.77 3.80 -6.04
N TYR F 190 -6.05 3.98 -4.75
CA TYR F 190 -5.06 4.48 -3.80
C TYR F 190 -3.74 3.72 -3.91
N GLU F 191 -3.82 2.39 -3.89
CA GLU F 191 -2.62 1.56 -3.89
C GLU F 191 -1.99 1.40 -5.27
N ARG F 192 -2.48 2.12 -6.26
CA ARG F 192 -1.86 2.17 -7.58
C ARG F 192 -0.85 3.31 -7.72
N HIS F 193 -0.70 4.15 -6.69
CA HIS F 193 0.22 5.27 -6.72
C HIS F 193 0.99 5.28 -5.40
N ASN F 194 2.07 6.08 -5.35
CA ASN F 194 2.89 6.16 -4.14
C ASN F 194 2.90 7.54 -3.49
N SER F 195 2.92 8.62 -4.26
CA SER F 195 3.11 9.97 -3.75
C SER F 195 1.78 10.73 -3.77
N TYR F 196 1.42 11.29 -2.62
CA TYR F 196 0.24 12.14 -2.49
C TYR F 196 0.68 13.47 -1.91
N THR F 197 0.24 14.55 -2.55
CA THR F 197 0.68 15.90 -2.22
C THR F 197 -0.54 16.80 -2.09
N CYS F 198 -0.63 17.46 -0.93
CA CYS F 198 -1.52 18.60 -0.70
C CYS F 198 -0.72 19.89 -0.92
N GLU F 199 -1.27 20.82 -1.70
CA GLU F 199 -0.52 22.02 -2.08
C GLU F 199 -1.39 23.26 -1.96
N ALA F 200 -0.99 24.19 -1.09
CA ALA F 200 -1.83 25.34 -0.72
C ALA F 200 -1.20 26.65 -1.16
N THR F 201 -1.93 27.42 -1.96
CA THR F 201 -1.48 28.74 -2.36
C THR F 201 -2.30 29.78 -1.62
N HIS F 202 -1.60 30.72 -0.96
CA HIS F 202 -2.23 31.77 -0.18
C HIS F 202 -1.49 33.08 -0.41
N LYS F 203 -2.18 34.18 -0.17
CA LYS F 203 -1.62 35.50 -0.41
C LYS F 203 -0.34 35.77 0.37
N THR F 204 -0.11 35.05 1.47
CA THR F 204 1.09 35.26 2.28
C THR F 204 2.38 34.83 1.57
N SER F 205 2.30 34.07 0.48
CA SER F 205 3.52 33.63 -0.19
C SER F 205 3.29 33.53 -1.68
N THR F 206 4.26 33.99 -2.48
CA THR F 206 4.28 33.67 -3.90
C THR F 206 4.28 32.16 -4.12
N SER F 207 4.98 31.41 -3.24
CA SER F 207 5.19 29.97 -3.33
C SER F 207 4.07 29.22 -2.62
N PRO F 208 3.62 28.09 -3.18
CA PRO F 208 2.64 27.26 -2.45
C PRO F 208 3.30 26.50 -1.31
N ILE F 209 2.57 26.39 -0.20
CA ILE F 209 2.96 25.49 0.87
C ILE F 209 2.58 24.08 0.45
N VAL F 210 3.54 23.17 0.42
CA VAL F 210 3.31 21.82 -0.09
C VAL F 210 3.58 20.83 1.04
N LYS F 211 2.71 19.85 1.14
CA LYS F 211 2.85 18.78 2.11
C LYS F 211 2.55 17.47 1.41
N SER F 212 3.37 16.46 1.66
CA SER F 212 3.18 15.20 0.95
C SER F 212 3.61 14.04 1.83
N PHE F 213 3.18 12.85 1.43
CA PHE F 213 3.69 11.60 2.00
C PHE F 213 3.85 10.58 0.88
N ASN F 214 4.66 9.56 1.16
CA ASN F 214 4.82 8.43 0.27
C ASN F 214 4.16 7.22 0.92
N ARG F 215 3.34 6.52 0.14
CA ARG F 215 2.53 5.42 0.65
C ARG F 215 3.34 4.36 1.40
N ASN F 216 4.66 4.29 1.22
CA ASN F 216 5.46 3.34 2.00
C ASN F 216 5.69 3.81 3.45
N VAL G 2 6.10 -20.72 44.56
CA VAL G 2 6.52 -21.09 43.21
C VAL G 2 5.69 -20.32 42.21
N GLN G 3 6.34 -19.69 41.23
CA GLN G 3 5.62 -18.93 40.23
C GLN G 3 6.35 -19.05 38.90
N LEU G 4 5.58 -19.16 37.82
CA LEU G 4 6.12 -19.18 36.48
C LEU G 4 5.40 -18.10 35.70
N GLN G 5 6.12 -17.09 35.29
CA GLN G 5 5.52 -15.91 34.68
C GLN G 5 5.89 -15.92 33.21
N GLN G 6 4.89 -16.06 32.36
CA GLN G 6 5.08 -16.19 30.94
C GLN G 6 4.90 -14.86 30.25
N SER G 7 5.52 -14.73 29.08
CA SER G 7 5.49 -13.49 28.33
C SER G 7 4.11 -13.27 27.72
N GLY G 8 3.86 -12.04 27.29
CA GLY G 8 2.54 -11.65 26.84
C GLY G 8 2.15 -12.21 25.49
N GLY G 9 0.84 -12.27 25.27
CA GLY G 9 0.29 -12.85 24.05
C GLY G 9 0.83 -12.17 22.79
N GLU G 10 0.69 -12.85 21.66
CA GLU G 10 1.32 -12.38 20.44
C GLU G 10 0.45 -12.67 19.23
N LEU G 11 0.36 -11.72 18.31
CA LEU G 11 -0.37 -11.89 17.06
C LEU G 11 0.61 -11.67 15.91
N VAL G 12 0.93 -12.74 15.17
CA VAL G 12 1.95 -12.66 14.12
C VAL G 12 1.38 -13.24 12.84
N LYS G 13 2.07 -13.00 11.77
CA LYS G 13 1.74 -13.44 10.42
C LYS G 13 2.35 -14.80 10.15
N PRO G 14 1.80 -15.54 9.19
CA PRO G 14 2.36 -16.86 8.87
C PRO G 14 3.81 -16.76 8.40
N GLY G 15 4.60 -17.77 8.73
CA GLY G 15 6.02 -17.76 8.44
C GLY G 15 6.88 -17.07 9.49
N ALA G 16 6.28 -16.27 10.35
CA ALA G 16 7.01 -15.61 11.40
C ALA G 16 7.51 -16.61 12.45
N SER G 17 8.22 -16.08 13.44
CA SER G 17 8.85 -16.81 14.54
C SER G 17 8.58 -16.04 15.84
N VAL G 18 8.36 -16.73 16.95
CA VAL G 18 8.11 -16.06 18.23
C VAL G 18 9.09 -16.59 19.26
N LYS G 19 9.49 -15.71 20.18
CA LYS G 19 10.30 -16.10 21.32
C LYS G 19 9.45 -15.93 22.57
N LEU G 20 9.01 -17.05 23.12
CA LEU G 20 8.24 -17.04 24.36
C LEU G 20 9.20 -17.22 25.52
N SER G 21 8.90 -16.56 26.65
CA SER G 21 9.76 -16.69 27.81
C SER G 21 8.94 -17.13 29.02
N CYS G 22 9.67 -17.60 30.03
CA CYS G 22 9.07 -18.18 31.24
C CYS G 22 10.00 -17.87 32.41
N LYS G 23 9.75 -16.75 33.08
CA LYS G 23 10.55 -16.34 34.23
C LYS G 23 10.01 -17.04 35.47
N THR G 24 10.88 -17.74 36.18
CA THR G 24 10.47 -18.56 37.32
C THR G 24 11.05 -17.98 38.60
N SER G 25 10.57 -18.49 39.73
CA SER G 25 11.07 -18.10 41.03
C SER G 25 10.49 -19.06 42.06
N GLY G 26 11.09 -19.05 43.25
CA GLY G 26 10.63 -19.87 44.33
C GLY G 26 11.07 -21.32 44.29
N PHE G 27 12.05 -21.67 43.46
CA PHE G 27 12.56 -23.04 43.48
C PHE G 27 13.92 -23.07 42.84
N THR G 28 14.75 -24.02 43.27
CA THR G 28 16.08 -24.13 42.71
C THR G 28 16.00 -24.40 41.21
N PHE G 29 16.22 -23.35 40.41
CA PHE G 29 16.09 -23.45 38.96
C PHE G 29 16.99 -24.52 38.38
N SER G 30 18.28 -24.48 38.74
CA SER G 30 19.28 -25.35 38.13
C SER G 30 19.05 -26.82 38.45
N SER G 31 18.00 -27.12 39.20
CA SER G 31 17.76 -28.48 39.64
C SER G 31 16.55 -29.11 38.96
N SER G 32 15.80 -28.34 38.17
CA SER G 32 14.49 -28.74 37.72
C SER G 32 14.45 -28.92 36.21
N TYR G 33 13.36 -29.57 35.79
CA TYR G 33 12.99 -29.68 34.38
C TYR G 33 11.93 -28.62 34.08
N ILE G 34 12.01 -28.02 32.90
CA ILE G 34 11.00 -27.09 32.40
C ILE G 34 10.48 -27.64 31.08
N SER G 35 9.18 -27.89 31.02
CA SER G 35 8.48 -28.32 29.82
C SER G 35 7.75 -27.17 29.16
N TRP G 36 7.57 -27.27 27.85
CA TRP G 36 6.69 -26.41 27.08
C TRP G 36 5.60 -27.27 26.44
N LEU G 37 4.36 -26.76 26.43
CA LEU G 37 3.22 -27.52 25.94
C LEU G 37 2.31 -26.59 25.15
N LYS G 38 1.54 -27.18 24.24
CA LYS G 38 0.62 -26.47 23.35
C LYS G 38 -0.82 -26.94 23.58
N GLN G 39 -1.76 -26.02 23.61
CA GLN G 39 -3.16 -26.40 23.77
C GLN G 39 -4.02 -25.52 22.87
N LYS G 40 -4.65 -26.15 21.90
CA LYS G 40 -5.62 -25.47 21.06
C LYS G 40 -6.93 -25.31 21.82
N PRO G 41 -7.66 -24.22 21.57
CA PRO G 41 -8.96 -24.02 22.23
C PRO G 41 -9.87 -25.22 22.07
N GLY G 42 -10.33 -25.77 23.20
CA GLY G 42 -11.25 -26.89 23.21
C GLY G 42 -10.63 -28.26 23.12
N GLN G 43 -9.30 -28.36 22.97
CA GLN G 43 -8.61 -29.64 22.78
C GLN G 43 -7.72 -29.96 23.98
N SER G 44 -7.02 -31.10 23.89
CA SER G 44 -6.11 -31.51 24.95
C SER G 44 -4.75 -30.85 24.78
N LEU G 45 -3.82 -31.21 25.66
CA LEU G 45 -2.48 -30.63 25.62
C LEU G 45 -1.53 -31.56 24.89
N GLU G 46 -0.56 -30.96 24.20
CA GLU G 46 0.50 -31.66 23.50
C GLU G 46 1.80 -31.24 24.14
N TRP G 47 2.63 -32.18 24.54
CA TRP G 47 3.93 -31.83 25.08
C TRP G 47 4.87 -31.57 23.92
N ILE G 48 5.57 -30.44 23.95
CA ILE G 48 6.51 -30.04 22.89
C ILE G 48 7.91 -30.51 23.26
N ALA G 49 8.42 -30.10 24.42
CA ALA G 49 9.83 -30.36 24.73
C ALA G 49 10.01 -30.12 26.21
N TRP G 50 11.12 -30.64 26.75
CA TRP G 50 11.57 -30.22 28.07
C TRP G 50 13.05 -29.90 28.00
N ILE G 51 13.53 -29.27 29.06
CA ILE G 51 14.94 -28.92 29.23
C ILE G 51 15.30 -29.15 30.69
N TYR G 52 16.47 -29.73 30.92
CA TYR G 52 17.01 -29.85 32.26
C TYR G 52 17.90 -28.65 32.52
N ALA G 53 17.48 -27.76 33.42
CA ALA G 53 18.18 -26.48 33.54
C ALA G 53 19.63 -26.66 34.01
N GLY G 54 19.91 -27.74 34.73
CA GLY G 54 21.27 -27.91 35.25
C GLY G 54 22.31 -28.22 34.19
N THR G 55 21.89 -28.65 33.01
CA THR G 55 22.81 -28.99 31.94
C THR G 55 22.43 -28.36 30.62
N GLY G 56 21.24 -27.77 30.50
CA GLY G 56 20.72 -27.32 29.22
C GLY G 56 20.41 -28.41 28.24
N GLY G 57 20.38 -29.67 28.67
CA GLY G 57 20.05 -30.75 27.76
C GLY G 57 18.56 -30.77 27.48
N THR G 58 18.20 -31.09 26.24
CA THR G 58 16.84 -30.99 25.75
C THR G 58 16.34 -32.32 25.24
N GLU G 59 15.01 -32.46 25.27
CA GLU G 59 14.27 -33.58 24.69
C GLU G 59 13.07 -33.01 23.96
N TYR G 60 12.91 -33.35 22.69
CA TYR G 60 11.87 -32.79 21.84
C TYR G 60 10.87 -33.85 21.42
N ASN G 61 9.60 -33.48 21.38
CA ASN G 61 8.59 -34.28 20.69
C ASN G 61 8.88 -34.21 19.19
N GLN G 62 9.07 -35.36 18.56
CA GLN G 62 9.41 -35.39 17.14
C GLN G 62 8.36 -34.73 16.26
N LYS G 63 7.13 -34.53 16.74
CA LYS G 63 6.13 -33.81 15.95
C LYS G 63 6.46 -32.32 15.78
N PHE G 64 7.33 -31.77 16.63
CA PHE G 64 7.60 -30.34 16.60
C PHE G 64 9.07 -30.02 16.35
N THR G 65 9.92 -31.03 16.21
CA THR G 65 11.34 -30.78 16.13
C THR G 65 11.66 -29.97 14.88
N GLY G 66 12.60 -29.05 15.01
CA GLY G 66 12.79 -28.09 13.95
C GLY G 66 12.06 -26.81 14.29
N LYS G 67 10.76 -26.90 14.56
CA LYS G 67 10.01 -25.69 14.89
C LYS G 67 10.40 -25.11 16.24
N ALA G 68 10.80 -25.94 17.20
CA ALA G 68 11.00 -25.51 18.58
C ALA G 68 12.48 -25.55 18.94
N GLN G 69 12.95 -24.51 19.63
CA GLN G 69 14.27 -24.50 20.23
C GLN G 69 14.13 -24.04 21.67
N VAL G 70 14.48 -24.90 22.62
CA VAL G 70 14.32 -24.58 24.04
C VAL G 70 15.69 -24.35 24.65
N THR G 71 15.81 -23.26 25.42
CA THR G 71 17.04 -22.92 26.13
C THR G 71 16.67 -22.35 27.50
N VAL G 72 17.69 -22.23 28.37
CA VAL G 72 17.53 -21.59 29.67
C VAL G 72 18.66 -20.60 29.89
N ASP G 73 18.35 -19.57 30.65
CA ASP G 73 19.35 -18.62 31.16
C ASP G 73 19.36 -18.81 32.67
N THR G 74 20.33 -19.58 33.18
CA THR G 74 20.29 -19.95 34.58
C THR G 74 20.54 -18.76 35.50
N SER G 75 21.15 -17.68 35.01
CA SER G 75 21.40 -16.53 35.85
C SER G 75 20.15 -15.71 36.14
N SER G 76 19.10 -15.86 35.35
CA SER G 76 17.84 -15.17 35.64
C SER G 76 16.69 -16.14 35.80
N SER G 77 16.98 -17.42 36.04
CA SER G 77 15.97 -18.47 36.23
C SER G 77 14.89 -18.45 35.17
N THR G 78 15.28 -18.27 33.91
CA THR G 78 14.31 -18.09 32.85
C THR G 78 14.47 -19.16 31.78
N ALA G 79 13.34 -19.65 31.28
CA ALA G 79 13.29 -20.62 30.19
C ALA G 79 12.75 -19.94 28.94
N TYR G 80 13.25 -20.38 27.79
CA TYR G 80 12.84 -19.80 26.53
C TYR G 80 12.47 -20.92 25.56
N MET G 81 11.51 -20.62 24.69
CA MET G 81 11.26 -21.44 23.53
C MET G 81 11.16 -20.53 22.32
N GLN G 82 11.96 -20.81 21.29
CA GLN G 82 11.80 -20.18 19.99
C GLN G 82 10.95 -21.12 19.14
N PHE G 83 9.87 -20.61 18.56
CA PHE G 83 8.93 -21.42 17.79
C PHE G 83 8.76 -20.74 16.44
N SER G 84 9.29 -21.36 15.38
CA SER G 84 9.43 -20.76 14.06
C SER G 84 8.59 -21.50 13.00
N SER G 85 8.67 -20.98 11.77
CA SER G 85 7.86 -21.44 10.65
C SER G 85 6.39 -21.52 11.03
N LEU G 86 5.93 -20.49 11.76
CA LEU G 86 4.56 -20.49 12.26
C LEU G 86 3.54 -20.52 11.11
N THR G 87 2.52 -21.35 11.28
CA THR G 87 1.36 -21.38 10.41
C THR G 87 0.11 -21.16 11.23
N THR G 88 -1.02 -21.04 10.53
CA THR G 88 -2.29 -20.81 11.24
C THR G 88 -2.59 -21.92 12.25
N GLU G 89 -2.15 -23.15 11.96
CA GLU G 89 -2.34 -24.30 12.84
C GLU G 89 -1.51 -24.25 14.10
N ASP G 90 -0.54 -23.35 14.20
CA ASP G 90 0.16 -23.16 15.47
C ASP G 90 -0.56 -22.19 16.40
N SER G 91 -1.67 -21.60 15.97
CA SER G 91 -2.47 -20.76 16.86
C SER G 91 -2.95 -21.58 18.05
N ALA G 92 -2.60 -21.14 19.26
CA ALA G 92 -2.93 -21.93 20.45
C ALA G 92 -2.41 -21.21 21.66
N ILE G 93 -2.65 -21.76 22.84
CA ILE G 93 -2.02 -21.29 24.06
C ILE G 93 -0.79 -22.16 24.31
N TYR G 94 0.35 -21.53 24.61
CA TYR G 94 1.60 -22.23 24.91
C TYR G 94 1.87 -22.10 26.40
N TYR G 95 2.09 -23.23 27.06
CA TYR G 95 2.40 -23.25 28.47
C TYR G 95 3.83 -23.66 28.69
N CYS G 96 4.45 -23.11 29.73
CA CYS G 96 5.64 -23.66 30.33
C CYS G 96 5.24 -24.22 31.69
N ALA G 97 5.92 -25.28 32.12
CA ALA G 97 5.52 -25.94 33.34
C ALA G 97 6.77 -26.50 33.97
N ARG G 98 6.84 -26.43 35.30
CA ARG G 98 7.97 -27.07 35.98
C ARG G 98 7.71 -28.57 36.07
N GLY G 99 8.60 -29.34 35.46
CA GLY G 99 8.40 -30.77 35.39
C GLY G 99 8.87 -31.32 34.05
N GLY G 100 9.03 -32.64 34.02
CA GLY G 100 9.64 -33.31 32.89
C GLY G 100 10.28 -34.59 33.37
N SER G 101 10.76 -35.36 32.39
CA SER G 101 11.18 -36.73 32.65
C SER G 101 10.13 -37.43 33.50
N SER G 102 10.56 -38.18 34.51
CA SER G 102 9.60 -38.87 35.38
C SER G 102 8.84 -37.93 36.28
N PHE G 103 9.23 -36.66 36.37
CA PHE G 103 8.65 -35.74 37.33
C PHE G 103 7.35 -35.16 36.77
N ALA G 104 6.24 -35.39 37.47
CA ALA G 104 4.99 -34.76 37.08
C ALA G 104 5.14 -33.25 37.08
N MET G 105 4.35 -32.60 36.22
CA MET G 105 4.38 -31.14 36.07
C MET G 105 3.45 -30.51 37.11
N ASP G 106 4.04 -30.05 38.23
CA ASP G 106 3.27 -29.58 39.38
C ASP G 106 2.98 -28.08 39.38
N TYR G 107 3.79 -27.26 38.70
CA TYR G 107 3.53 -25.82 38.65
C TYR G 107 3.55 -25.37 37.19
N TRP G 108 2.55 -24.58 36.79
CA TRP G 108 2.37 -24.11 35.44
C TRP G 108 2.39 -22.60 35.38
N GLY G 109 2.89 -22.07 34.27
CA GLY G 109 2.71 -20.68 33.96
C GLY G 109 1.28 -20.41 33.55
N GLN G 110 0.97 -19.13 33.36
CA GLN G 110 -0.39 -18.71 32.99
C GLN G 110 -0.70 -18.97 31.53
N GLY G 111 0.26 -19.38 30.72
CA GLY G 111 0.01 -19.53 29.29
C GLY G 111 0.37 -18.26 28.54
N THR G 112 0.78 -18.43 27.28
CA THR G 112 0.96 -17.33 26.34
C THR G 112 0.16 -17.64 25.10
N SER G 113 -0.83 -16.80 24.78
CA SER G 113 -1.63 -17.01 23.58
C SER G 113 -0.86 -16.51 22.35
N VAL G 114 -0.85 -17.32 21.28
CA VAL G 114 -0.14 -17.00 20.05
C VAL G 114 -1.13 -17.14 18.91
N THR G 115 -1.39 -16.06 18.20
CA THR G 115 -2.35 -16.08 17.09
C THR G 115 -1.61 -15.83 15.79
N VAL G 116 -1.68 -16.78 14.87
CA VAL G 116 -0.98 -16.70 13.59
C VAL G 116 -2.03 -16.46 12.51
N SER G 117 -1.97 -15.29 11.87
CA SER G 117 -3.01 -14.94 10.92
C SER G 117 -2.50 -13.94 9.91
N SER G 118 -2.99 -14.10 8.67
CA SER G 118 -2.85 -13.11 7.60
C SER G 118 -3.89 -11.99 7.69
N ALA G 119 -4.90 -12.13 8.56
CA ALA G 119 -5.97 -11.14 8.66
C ALA G 119 -5.45 -9.81 9.19
N SER G 120 -6.02 -8.73 8.69
CA SER G 120 -5.66 -7.40 9.18
C SER G 120 -6.62 -6.98 10.28
N THR G 121 -6.08 -6.21 11.22
CA THR G 121 -6.87 -5.62 12.29
C THR G 121 -8.08 -4.88 11.74
N THR G 122 -9.26 -5.19 12.29
CA THR G 122 -10.53 -4.61 11.88
C THR G 122 -11.34 -4.25 13.13
N PRO G 123 -11.74 -2.99 13.29
CA PRO G 123 -12.57 -2.60 14.44
C PRO G 123 -13.95 -3.23 14.32
N PRO G 124 -14.68 -3.34 15.40
CA PRO G 124 -16.01 -3.97 15.34
C PRO G 124 -17.10 -2.99 14.93
N SER G 125 -18.16 -3.54 14.37
CA SER G 125 -19.44 -2.86 14.29
C SER G 125 -20.30 -3.35 15.46
N VAL G 126 -20.98 -2.41 16.11
CA VAL G 126 -21.78 -2.69 17.29
C VAL G 126 -23.22 -2.30 17.02
N TYR G 127 -24.14 -3.25 17.22
CA TYR G 127 -25.55 -3.11 16.88
C TYR G 127 -26.41 -3.43 18.10
N PRO G 128 -27.39 -2.60 18.43
CA PRO G 128 -28.25 -2.89 19.59
C PRO G 128 -29.27 -3.98 19.29
N LEU G 129 -29.67 -4.67 20.35
CA LEU G 129 -30.68 -5.71 20.28
C LEU G 129 -31.78 -5.30 21.25
N ALA G 130 -32.82 -4.68 20.72
CA ALA G 130 -33.96 -4.23 21.47
C ALA G 130 -35.15 -5.16 21.21
N PRO G 131 -35.98 -5.41 22.25
CA PRO G 131 -37.23 -6.17 22.22
C PRO G 131 -38.41 -5.27 21.90
N SER G 139 -41.74 -9.61 35.84
CA SER G 139 -41.52 -9.75 34.41
C SER G 139 -40.12 -9.23 34.07
N MET G 140 -39.38 -10.07 33.35
CA MET G 140 -38.03 -9.74 32.95
C MET G 140 -38.06 -9.34 31.47
N VAL G 141 -37.08 -8.56 31.08
CA VAL G 141 -36.91 -8.23 29.68
C VAL G 141 -35.45 -8.48 29.33
N THR G 142 -35.20 -9.13 28.20
CA THR G 142 -33.84 -9.41 27.80
C THR G 142 -33.41 -8.41 26.72
N LEU G 143 -32.28 -7.73 26.93
CA LEU G 143 -31.66 -6.85 25.96
C LEU G 143 -30.34 -7.47 25.53
N GLY G 144 -29.70 -6.85 24.54
CA GLY G 144 -28.58 -7.53 23.93
C GLY G 144 -27.78 -6.58 23.06
N CYS G 145 -26.64 -7.11 22.61
CA CYS G 145 -25.63 -6.33 21.92
C CYS G 145 -24.97 -7.27 20.94
N LEU G 146 -24.88 -6.86 19.68
CA LEU G 146 -24.29 -7.69 18.64
C LEU G 146 -23.03 -6.98 18.16
N VAL G 147 -21.92 -7.71 18.11
CA VAL G 147 -20.59 -7.17 17.88
C VAL G 147 -19.99 -7.95 16.72
N LYS G 148 -19.81 -7.29 15.59
CA LYS G 148 -19.65 -8.00 14.34
C LYS G 148 -18.46 -7.48 13.55
N GLY G 149 -17.75 -8.40 12.90
CA GLY G 149 -16.78 -8.02 11.89
C GLY G 149 -15.40 -7.61 12.38
N TYR G 150 -14.96 -8.00 13.57
CA TYR G 150 -13.68 -7.54 14.09
C TYR G 150 -12.62 -8.63 14.02
N PHE G 151 -11.35 -8.20 14.16
CA PHE G 151 -10.15 -9.02 14.19
C PHE G 151 -9.04 -8.16 14.78
N PRO G 152 -8.23 -8.69 15.71
CA PRO G 152 -8.28 -10.02 16.29
C PRO G 152 -9.12 -10.06 17.53
N GLU G 153 -9.24 -11.24 18.14
CA GLU G 153 -9.74 -11.34 19.49
C GLU G 153 -8.74 -10.69 20.45
N PRO G 154 -9.19 -10.16 21.59
CA PRO G 154 -10.59 -10.12 22.05
C PRO G 154 -11.30 -8.77 21.91
N VAL G 155 -12.62 -8.79 21.81
CA VAL G 155 -13.39 -7.66 22.30
C VAL G 155 -13.98 -8.09 23.62
N THR G 156 -14.17 -7.12 24.51
CA THR G 156 -14.89 -7.30 25.75
C THR G 156 -16.16 -6.45 25.74
N VAL G 157 -17.19 -6.97 26.41
CA VAL G 157 -18.46 -6.26 26.57
C VAL G 157 -18.75 -6.14 28.06
N THR G 158 -19.15 -4.95 28.48
CA THR G 158 -19.76 -4.76 29.80
C THR G 158 -21.08 -4.00 29.63
N TRP G 159 -21.89 -4.00 30.69
CA TRP G 159 -23.18 -3.32 30.67
C TRP G 159 -23.20 -2.26 31.76
N ASN G 160 -23.53 -1.03 31.36
CA ASN G 160 -23.52 0.12 32.28
C ASN G 160 -22.16 0.22 32.97
N SER G 161 -21.09 0.09 32.17
CA SER G 161 -19.70 0.21 32.60
C SER G 161 -19.30 -0.85 33.61
N GLY G 162 -20.11 -1.88 33.78
CA GLY G 162 -19.86 -2.89 34.78
C GLY G 162 -20.80 -2.86 35.95
N SER G 163 -21.58 -1.78 36.10
CA SER G 163 -22.66 -1.78 37.10
C SER G 163 -23.51 -3.04 36.95
N LEU G 164 -23.97 -3.30 35.72
CA LEU G 164 -24.91 -4.35 35.40
C LEU G 164 -24.14 -5.65 35.20
N SER G 165 -24.15 -6.49 36.23
CA SER G 165 -23.42 -7.76 36.19
C SER G 165 -24.33 -8.98 36.31
N SER G 166 -25.40 -8.89 37.07
CA SER G 166 -26.36 -9.98 37.16
C SER G 166 -27.10 -10.13 35.83
N GLY G 167 -27.43 -11.37 35.49
CA GLY G 167 -28.25 -11.63 34.32
C GLY G 167 -27.54 -11.41 33.01
N VAL G 168 -26.22 -11.27 33.01
CA VAL G 168 -25.47 -11.01 31.78
C VAL G 168 -24.95 -12.32 31.22
N HIS G 169 -25.06 -12.48 29.90
CA HIS G 169 -24.43 -13.57 29.18
C HIS G 169 -23.63 -13.01 28.03
N THR G 170 -22.34 -13.29 28.01
CA THR G 170 -21.50 -12.89 26.88
C THR G 170 -20.97 -14.15 26.22
N PHE G 171 -21.24 -14.28 24.92
CA PHE G 171 -20.99 -15.55 24.27
C PHE G 171 -19.61 -15.58 23.60
N PRO G 172 -18.96 -16.73 23.62
CA PRO G 172 -17.66 -16.86 22.94
C PRO G 172 -17.79 -16.39 21.51
N ALA G 173 -16.76 -15.67 21.05
CA ALA G 173 -16.66 -15.23 19.67
C ALA G 173 -16.47 -16.43 18.74
N VAL G 174 -17.12 -16.38 17.58
CA VAL G 174 -16.97 -17.39 16.54
C VAL G 174 -16.38 -16.75 15.28
N LEU G 175 -15.44 -17.45 14.66
CA LEU G 175 -14.73 -16.94 13.50
C LEU G 175 -15.46 -17.40 12.24
N GLN G 176 -16.11 -16.47 11.55
CA GLN G 176 -16.71 -16.74 10.24
C GLN G 176 -16.09 -15.83 9.19
N SER G 177 -15.60 -16.45 8.12
CA SER G 177 -14.93 -15.74 7.02
C SER G 177 -13.99 -14.65 7.55
N ASP G 178 -13.06 -15.09 8.39
CA ASP G 178 -11.88 -14.35 8.82
C ASP G 178 -12.20 -13.11 9.65
N LEU G 179 -13.43 -12.98 10.15
CA LEU G 179 -13.77 -11.93 11.09
C LEU G 179 -14.67 -12.53 12.18
N TYR G 180 -14.55 -11.97 13.38
CA TYR G 180 -15.20 -12.51 14.58
C TYR G 180 -16.55 -11.86 14.78
N THR G 181 -17.45 -12.63 15.37
CA THR G 181 -18.75 -12.14 15.82
C THR G 181 -18.99 -12.71 17.20
N LEU G 182 -19.48 -11.86 18.09
CA LEU G 182 -19.93 -12.31 19.38
C LEU G 182 -21.18 -11.54 19.72
N SER G 183 -21.88 -12.00 20.75
CA SER G 183 -23.10 -11.35 21.19
C SER G 183 -23.08 -11.36 22.71
N SER G 184 -23.90 -10.50 23.31
CA SER G 184 -24.01 -10.44 24.77
C SER G 184 -25.46 -10.10 25.10
N SER G 185 -26.10 -10.87 26.00
CA SER G 185 -27.43 -10.54 26.49
C SER G 185 -27.39 -10.05 27.94
N VAL G 186 -28.39 -9.23 28.29
CA VAL G 186 -28.60 -8.82 29.67
C VAL G 186 -30.10 -8.85 29.94
N THR G 187 -30.47 -9.34 31.12
CA THR G 187 -31.88 -9.47 31.51
C THR G 187 -32.14 -8.65 32.77
N VAL G 188 -33.05 -7.68 32.67
CA VAL G 188 -33.35 -6.75 33.76
C VAL G 188 -34.85 -6.82 34.02
N PRO G 189 -35.31 -6.37 35.19
CA PRO G 189 -36.77 -6.30 35.42
C PRO G 189 -37.41 -5.30 34.47
N SER G 190 -38.63 -5.65 34.02
CA SER G 190 -39.40 -4.83 33.09
C SER G 190 -39.67 -3.44 33.66
N SER G 191 -39.77 -3.33 34.98
CA SER G 191 -39.95 -2.05 35.67
C SER G 191 -38.70 -1.19 35.75
N THR G 192 -37.54 -1.62 35.20
CA THR G 192 -36.33 -0.82 35.22
C THR G 192 -35.84 -0.39 33.84
N TRP G 193 -36.42 -0.92 32.76
CA TRP G 193 -36.10 -0.55 31.39
C TRP G 193 -37.42 -0.47 30.64
N PRO G 194 -37.63 0.56 29.81
CA PRO G 194 -36.63 1.56 29.43
C PRO G 194 -36.60 2.75 30.36
N SER G 195 -37.26 2.68 31.52
CA SER G 195 -37.31 3.84 32.41
C SER G 195 -35.91 4.21 32.91
N GLU G 196 -34.99 3.26 32.94
CA GLU G 196 -33.59 3.51 33.26
C GLU G 196 -32.70 3.00 32.12
N THR G 197 -31.51 3.59 32.03
CA THR G 197 -30.66 3.43 30.85
C THR G 197 -29.85 2.14 30.93
N VAL G 198 -29.85 1.39 29.85
CA VAL G 198 -29.02 0.21 29.69
C VAL G 198 -28.11 0.45 28.50
N THR G 199 -26.80 0.39 28.71
CA THR G 199 -25.81 0.69 27.67
C THR G 199 -24.82 -0.45 27.55
N CYS G 200 -24.70 -0.97 26.35
CA CYS G 200 -23.63 -1.87 25.95
C CYS G 200 -22.31 -1.11 25.78
N ASN G 201 -21.24 -1.50 26.50
CA ASN G 201 -19.89 -0.92 26.34
C ASN G 201 -18.93 -1.94 25.71
N VAL G 202 -18.49 -1.70 24.49
CA VAL G 202 -17.59 -2.59 23.76
C VAL G 202 -16.20 -1.96 23.71
N ALA G 203 -15.18 -2.76 24.02
CA ALA G 203 -13.78 -2.38 23.84
C ALA G 203 -13.10 -3.36 22.90
N HIS G 204 -12.34 -2.84 21.92
CA HIS G 204 -11.50 -3.64 21.03
C HIS G 204 -10.11 -3.05 21.14
N PRO G 205 -9.29 -3.52 22.08
CA PRO G 205 -7.97 -2.91 22.28
C PRO G 205 -7.08 -2.96 21.06
N ALA G 206 -7.12 -4.03 20.27
CA ALA G 206 -6.24 -4.10 19.11
C ALA G 206 -6.47 -2.95 18.14
N SER G 207 -7.69 -2.43 18.04
CA SER G 207 -7.92 -1.30 17.14
C SER G 207 -8.11 0.01 17.89
N SER G 208 -7.81 0.05 19.20
CA SER G 208 -7.94 1.27 20.01
C SER G 208 -9.34 1.89 19.90
N THR G 209 -10.36 1.02 19.94
CA THR G 209 -11.77 1.39 19.74
C THR G 209 -12.57 1.07 20.98
N LYS G 210 -13.37 2.03 21.44
CA LYS G 210 -14.35 1.86 22.49
C LYS G 210 -15.66 2.36 21.91
N VAL G 211 -16.73 1.58 22.06
CA VAL G 211 -18.05 1.96 21.55
C VAL G 211 -19.05 1.84 22.69
N ASP G 212 -19.87 2.88 22.89
CA ASP G 212 -21.00 2.82 23.81
C ASP G 212 -22.29 2.92 23.01
N LYS G 213 -23.18 1.93 23.20
CA LYS G 213 -24.45 1.86 22.49
C LYS G 213 -25.58 1.72 23.51
N LYS G 214 -26.40 2.75 23.64
CA LYS G 214 -27.57 2.68 24.50
C LYS G 214 -28.69 1.91 23.82
N ILE G 215 -29.29 0.97 24.54
CA ILE G 215 -30.39 0.16 24.00
C ILE G 215 -31.66 0.96 24.19
N VAL G 216 -32.30 1.34 23.08
CA VAL G 216 -33.53 2.14 23.13
C VAL G 216 -34.66 1.27 22.61
N PRO G 217 -35.88 1.40 23.12
CA PRO G 217 -37.01 0.71 22.49
C PRO G 217 -37.13 1.11 21.04
N ARG G 218 -37.57 0.17 20.22
CA ARG G 218 -37.56 0.35 18.78
C ARG G 218 -38.53 1.43 18.32
N GLN H 1 4.36 -43.56 20.11
CA GLN H 1 3.82 -42.72 21.16
C GLN H 1 2.62 -43.43 21.82
N LEU H 2 2.49 -43.23 23.13
CA LEU H 2 1.46 -43.90 23.91
C LEU H 2 0.14 -43.14 23.81
N VAL H 3 -0.94 -43.85 23.52
CA VAL H 3 -2.25 -43.22 23.44
C VAL H 3 -3.04 -43.57 24.68
N LEU H 4 -3.58 -42.53 25.33
CA LEU H 4 -4.40 -42.67 26.51
C LEU H 4 -5.84 -42.51 26.07
N THR H 5 -6.68 -43.47 26.41
CA THR H 5 -8.09 -43.38 26.07
C THR H 5 -8.86 -43.11 27.35
N GLN H 6 -9.58 -41.99 27.36
CA GLN H 6 -10.32 -41.53 28.52
C GLN H 6 -11.80 -41.78 28.32
N SER H 7 -12.48 -42.26 29.37
CA SER H 7 -13.92 -42.58 29.34
C SER H 7 -14.54 -42.01 30.62
N PRO H 8 -15.70 -41.34 30.53
CA PRO H 8 -16.48 -40.95 29.35
C PRO H 8 -15.98 -39.64 28.81
N ALA H 9 -16.46 -39.19 27.63
CA ALA H 9 -16.08 -37.86 27.15
C ALA H 9 -16.57 -36.77 28.07
N SER H 10 -17.72 -37.00 28.71
CA SER H 10 -18.29 -36.08 29.68
C SER H 10 -19.22 -36.86 30.59
N LEU H 11 -19.36 -36.38 31.82
CA LEU H 11 -20.39 -36.89 32.71
C LEU H 11 -20.90 -35.73 33.57
N ALA H 12 -22.13 -35.88 34.03
CA ALA H 12 -22.79 -34.93 34.91
C ALA H 12 -23.10 -35.63 36.22
N VAL H 13 -22.76 -35.00 37.33
CA VAL H 13 -22.88 -35.62 38.65
C VAL H 13 -23.47 -34.59 39.61
N SER H 14 -24.48 -35.00 40.37
CA SER H 14 -25.08 -34.10 41.35
C SER H 14 -24.15 -33.94 42.54
N LEU H 15 -24.29 -32.78 43.21
CA LEU H 15 -23.53 -32.50 44.42
C LEU H 15 -23.72 -33.61 45.45
N GLY H 16 -22.61 -34.00 46.09
CA GLY H 16 -22.60 -35.07 47.07
C GLY H 16 -22.41 -36.46 46.48
N GLN H 17 -22.65 -36.64 45.18
CA GLN H 17 -22.55 -37.93 44.53
C GLN H 17 -21.10 -38.19 44.11
N ARG H 18 -20.86 -39.39 43.56
CA ARG H 18 -19.52 -39.79 43.14
C ARG H 18 -19.36 -39.66 41.62
N ALA H 19 -18.21 -39.11 41.20
CA ALA H 19 -17.80 -39.15 39.80
C ALA H 19 -16.57 -40.03 39.67
N THR H 20 -16.55 -40.84 38.62
CA THR H 20 -15.42 -41.71 38.29
C THR H 20 -15.07 -41.51 36.83
N ILE H 21 -13.79 -41.37 36.54
CA ILE H 21 -13.27 -41.20 35.19
C ILE H 21 -12.25 -42.30 34.98
N SER H 22 -12.26 -42.91 33.80
CA SER H 22 -11.29 -43.95 33.47
C SER H 22 -10.26 -43.42 32.46
N CYS H 23 -9.08 -44.03 32.49
CA CYS H 23 -8.01 -43.76 31.54
C CYS H 23 -7.36 -45.09 31.21
N ARG H 24 -7.29 -45.43 29.93
CA ARG H 24 -6.67 -46.69 29.51
C ARG H 24 -5.50 -46.39 28.59
N ALA H 25 -4.31 -46.81 28.99
CA ALA H 25 -3.11 -46.60 28.19
C ALA H 25 -2.90 -47.77 27.24
N SER H 26 -2.32 -47.48 26.08
CA SER H 26 -2.11 -48.53 25.09
C SER H 26 -1.01 -49.49 25.53
N GLU H 27 -0.10 -49.05 26.40
CA GLU H 27 0.96 -49.88 26.95
C GLU H 27 1.06 -49.59 28.44
N SER H 28 1.79 -50.44 29.16
CA SER H 28 1.96 -50.24 30.58
C SER H 28 2.71 -48.94 30.82
N VAL H 29 2.25 -48.15 31.80
CA VAL H 29 3.00 -46.99 32.25
C VAL H 29 3.76 -47.29 33.54
N ASP H 30 3.88 -48.56 33.90
CA ASP H 30 4.65 -48.97 35.07
C ASP H 30 6.13 -49.05 34.74
N ASN H 31 6.97 -48.66 35.69
CA ASN H 31 8.40 -48.83 35.63
C ASN H 31 8.92 -48.85 37.07
N TYR H 32 9.70 -49.87 37.43
CA TYR H 32 10.25 -50.00 38.78
C TYR H 32 9.14 -50.06 39.84
N GLY H 33 8.02 -50.70 39.50
CA GLY H 33 6.89 -50.78 40.40
C GLY H 33 6.10 -49.50 40.60
N ILE H 34 6.49 -48.40 39.96
CA ILE H 34 5.73 -47.15 40.03
C ILE H 34 4.94 -46.98 38.75
N SER H 35 3.70 -46.54 38.88
CA SER H 35 2.88 -46.22 37.72
C SER H 35 2.96 -44.71 37.50
N PHE H 36 3.59 -44.31 36.39
CA PHE H 36 3.77 -42.90 36.07
C PHE H 36 2.54 -42.38 35.33
N MET H 37 1.42 -42.33 36.06
CA MET H 37 0.19 -41.72 35.58
C MET H 37 -0.14 -40.49 36.43
N ASN H 38 -0.51 -39.40 35.78
CA ASN H 38 -0.88 -38.17 36.47
C ASN H 38 -2.28 -37.75 36.04
N TRP H 39 -2.97 -37.00 36.90
CA TRP H 39 -4.27 -36.42 36.57
C TRP H 39 -4.23 -34.91 36.77
N PHE H 40 -4.82 -34.20 35.83
CA PHE H 40 -4.89 -32.75 35.85
C PHE H 40 -6.34 -32.29 35.80
N GLN H 41 -6.63 -31.22 36.53
CA GLN H 41 -7.91 -30.51 36.49
C GLN H 41 -7.68 -29.12 35.90
N GLN H 42 -8.42 -28.79 34.83
CA GLN H 42 -8.24 -27.49 34.17
C GLN H 42 -9.54 -26.72 34.12
N LYS H 43 -9.52 -25.57 34.67
CA LYS H 43 -10.71 -24.78 34.53
C LYS H 43 -10.57 -23.79 33.39
N PRO H 44 -11.67 -23.34 32.80
CA PRO H 44 -11.59 -22.54 31.57
C PRO H 44 -10.63 -21.36 31.68
N GLY H 45 -9.74 -21.25 30.70
CA GLY H 45 -8.77 -20.18 30.64
C GLY H 45 -7.64 -20.24 31.63
N GLN H 46 -7.62 -21.27 32.50
CA GLN H 46 -6.59 -21.42 33.52
C GLN H 46 -5.63 -22.54 33.12
N PRO H 47 -4.39 -22.49 33.60
CA PRO H 47 -3.46 -23.59 33.35
C PRO H 47 -3.95 -24.85 34.01
N PRO H 48 -3.53 -26.02 33.53
CA PRO H 48 -3.86 -27.26 34.24
C PRO H 48 -3.28 -27.22 35.64
N LYS H 49 -3.91 -27.96 36.53
CA LYS H 49 -3.48 -28.08 37.91
C LYS H 49 -3.29 -29.56 38.21
N LEU H 50 -2.15 -29.91 38.80
CA LEU H 50 -1.86 -31.31 39.07
C LEU H 50 -2.70 -31.80 40.22
N LEU H 51 -3.61 -32.73 39.94
CA LEU H 51 -4.44 -33.38 40.94
C LEU H 51 -3.75 -34.58 41.58
N ILE H 52 -3.29 -35.52 40.75
CA ILE H 52 -2.82 -36.81 41.20
C ILE H 52 -1.53 -37.12 40.44
N HIS H 53 -0.47 -37.48 41.17
CA HIS H 53 0.78 -37.88 40.56
C HIS H 53 1.12 -39.31 40.99
N THR H 54 1.78 -40.03 40.07
CA THR H 54 2.14 -41.44 40.23
C THR H 54 0.94 -42.22 40.77
N ALA H 55 -0.14 -42.13 40.00
CA ALA H 55 -1.34 -42.97 40.12
C ALA H 55 -2.21 -42.66 41.34
N SER H 56 -1.59 -42.48 42.53
CA SER H 56 -2.37 -42.50 43.76
C SER H 56 -2.01 -41.40 44.75
N ASN H 57 -1.07 -40.53 44.44
CA ASN H 57 -0.58 -39.53 45.37
C ASN H 57 -1.23 -38.17 45.10
N GLN H 58 -1.59 -37.48 46.18
CA GLN H 58 -2.18 -36.16 46.08
C GLN H 58 -1.13 -35.11 45.72
N GLY H 59 -1.48 -34.22 44.80
CA GLY H 59 -0.73 -33.00 44.61
C GLY H 59 -0.89 -32.10 45.82
N SER H 60 -0.03 -31.08 45.90
CA SER H 60 -0.05 -30.21 47.07
C SER H 60 -1.37 -29.44 47.14
N GLY H 61 -2.03 -29.50 48.30
CA GLY H 61 -3.28 -28.80 48.45
C GLY H 61 -4.48 -29.46 47.77
N VAL H 62 -4.40 -30.74 47.44
CA VAL H 62 -5.49 -31.48 46.80
C VAL H 62 -6.19 -32.30 47.87
N PRO H 63 -7.43 -31.97 48.25
CA PRO H 63 -8.12 -32.70 49.32
C PRO H 63 -8.35 -34.16 48.96
N ALA H 64 -8.74 -34.93 49.98
CA ALA H 64 -8.94 -36.38 49.87
C ALA H 64 -10.15 -36.76 49.02
N ARG H 65 -11.06 -35.82 48.76
CA ARG H 65 -12.17 -36.07 47.85
C ARG H 65 -11.69 -36.64 46.52
N PHE H 66 -10.54 -36.17 46.04
CA PHE H 66 -9.91 -36.75 44.86
C PHE H 66 -8.91 -37.81 45.27
N SER H 67 -8.94 -38.94 44.57
CA SER H 67 -8.01 -40.03 44.78
C SER H 67 -7.89 -40.83 43.48
N GLY H 68 -6.66 -41.27 43.18
CA GLY H 68 -6.41 -42.07 42.00
C GLY H 68 -6.15 -43.53 42.31
N SER H 69 -6.32 -44.38 41.31
CA SER H 69 -6.12 -45.82 41.47
C SER H 69 -5.77 -46.42 40.11
N GLY H 70 -5.13 -47.57 40.15
CA GLY H 70 -4.86 -48.32 38.94
C GLY H 70 -3.40 -48.72 38.79
N SER H 71 -3.21 -49.59 37.81
CA SER H 71 -1.97 -50.30 37.55
C SER H 71 -1.81 -50.47 36.06
N GLY H 72 -0.56 -50.53 35.59
CA GLY H 72 -0.27 -50.92 34.23
C GLY H 72 -0.95 -50.11 33.16
N THR H 73 -2.13 -50.57 32.71
CA THR H 73 -2.86 -49.88 31.65
C THR H 73 -4.21 -49.31 32.07
N ASP H 74 -4.69 -49.59 33.28
CA ASP H 74 -6.05 -49.24 33.70
C ASP H 74 -5.98 -48.36 34.94
N PHE H 75 -6.47 -47.12 34.82
CA PHE H 75 -6.41 -46.15 35.89
C PHE H 75 -7.75 -45.45 35.99
N SER H 76 -8.11 -45.05 37.21
CA SER H 76 -9.33 -44.27 37.40
C SER H 76 -9.08 -43.13 38.37
N LEU H 77 -9.87 -42.08 38.23
CA LEU H 77 -9.90 -40.97 39.17
C LEU H 77 -11.27 -40.95 39.84
N ASN H 78 -11.28 -40.88 41.17
CA ASN H 78 -12.51 -40.85 41.95
C ASN H 78 -12.65 -39.50 42.63
N ILE H 79 -13.82 -38.87 42.47
CA ILE H 79 -14.17 -37.65 43.19
C ILE H 79 -15.39 -37.96 44.05
N HIS H 80 -15.25 -37.81 45.38
CA HIS H 80 -16.36 -38.13 46.28
C HIS H 80 -16.18 -37.38 47.60
N PRO H 81 -17.10 -36.48 47.96
CA PRO H 81 -18.28 -36.08 47.20
C PRO H 81 -17.99 -34.92 46.23
N VAL H 82 -18.73 -34.83 45.14
CA VAL H 82 -18.53 -33.73 44.19
C VAL H 82 -19.09 -32.45 44.80
N GLU H 83 -18.33 -31.38 44.67
CA GLU H 83 -18.71 -30.05 45.12
C GLU H 83 -18.81 -29.15 43.90
N ASP H 84 -19.42 -27.98 44.10
CA ASP H 84 -19.83 -27.14 42.98
C ASP H 84 -18.66 -26.82 42.05
N ASP H 85 -17.58 -26.28 42.60
CA ASP H 85 -16.53 -25.81 41.71
C ASP H 85 -15.66 -26.94 41.17
N ASP H 86 -16.18 -28.17 41.14
CA ASP H 86 -15.47 -29.31 40.56
C ASP H 86 -15.66 -29.41 39.05
N THR H 87 -16.51 -28.57 38.46
CA THR H 87 -16.73 -28.62 37.02
C THR H 87 -15.50 -28.11 36.28
N ALA H 88 -15.03 -28.90 35.32
CA ALA H 88 -13.67 -28.77 34.83
C ALA H 88 -13.46 -29.83 33.77
N MET H 89 -12.34 -29.71 33.06
CA MET H 89 -11.81 -30.78 32.25
C MET H 89 -10.79 -31.57 33.08
N TYR H 90 -10.83 -32.89 32.94
CA TYR H 90 -9.91 -33.78 33.64
C TYR H 90 -9.10 -34.55 32.60
N PHE H 91 -7.79 -34.51 32.73
CA PHE H 91 -6.85 -35.15 31.82
C PHE H 91 -5.99 -36.11 32.61
N CYS H 92 -5.83 -37.33 32.11
CA CYS H 92 -4.76 -38.20 32.56
C CYS H 92 -3.53 -37.95 31.69
N GLN H 93 -2.36 -38.37 32.19
CA GLN H 93 -1.10 -38.01 31.53
C GLN H 93 -0.03 -38.97 31.97
N GLN H 94 0.71 -39.54 31.00
CA GLN H 94 1.68 -40.58 31.31
C GLN H 94 3.09 -39.99 31.18
N SER H 95 3.92 -40.24 32.19
CA SER H 95 5.31 -39.79 32.22
C SER H 95 6.26 -40.99 32.24
N GLU H 96 5.81 -42.10 31.65
CA GLU H 96 6.61 -43.32 31.62
C GLU H 96 7.55 -43.37 30.42
N GLU H 97 7.20 -42.71 29.32
CA GLU H 97 8.06 -42.75 28.15
C GLU H 97 7.79 -41.53 27.29
N VAL H 98 8.84 -41.10 26.61
CA VAL H 98 8.81 -39.96 25.69
C VAL H 98 8.14 -40.40 24.40
N PRO H 99 7.32 -39.56 23.76
CA PRO H 99 6.92 -38.23 24.25
C PRO H 99 5.85 -38.33 25.34
N LEU H 100 5.85 -37.41 26.30
CA LEU H 100 4.76 -37.36 27.26
C LEU H 100 3.46 -37.09 26.51
N THR H 101 2.40 -37.79 26.90
CA THR H 101 1.14 -37.73 26.17
C THR H 101 0.00 -37.57 27.16
N PHE H 102 -1.05 -36.91 26.71
CA PHE H 102 -2.23 -36.66 27.55
C PHE H 102 -3.42 -37.43 27.00
N GLY H 103 -4.28 -37.89 27.90
CA GLY H 103 -5.62 -38.28 27.48
C GLY H 103 -6.34 -37.13 26.79
N ALA H 104 -7.40 -37.46 26.05
CA ALA H 104 -8.16 -36.42 25.34
C ALA H 104 -9.02 -35.58 26.27
N GLY H 105 -9.20 -36.01 27.51
CA GLY H 105 -9.90 -35.16 28.44
C GLY H 105 -11.33 -35.64 28.68
N THR H 106 -11.83 -35.33 29.87
CA THR H 106 -13.21 -35.63 30.24
C THR H 106 -13.79 -34.41 30.93
N LYS H 107 -14.95 -33.98 30.47
CA LYS H 107 -15.61 -32.81 31.03
C LYS H 107 -16.59 -33.26 32.11
N LEU H 108 -16.40 -32.75 33.32
CA LEU H 108 -17.30 -33.03 34.43
C LEU H 108 -18.16 -31.80 34.63
N GLU H 109 -19.49 -31.98 34.63
CA GLU H 109 -20.42 -30.89 34.88
C GLU H 109 -21.32 -31.26 36.06
N ILE H 110 -21.91 -30.24 36.70
CA ILE H 110 -22.80 -30.47 37.82
C ILE H 110 -24.19 -30.77 37.28
N LYS H 111 -24.76 -31.89 37.71
CA LYS H 111 -26.14 -32.18 37.37
C LYS H 111 -27.07 -31.38 38.28
N ARG H 112 -27.98 -30.61 37.68
CA ARG H 112 -29.04 -29.92 38.44
C ARG H 112 -30.39 -30.37 37.90
N THR H 113 -31.47 -29.86 38.49
CA THR H 113 -32.79 -30.10 37.91
C THR H 113 -32.86 -29.51 36.51
N ASP H 114 -33.77 -30.08 35.70
CA ASP H 114 -34.02 -29.57 34.37
C ASP H 114 -34.47 -28.12 34.41
N ALA H 115 -34.14 -27.38 33.36
CA ALA H 115 -34.55 -25.98 33.23
C ALA H 115 -34.76 -25.69 31.76
N ALA H 116 -35.98 -25.34 31.40
CA ALA H 116 -36.29 -25.01 30.03
C ALA H 116 -35.62 -23.69 29.65
N PRO H 117 -35.18 -23.55 28.41
CA PRO H 117 -34.51 -22.31 27.98
C PRO H 117 -35.47 -21.13 27.99
N THR H 118 -34.98 -19.96 28.39
CA THR H 118 -35.70 -18.69 28.24
C THR H 118 -35.31 -18.08 26.90
N VAL H 119 -36.24 -18.06 25.93
CA VAL H 119 -35.93 -17.70 24.55
C VAL H 119 -36.37 -16.27 24.26
N SER H 120 -35.44 -15.46 23.75
CA SER H 120 -35.76 -14.15 23.23
C SER H 120 -35.28 -14.07 21.79
N ILE H 121 -36.01 -13.31 20.99
CA ILE H 121 -35.67 -13.14 19.58
C ILE H 121 -35.62 -11.65 19.28
N PHE H 122 -34.71 -11.25 18.38
CA PHE H 122 -34.54 -9.84 18.09
C PHE H 122 -34.41 -9.68 16.59
N PRO H 123 -35.11 -8.73 15.99
CA PRO H 123 -34.94 -8.45 14.58
C PRO H 123 -33.69 -7.63 14.38
N PRO H 124 -33.17 -7.53 13.17
CA PRO H 124 -32.01 -6.65 12.95
C PRO H 124 -32.32 -5.23 13.39
N SER H 125 -31.33 -4.58 13.98
CA SER H 125 -31.40 -3.16 14.26
C SER H 125 -31.45 -2.38 12.96
N SER H 126 -32.11 -1.21 13.01
CA SER H 126 -32.14 -0.33 11.85
C SER H 126 -30.74 0.05 11.40
N GLU H 127 -29.82 0.29 12.35
CA GLU H 127 -28.47 0.70 11.96
C GLU H 127 -27.80 -0.35 11.09
N GLN H 128 -27.98 -1.63 11.43
CA GLN H 128 -27.32 -2.69 10.65
C GLN H 128 -27.89 -2.77 9.24
N LEU H 129 -29.19 -2.50 9.06
CA LEU H 129 -29.79 -2.56 7.73
C LEU H 129 -29.16 -1.54 6.78
N THR H 130 -28.67 -0.41 7.33
CA THR H 130 -28.00 0.59 6.50
C THR H 130 -26.73 0.04 5.86
N SER H 131 -26.14 -1.01 6.42
CA SER H 131 -24.99 -1.68 5.84
C SER H 131 -25.36 -2.72 4.79
N GLY H 132 -26.65 -3.01 4.58
CA GLY H 132 -27.07 -4.04 3.66
C GLY H 132 -27.20 -5.43 4.26
N GLY H 133 -26.74 -5.61 5.50
CA GLY H 133 -26.83 -6.91 6.15
C GLY H 133 -27.93 -6.94 7.19
N ALA H 134 -28.39 -8.14 7.53
CA ALA H 134 -29.45 -8.28 8.53
C ALA H 134 -29.18 -9.54 9.34
N SER H 135 -29.02 -9.38 10.63
CA SER H 135 -28.83 -10.48 11.55
C SER H 135 -30.05 -10.59 12.44
N VAL H 136 -30.63 -11.77 12.50
CA VAL H 136 -31.69 -12.08 13.45
C VAL H 136 -31.08 -12.90 14.58
N VAL H 137 -31.28 -12.47 15.82
CA VAL H 137 -30.59 -13.02 16.96
C VAL H 137 -31.61 -13.71 17.86
N CYS H 138 -31.25 -14.91 18.30
CA CYS H 138 -32.04 -15.70 19.22
C CYS H 138 -31.18 -16.04 20.41
N PHE H 139 -31.58 -15.61 21.60
CA PHE H 139 -30.91 -16.03 22.84
C PHE H 139 -31.72 -17.12 23.49
N LEU H 140 -31.08 -18.23 23.84
CA LEU H 140 -31.70 -19.32 24.60
C LEU H 140 -30.89 -19.44 25.89
N ASN H 141 -31.42 -18.89 26.99
CA ASN H 141 -30.61 -18.65 28.19
C ASN H 141 -31.03 -19.54 29.36
N ASN H 142 -30.03 -20.00 30.11
CA ASN H 142 -30.22 -20.65 31.40
C ASN H 142 -31.02 -21.96 31.27
N PHE H 143 -30.50 -22.90 30.49
CA PHE H 143 -31.19 -24.18 30.36
C PHE H 143 -30.31 -25.29 30.91
N TYR H 144 -30.96 -26.43 31.14
CA TYR H 144 -30.28 -27.65 31.58
C TYR H 144 -31.20 -28.81 31.25
N PRO H 145 -30.69 -29.93 30.69
CA PRO H 145 -29.30 -30.24 30.32
C PRO H 145 -28.79 -29.45 29.11
N LYS H 146 -27.53 -29.70 28.70
CA LYS H 146 -26.89 -28.85 27.69
C LYS H 146 -27.37 -29.14 26.28
N ASP H 147 -27.83 -30.36 26.01
CA ASP H 147 -28.24 -30.74 24.65
C ASP H 147 -29.43 -29.90 24.21
N ILE H 148 -29.27 -29.22 23.07
CA ILE H 148 -30.32 -28.35 22.54
C ILE H 148 -30.07 -28.22 21.05
N ASN H 149 -31.14 -28.04 20.30
CA ASN H 149 -31.11 -27.89 18.85
C ASN H 149 -31.95 -26.69 18.46
N VAL H 150 -31.45 -25.88 17.54
CA VAL H 150 -32.11 -24.63 17.14
C VAL H 150 -32.38 -24.66 15.65
N LYS H 151 -33.63 -24.45 15.30
CA LYS H 151 -34.06 -24.30 13.92
C LYS H 151 -34.60 -22.89 13.72
N TRP H 152 -34.24 -22.30 12.58
CA TRP H 152 -34.77 -21.03 12.11
C TRP H 152 -35.82 -21.27 11.03
N LYS H 153 -36.84 -20.40 11.00
CA LYS H 153 -37.85 -20.48 9.97
C LYS H 153 -38.21 -19.08 9.52
N ILE H 154 -38.39 -18.93 8.21
CA ILE H 154 -38.73 -17.67 7.57
C ILE H 154 -40.03 -17.91 6.84
N ASP H 155 -41.10 -17.27 7.29
CA ASP H 155 -42.45 -17.50 6.75
C ASP H 155 -42.79 -19.00 6.78
N GLY H 156 -42.50 -19.63 7.94
CA GLY H 156 -42.77 -21.03 8.17
C GLY H 156 -41.80 -22.01 7.53
N SER H 157 -40.95 -21.59 6.60
CA SER H 157 -40.06 -22.49 5.90
C SER H 157 -38.66 -22.46 6.53
N GLU H 158 -38.06 -23.63 6.71
CA GLU H 158 -36.82 -23.70 7.45
C GLU H 158 -35.65 -23.12 6.67
N ARG H 159 -34.78 -22.39 7.38
CA ARG H 159 -33.56 -21.82 6.85
C ARG H 159 -32.39 -22.36 7.65
N GLN H 160 -31.44 -23.01 6.98
CA GLN H 160 -30.25 -23.56 7.64
C GLN H 160 -28.96 -22.82 7.31
N ASN H 161 -28.84 -22.20 6.14
CA ASN H 161 -27.63 -21.47 5.82
C ASN H 161 -27.61 -20.11 6.50
N GLY H 162 -26.40 -19.66 6.82
CA GLY H 162 -26.19 -18.36 7.44
C GLY H 162 -26.53 -18.31 8.92
N VAL H 163 -26.49 -19.45 9.60
CA VAL H 163 -26.79 -19.52 11.03
C VAL H 163 -25.52 -19.84 11.77
N LEU H 164 -25.15 -19.00 12.74
CA LEU H 164 -23.98 -19.23 13.59
C LEU H 164 -24.39 -19.29 15.05
N ASN H 165 -24.01 -20.37 15.71
CA ASN H 165 -24.38 -20.62 17.09
C ASN H 165 -23.16 -20.53 18.00
N SER H 166 -23.41 -20.12 19.24
CA SER H 166 -22.34 -19.97 20.23
C SER H 166 -22.94 -20.28 21.59
N TRP H 167 -22.16 -20.95 22.43
CA TRP H 167 -22.64 -21.45 23.73
C TRP H 167 -21.71 -20.99 24.81
N THR H 168 -22.23 -20.91 26.03
CA THR H 168 -21.41 -20.70 27.22
C THR H 168 -21.14 -22.02 27.90
N ASP H 169 -20.06 -22.07 28.69
CA ASP H 169 -19.88 -23.22 29.57
C ASP H 169 -20.92 -23.16 30.69
N GLN H 170 -20.93 -24.20 31.52
CA GLN H 170 -21.91 -24.26 32.61
C GLN H 170 -21.68 -23.13 33.61
N ASP H 171 -22.72 -22.34 33.86
CA ASP H 171 -22.62 -21.21 34.77
C ASP H 171 -22.23 -21.67 36.17
N SER H 172 -21.22 -21.01 36.75
CA SER H 172 -20.73 -21.42 38.06
C SER H 172 -21.73 -21.17 39.17
N LYS H 173 -22.76 -20.35 38.92
CA LYS H 173 -23.69 -19.95 39.97
C LYS H 173 -24.97 -20.78 39.97
N ASP H 174 -25.67 -20.89 38.84
CA ASP H 174 -26.90 -21.67 38.77
C ASP H 174 -26.79 -22.96 37.94
N SER H 175 -25.60 -23.27 37.42
CA SER H 175 -25.28 -24.52 36.72
C SER H 175 -25.98 -24.67 35.38
N THR H 176 -26.47 -23.59 34.79
CA THR H 176 -27.19 -23.69 33.53
C THR H 176 -26.25 -23.35 32.38
N TYR H 177 -26.76 -23.56 31.17
CA TYR H 177 -26.11 -23.23 29.92
C TYR H 177 -26.90 -22.15 29.20
N SER H 178 -26.22 -21.37 28.37
CA SER H 178 -26.90 -20.45 27.48
C SER H 178 -26.37 -20.60 26.07
N MET H 179 -27.19 -20.18 25.11
CA MET H 179 -26.85 -20.30 23.70
C MET H 179 -27.29 -19.06 22.96
N SER H 180 -26.44 -18.59 22.05
CA SER H 180 -26.80 -17.54 21.10
C SER H 180 -26.85 -18.12 19.70
N SER H 181 -27.92 -17.82 18.97
CA SER H 181 -28.10 -18.28 17.60
C SER H 181 -28.41 -17.06 16.74
N THR H 182 -27.62 -16.87 15.69
CA THR H 182 -27.69 -15.68 14.83
C THR H 182 -27.88 -16.12 13.38
N LEU H 183 -28.96 -15.64 12.77
CA LEU H 183 -29.26 -15.87 11.36
C LEU H 183 -28.94 -14.59 10.60
N THR H 184 -28.05 -14.69 9.61
CA THR H 184 -27.63 -13.53 8.85
C THR H 184 -28.15 -13.64 7.42
N LEU H 185 -28.84 -12.59 6.96
CA LEU H 185 -29.37 -12.46 5.60
C LEU H 185 -28.96 -11.13 5.02
N THR H 186 -29.23 -10.96 3.74
CA THR H 186 -29.17 -9.64 3.14
C THR H 186 -30.34 -8.79 3.61
N LYS H 187 -30.15 -7.46 3.58
CA LYS H 187 -31.21 -6.52 3.91
C LYS H 187 -32.40 -6.66 2.97
N ASP H 188 -32.18 -7.01 1.71
CA ASP H 188 -33.33 -7.07 0.83
C ASP H 188 -34.12 -8.38 1.00
N GLU H 189 -33.45 -9.52 1.21
CA GLU H 189 -34.20 -10.73 1.54
C GLU H 189 -34.97 -10.55 2.84
N TYR H 190 -34.33 -9.95 3.84
CA TYR H 190 -34.98 -9.75 5.13
C TYR H 190 -36.28 -8.96 4.99
N GLU H 191 -36.28 -7.90 4.17
CA GLU H 191 -37.48 -7.09 4.03
C GLU H 191 -38.53 -7.69 3.10
N ARG H 192 -38.21 -8.75 2.36
CA ARG H 192 -39.20 -9.46 1.56
C ARG H 192 -40.13 -10.32 2.40
N HIS H 193 -39.73 -10.66 3.62
CA HIS H 193 -40.45 -11.66 4.41
C HIS H 193 -40.92 -11.05 5.71
N ASN H 194 -41.96 -11.67 6.29
CA ASN H 194 -42.64 -11.09 7.43
C ASN H 194 -42.37 -11.82 8.74
N SER H 195 -42.45 -13.15 8.72
CA SER H 195 -42.45 -13.97 9.93
C SER H 195 -41.09 -14.64 10.12
N TYR H 196 -40.43 -14.37 11.25
CA TYR H 196 -39.18 -15.04 11.60
C TYR H 196 -39.33 -15.78 12.91
N THR H 197 -38.84 -17.00 12.94
CA THR H 197 -39.10 -17.93 14.03
C THR H 197 -37.82 -18.61 14.48
N CYS H 198 -37.60 -18.56 15.77
CA CYS H 198 -36.51 -19.27 16.42
C CYS H 198 -37.11 -20.47 17.15
N GLU H 199 -36.60 -21.67 16.87
CA GLU H 199 -37.26 -22.89 17.31
C GLU H 199 -36.26 -23.79 18.00
N ALA H 200 -36.52 -24.11 19.26
CA ALA H 200 -35.60 -24.88 20.08
C ALA H 200 -36.21 -26.22 20.47
N THR H 201 -35.49 -27.30 20.25
CA THR H 201 -35.85 -28.61 20.76
C THR H 201 -34.96 -28.90 21.95
N HIS H 202 -35.54 -29.37 23.06
CA HIS H 202 -34.88 -29.52 24.35
C HIS H 202 -35.57 -30.62 25.17
N LYS H 203 -34.80 -31.25 26.06
CA LYS H 203 -35.35 -32.27 26.94
C LYS H 203 -36.64 -31.82 27.64
N THR H 204 -36.83 -30.52 27.90
CA THR H 204 -37.95 -30.05 28.73
C THR H 204 -39.32 -30.13 28.04
N SER H 205 -39.36 -30.47 26.75
CA SER H 205 -40.60 -30.51 25.99
C SER H 205 -40.48 -31.55 24.87
N THR H 206 -41.59 -32.21 24.57
CA THR H 206 -41.68 -32.99 23.33
C THR H 206 -41.93 -32.08 22.14
N SER H 207 -42.62 -30.91 22.37
CA SER H 207 -42.88 -29.92 21.34
C SER H 207 -41.74 -28.90 21.32
N PRO H 208 -41.43 -28.38 20.14
CA PRO H 208 -40.44 -27.30 20.07
C PRO H 208 -40.90 -26.06 20.82
N ILE H 209 -39.97 -25.47 21.56
CA ILE H 209 -40.17 -24.15 22.16
C ILE H 209 -40.01 -23.10 21.07
N VAL H 210 -41.04 -22.30 20.84
CA VAL H 210 -41.12 -21.43 19.67
C VAL H 210 -41.11 -19.98 20.13
N LYS H 211 -40.27 -19.16 19.50
CA LYS H 211 -40.38 -17.71 19.63
C LYS H 211 -40.31 -17.11 18.24
N SER H 212 -41.15 -16.11 18.00
CA SER H 212 -41.25 -15.55 16.68
C SER H 212 -41.58 -14.08 16.81
N PHE H 213 -41.31 -13.34 15.74
CA PHE H 213 -41.81 -12.00 15.55
C PHE H 213 -42.23 -11.84 14.10
N ASN H 214 -43.22 -10.99 13.88
CA ASN H 214 -43.59 -10.54 12.55
C ASN H 214 -43.09 -9.12 12.35
N ARG H 215 -42.40 -8.88 11.23
CA ARG H 215 -41.84 -7.57 10.93
C ARG H 215 -42.90 -6.47 10.91
N ASN H 216 -44.18 -6.82 10.86
CA ASN H 216 -45.29 -5.88 11.03
C ASN H 216 -45.15 -4.97 12.25
#